data_6KEC
# 
_entry.id   6KEC 
# 
_audit_conform.dict_name       mmcif_pdbx.dic 
_audit_conform.dict_version    5.380 
_audit_conform.dict_location   http://mmcif.pdb.org/dictionaries/ascii/mmcif_pdbx.dic 
# 
loop_
_database_2.database_id 
_database_2.database_code 
_database_2.pdbx_database_accession 
_database_2.pdbx_DOI 
PDB   6KEC         pdb_00006kec 10.2210/pdb6kec/pdb 
WWPDB D_1300012788 ?            ?                   
# 
_pdbx_database_status.status_code                     REL 
_pdbx_database_status.status_code_sf                  REL 
_pdbx_database_status.status_code_mr                  ? 
_pdbx_database_status.entry_id                        6KEC 
_pdbx_database_status.recvd_initial_deposition_date   2019-07-04 
_pdbx_database_status.SG_entry                        N 
_pdbx_database_status.deposit_site                    PDBJ 
_pdbx_database_status.process_site                    PDBJ 
_pdbx_database_status.status_code_cs                  ? 
_pdbx_database_status.methods_development_category    ? 
_pdbx_database_status.pdb_format_compatible           Y 
_pdbx_database_status.status_code_nmr_data            ? 
# 
loop_
_audit_author.name 
_audit_author.pdbx_ordinal 
_audit_author.identifier_ORCID 
'Lee, B.I.'  1 0000-0003-1270-8439 
'Park, T.H.' 2 0000-0001-8059-8273 
# 
_citation.abstract                  ? 
_citation.abstract_id_CAS           ? 
_citation.book_id_ISBN              ? 
_citation.book_publisher            ? 
_citation.book_publisher_city       ? 
_citation.book_title                ? 
_citation.coordinate_linkage        ? 
_citation.country                   CH 
_citation.database_id_Medline       ? 
_citation.details                   ? 
_citation.id                        primary 
_citation.journal_abbrev            Molecules 
_citation.journal_id_ASTM           ? 
_citation.journal_id_CSD            ? 
_citation.journal_id_ISSN           1420-3049 
_citation.journal_full              ? 
_citation.journal_issue             ? 
_citation.journal_volume            26 
_citation.language                  ? 
_citation.page_first                ? 
_citation.page_last                 ? 
_citation.title                     
;Synthesis and Structure-Activity Relationships of Aristoyagonine Derivatives as Brd4 Bromodomain Inhibitors with X-ray Co-Crystal Research.
;
_citation.year                      2021 
_citation.database_id_CSD           ? 
_citation.pdbx_database_id_DOI      10.3390/molecules26061686 
_citation.pdbx_database_id_PubMed   33802888 
_citation.unpublished_flag          ? 
# 
loop_
_citation_author.citation_id 
_citation_author.name 
_citation_author.ordinal 
_citation_author.identifier_ORCID 
primary 'Yoo, M.'    1  ? 
primary 'Park, T.H.' 2  ? 
primary 'Yoo, M.'    3  ? 
primary 'Kim, Y.'    4  ? 
primary 'Lee, J.Y.'  5  ? 
primary 'Lee, K.M.'  6  ? 
primary 'Ryu, S.E.'  7  ? 
primary 'Lee, B.I.'  8  ? 
primary 'Jung, K.Y.' 9  ? 
primary 'Park, C.H.' 10 ? 
# 
_cell.angle_alpha                  90.000 
_cell.angle_alpha_esd              ? 
_cell.angle_beta                   90.000 
_cell.angle_beta_esd               ? 
_cell.angle_gamma                  90.000 
_cell.angle_gamma_esd              ? 
_cell.entry_id                     6KEC 
_cell.details                      ? 
_cell.formula_units_Z              ? 
_cell.length_a                     32.303 
_cell.length_a_esd                 ? 
_cell.length_b                     47.529 
_cell.length_b_esd                 ? 
_cell.length_c                     79.088 
_cell.length_c_esd                 ? 
_cell.volume                       ? 
_cell.volume_esd                   ? 
_cell.Z_PDB                        4 
_cell.reciprocal_angle_alpha       ? 
_cell.reciprocal_angle_beta        ? 
_cell.reciprocal_angle_gamma       ? 
_cell.reciprocal_angle_alpha_esd   ? 
_cell.reciprocal_angle_beta_esd    ? 
_cell.reciprocal_angle_gamma_esd   ? 
_cell.reciprocal_length_a          ? 
_cell.reciprocal_length_b          ? 
_cell.reciprocal_length_c          ? 
_cell.reciprocal_length_a_esd      ? 
_cell.reciprocal_length_b_esd      ? 
_cell.reciprocal_length_c_esd      ? 
_cell.pdbx_unique_axis             ? 
# 
_symmetry.entry_id                         6KEC 
_symmetry.cell_setting                     ? 
_symmetry.Int_Tables_number                19 
_symmetry.space_group_name_Hall            ? 
_symmetry.space_group_name_H-M             'P 21 21 21' 
_symmetry.pdbx_full_space_group_name_H-M   ? 
# 
loop_
_entity.id 
_entity.type 
_entity.src_method 
_entity.pdbx_description 
_entity.formula_weight 
_entity.pdbx_number_of_molecules 
_entity.pdbx_ec 
_entity.pdbx_mutation 
_entity.pdbx_fragment 
_entity.details 
1 polymer     man 'Bromodomain-containing protein 4' 15025.235 1   ? ? ? 'SF file contains Friedel pairs.' 
2 non-polymer syn 
'4-ethoxy-5,16-dimethoxy-11-methyl-2-oxa-11-azatetracyclo[8.6.1.03,8.013,17]heptadeca-1(17),3,5,7,9,13,15-heptaen-12-one' 353.369 
1   ? ? ? ?                                 
3 non-polymer syn 'FORMIC ACID' 46.025    4   ? ? ? ?                                 
4 water       nat water 18.015    111 ? ? ? ?                                 
# 
_entity_name_com.entity_id   1 
_entity_name_com.name        'Protein HUNK1' 
# 
_entity_poly.entity_id                      1 
_entity_poly.type                           'polypeptide(L)' 
_entity_poly.nstd_linkage                   no 
_entity_poly.nstd_monomer                   no 
_entity_poly.pdbx_seq_one_letter_code       
;GSNPPPPETSNPNKPKRQTNQLQYLLRVVLKTLWKHQFAWPFQQPVDAVKLNLPDYYKIIKTPMDMGTIKKRLENNYYWN
AQECIQDFNTMFTNCYIYNKPGDDIVLMAEALEKLFLQKINELPTEE
;
_entity_poly.pdbx_seq_one_letter_code_can   
;GSNPPPPETSNPNKPKRQTNQLQYLLRVVLKTLWKHQFAWPFQQPVDAVKLNLPDYYKIIKTPMDMGTIKKRLENNYYWN
AQECIQDFNTMFTNCYIYNKPGDDIVLMAEALEKLFLQKINELPTEE
;
_entity_poly.pdbx_strand_id                 A 
_entity_poly.pdbx_target_identifier         ? 
# 
loop_
_entity_poly_seq.entity_id 
_entity_poly_seq.num 
_entity_poly_seq.mon_id 
_entity_poly_seq.hetero 
1 1   GLY n 
1 2   SER n 
1 3   ASN n 
1 4   PRO n 
1 5   PRO n 
1 6   PRO n 
1 7   PRO n 
1 8   GLU n 
1 9   THR n 
1 10  SER n 
1 11  ASN n 
1 12  PRO n 
1 13  ASN n 
1 14  LYS n 
1 15  PRO n 
1 16  LYS n 
1 17  ARG n 
1 18  GLN n 
1 19  THR n 
1 20  ASN n 
1 21  GLN n 
1 22  LEU n 
1 23  GLN n 
1 24  TYR n 
1 25  LEU n 
1 26  LEU n 
1 27  ARG n 
1 28  VAL n 
1 29  VAL n 
1 30  LEU n 
1 31  LYS n 
1 32  THR n 
1 33  LEU n 
1 34  TRP n 
1 35  LYS n 
1 36  HIS n 
1 37  GLN n 
1 38  PHE n 
1 39  ALA n 
1 40  TRP n 
1 41  PRO n 
1 42  PHE n 
1 43  GLN n 
1 44  GLN n 
1 45  PRO n 
1 46  VAL n 
1 47  ASP n 
1 48  ALA n 
1 49  VAL n 
1 50  LYS n 
1 51  LEU n 
1 52  ASN n 
1 53  LEU n 
1 54  PRO n 
1 55  ASP n 
1 56  TYR n 
1 57  TYR n 
1 58  LYS n 
1 59  ILE n 
1 60  ILE n 
1 61  LYS n 
1 62  THR n 
1 63  PRO n 
1 64  MET n 
1 65  ASP n 
1 66  MET n 
1 67  GLY n 
1 68  THR n 
1 69  ILE n 
1 70  LYS n 
1 71  LYS n 
1 72  ARG n 
1 73  LEU n 
1 74  GLU n 
1 75  ASN n 
1 76  ASN n 
1 77  TYR n 
1 78  TYR n 
1 79  TRP n 
1 80  ASN n 
1 81  ALA n 
1 82  GLN n 
1 83  GLU n 
1 84  CYS n 
1 85  ILE n 
1 86  GLN n 
1 87  ASP n 
1 88  PHE n 
1 89  ASN n 
1 90  THR n 
1 91  MET n 
1 92  PHE n 
1 93  THR n 
1 94  ASN n 
1 95  CYS n 
1 96  TYR n 
1 97  ILE n 
1 98  TYR n 
1 99  ASN n 
1 100 LYS n 
1 101 PRO n 
1 102 GLY n 
1 103 ASP n 
1 104 ASP n 
1 105 ILE n 
1 106 VAL n 
1 107 LEU n 
1 108 MET n 
1 109 ALA n 
1 110 GLU n 
1 111 ALA n 
1 112 LEU n 
1 113 GLU n 
1 114 LYS n 
1 115 LEU n 
1 116 PHE n 
1 117 LEU n 
1 118 GLN n 
1 119 LYS n 
1 120 ILE n 
1 121 ASN n 
1 122 GLU n 
1 123 LEU n 
1 124 PRO n 
1 125 THR n 
1 126 GLU n 
1 127 GLU n 
# 
_entity_src_gen.entity_id                          1 
_entity_src_gen.pdbx_src_id                        1 
_entity_src_gen.pdbx_alt_source_flag               sample 
_entity_src_gen.pdbx_seq_type                      'Biological sequence' 
_entity_src_gen.pdbx_beg_seq_num                   1 
_entity_src_gen.pdbx_end_seq_num                   127 
_entity_src_gen.gene_src_common_name               Human 
_entity_src_gen.gene_src_genus                     ? 
_entity_src_gen.pdbx_gene_src_gene                 'BRD4, HUNK1' 
_entity_src_gen.gene_src_species                   ? 
_entity_src_gen.gene_src_strain                    ? 
_entity_src_gen.gene_src_tissue                    ? 
_entity_src_gen.gene_src_tissue_fraction           ? 
_entity_src_gen.gene_src_details                   ? 
_entity_src_gen.pdbx_gene_src_fragment             ? 
_entity_src_gen.pdbx_gene_src_scientific_name      'Homo sapiens' 
_entity_src_gen.pdbx_gene_src_ncbi_taxonomy_id     9606 
_entity_src_gen.pdbx_gene_src_variant              ? 
_entity_src_gen.pdbx_gene_src_cell_line            ? 
_entity_src_gen.pdbx_gene_src_atcc                 ? 
_entity_src_gen.pdbx_gene_src_organ                ? 
_entity_src_gen.pdbx_gene_src_organelle            ? 
_entity_src_gen.pdbx_gene_src_cell                 ? 
_entity_src_gen.pdbx_gene_src_cellular_location    ? 
_entity_src_gen.host_org_common_name               ? 
_entity_src_gen.pdbx_host_org_scientific_name      'Escherichia coli BL21(DE3)' 
_entity_src_gen.pdbx_host_org_ncbi_taxonomy_id     469008 
_entity_src_gen.host_org_genus                     ? 
_entity_src_gen.pdbx_host_org_gene                 ? 
_entity_src_gen.pdbx_host_org_organ                ? 
_entity_src_gen.host_org_species                   ? 
_entity_src_gen.pdbx_host_org_tissue               ? 
_entity_src_gen.pdbx_host_org_tissue_fraction      ? 
_entity_src_gen.pdbx_host_org_strain               ? 
_entity_src_gen.pdbx_host_org_variant              ? 
_entity_src_gen.pdbx_host_org_cell_line            ? 
_entity_src_gen.pdbx_host_org_atcc                 ? 
_entity_src_gen.pdbx_host_org_culture_collection   ? 
_entity_src_gen.pdbx_host_org_cell                 ? 
_entity_src_gen.pdbx_host_org_organelle            ? 
_entity_src_gen.pdbx_host_org_cellular_location    ? 
_entity_src_gen.pdbx_host_org_vector_type          ? 
_entity_src_gen.pdbx_host_org_vector               ? 
_entity_src_gen.host_org_details                   ? 
_entity_src_gen.expression_system_id               ? 
_entity_src_gen.plasmid_name                       'Modified pET28b(+)' 
_entity_src_gen.plasmid_details                    ? 
_entity_src_gen.pdbx_description                   ? 
# 
_struct_ref.id                         1 
_struct_ref.db_name                    UNP 
_struct_ref.db_code                    BRD4_HUMAN 
_struct_ref.pdbx_db_accession          O60885 
_struct_ref.pdbx_db_isoform            ? 
_struct_ref.entity_id                  1 
_struct_ref.pdbx_seq_one_letter_code   
;NPPPPETSNPNKPKRQTNQLQYLLRVVLKTLWKHQFAWPFQQPVDAVKLNLPDYYKIIKTPMDMGTIKKRLENNYYWNAQ
ECIQDFNTMFTNCYIYNKPGDDIVLMAEALEKLFLQKINELPTEE
;
_struct_ref.pdbx_align_begin           44 
# 
_struct_ref_seq.align_id                      1 
_struct_ref_seq.ref_id                        1 
_struct_ref_seq.pdbx_PDB_id_code              6KEC 
_struct_ref_seq.pdbx_strand_id                A 
_struct_ref_seq.seq_align_beg                 3 
_struct_ref_seq.pdbx_seq_align_beg_ins_code   ? 
_struct_ref_seq.seq_align_end                 127 
_struct_ref_seq.pdbx_seq_align_end_ins_code   ? 
_struct_ref_seq.pdbx_db_accession             O60885 
_struct_ref_seq.db_align_beg                  44 
_struct_ref_seq.pdbx_db_align_beg_ins_code    ? 
_struct_ref_seq.db_align_end                  168 
_struct_ref_seq.pdbx_db_align_end_ins_code    ? 
_struct_ref_seq.pdbx_auth_seq_align_beg       44 
_struct_ref_seq.pdbx_auth_seq_align_end       168 
# 
loop_
_struct_ref_seq_dif.align_id 
_struct_ref_seq_dif.pdbx_pdb_id_code 
_struct_ref_seq_dif.mon_id 
_struct_ref_seq_dif.pdbx_pdb_strand_id 
_struct_ref_seq_dif.seq_num 
_struct_ref_seq_dif.pdbx_pdb_ins_code 
_struct_ref_seq_dif.pdbx_seq_db_name 
_struct_ref_seq_dif.pdbx_seq_db_accession_code 
_struct_ref_seq_dif.db_mon_id 
_struct_ref_seq_dif.pdbx_seq_db_seq_num 
_struct_ref_seq_dif.details 
_struct_ref_seq_dif.pdbx_auth_seq_num 
_struct_ref_seq_dif.pdbx_ordinal 
1 6KEC GLY A 1 ? UNP O60885 ? ? 'expression tag' 42 1 
1 6KEC SER A 2 ? UNP O60885 ? ? 'expression tag' 43 2 
# 
loop_
_chem_comp.id 
_chem_comp.type 
_chem_comp.mon_nstd_flag 
_chem_comp.name 
_chem_comp.pdbx_synonyms 
_chem_comp.formula 
_chem_comp.formula_weight 
ALA 'L-peptide linking' y ALANINE ? 'C3 H7 N O2'     89.093  
ARG 'L-peptide linking' y ARGININE ? 'C6 H15 N4 O2 1' 175.209 
ASN 'L-peptide linking' y ASPARAGINE ? 'C4 H8 N2 O3'    132.118 
ASP 'L-peptide linking' y 'ASPARTIC ACID' ? 'C4 H7 N O4'     133.103 
CYS 'L-peptide linking' y CYSTEINE ? 'C3 H7 N O2 S'   121.158 
D9C non-polymer         . 
'4-ethoxy-5,16-dimethoxy-11-methyl-2-oxa-11-azatetracyclo[8.6.1.03,8.013,17]heptadeca-1(17),3,5,7,9,13,15-heptaen-12-one' ? 
'C20 H19 N O5'   353.369 
FMT non-polymer         . 'FORMIC ACID' ? 'C H2 O2'        46.025  
GLN 'L-peptide linking' y GLUTAMINE ? 'C5 H10 N2 O3'   146.144 
GLU 'L-peptide linking' y 'GLUTAMIC ACID' ? 'C5 H9 N O4'     147.129 
GLY 'peptide linking'   y GLYCINE ? 'C2 H5 N O2'     75.067  
HIS 'L-peptide linking' y HISTIDINE ? 'C6 H10 N3 O2 1' 156.162 
HOH non-polymer         . WATER ? 'H2 O'           18.015  
ILE 'L-peptide linking' y ISOLEUCINE ? 'C6 H13 N O2'    131.173 
LEU 'L-peptide linking' y LEUCINE ? 'C6 H13 N O2'    131.173 
LYS 'L-peptide linking' y LYSINE ? 'C6 H15 N2 O2 1' 147.195 
MET 'L-peptide linking' y METHIONINE ? 'C5 H11 N O2 S'  149.211 
PHE 'L-peptide linking' y PHENYLALANINE ? 'C9 H11 N O2'    165.189 
PRO 'L-peptide linking' y PROLINE ? 'C5 H9 N O2'     115.130 
SER 'L-peptide linking' y SERINE ? 'C3 H7 N O3'     105.093 
THR 'L-peptide linking' y THREONINE ? 'C4 H9 N O3'     119.119 
TRP 'L-peptide linking' y TRYPTOPHAN ? 'C11 H12 N2 O2'  204.225 
TYR 'L-peptide linking' y TYROSINE ? 'C9 H11 N O3'    181.189 
VAL 'L-peptide linking' y VALINE ? 'C5 H11 N O2'    117.146 
# 
_exptl.absorpt_coefficient_mu     ? 
_exptl.absorpt_correction_T_max   ? 
_exptl.absorpt_correction_T_min   ? 
_exptl.absorpt_correction_type    ? 
_exptl.absorpt_process_details    ? 
_exptl.entry_id                   6KEC 
_exptl.crystals_number            1 
_exptl.details                    ? 
_exptl.method                     'X-RAY DIFFRACTION' 
_exptl.method_details             ? 
# 
_exptl_crystal.colour                      ? 
_exptl_crystal.density_diffrn              ? 
_exptl_crystal.density_Matthews            2.08 
_exptl_crystal.density_method              ? 
_exptl_crystal.density_percent_sol         40.75 
_exptl_crystal.description                 ? 
_exptl_crystal.F_000                       ? 
_exptl_crystal.id                          1 
_exptl_crystal.preparation                 ? 
_exptl_crystal.size_max                    ? 
_exptl_crystal.size_mid                    ? 
_exptl_crystal.size_min                    ? 
_exptl_crystal.size_rad                    ? 
_exptl_crystal.colour_lustre               ? 
_exptl_crystal.colour_modifier             ? 
_exptl_crystal.colour_primary              ? 
_exptl_crystal.density_meas                ? 
_exptl_crystal.density_meas_esd            ? 
_exptl_crystal.density_meas_gt             ? 
_exptl_crystal.density_meas_lt             ? 
_exptl_crystal.density_meas_temp           ? 
_exptl_crystal.density_meas_temp_esd       ? 
_exptl_crystal.density_meas_temp_gt        ? 
_exptl_crystal.density_meas_temp_lt        ? 
_exptl_crystal.pdbx_crystal_image_url      ? 
_exptl_crystal.pdbx_crystal_image_format   ? 
_exptl_crystal.pdbx_mosaicity              ? 
_exptl_crystal.pdbx_mosaicity_esd          ? 
# 
_exptl_crystal_grow.apparatus       ? 
_exptl_crystal_grow.atmosphere      ? 
_exptl_crystal_grow.crystal_id      1 
_exptl_crystal_grow.details         ? 
_exptl_crystal_grow.method          'VAPOR DIFFUSION, HANGING DROP' 
_exptl_crystal_grow.method_ref      ? 
_exptl_crystal_grow.pH              7.4 
_exptl_crystal_grow.pressure        ? 
_exptl_crystal_grow.pressure_esd    ? 
_exptl_crystal_grow.seeding         ? 
_exptl_crystal_grow.seeding_ref     ? 
_exptl_crystal_grow.temp            287 
_exptl_crystal_grow.temp_details    ? 
_exptl_crystal_grow.temp_esd        ? 
_exptl_crystal_grow.time            ? 
_exptl_crystal_grow.pdbx_details    '6 M sodium formate, 10% glycerol' 
_exptl_crystal_grow.pdbx_pH_range   ? 
# 
_diffrn.ambient_environment              ? 
_diffrn.ambient_temp                     100 
_diffrn.ambient_temp_details             ? 
_diffrn.ambient_temp_esd                 ? 
_diffrn.crystal_id                       1 
_diffrn.crystal_support                  ? 
_diffrn.crystal_treatment                ? 
_diffrn.details                          ? 
_diffrn.id                               1 
_diffrn.ambient_pressure                 ? 
_diffrn.ambient_pressure_esd             ? 
_diffrn.ambient_pressure_gt              ? 
_diffrn.ambient_pressure_lt              ? 
_diffrn.ambient_temp_gt                  ? 
_diffrn.ambient_temp_lt                  ? 
_diffrn.pdbx_serial_crystal_experiment   N 
# 
_diffrn_detector.details                      ? 
_diffrn_detector.detector                     PIXEL 
_diffrn_detector.diffrn_id                    1 
_diffrn_detector.type                         'DECTRIS PILATUS3 S 6M' 
_diffrn_detector.area_resol_mean              ? 
_diffrn_detector.dtime                        ? 
_diffrn_detector.pdbx_frames_total            ? 
_diffrn_detector.pdbx_collection_time_total   ? 
_diffrn_detector.pdbx_collection_date         2018-11-21 
_diffrn_detector.pdbx_frequency               ? 
# 
_diffrn_radiation.collimation                      ? 
_diffrn_radiation.diffrn_id                        1 
_diffrn_radiation.filter_edge                      ? 
_diffrn_radiation.inhomogeneity                    ? 
_diffrn_radiation.monochromator                    ? 
_diffrn_radiation.polarisn_norm                    ? 
_diffrn_radiation.polarisn_ratio                   ? 
_diffrn_radiation.probe                            ? 
_diffrn_radiation.type                             ? 
_diffrn_radiation.xray_symbol                      ? 
_diffrn_radiation.wavelength_id                    1 
_diffrn_radiation.pdbx_monochromatic_or_laue_m_l   M 
_diffrn_radiation.pdbx_wavelength_list             ? 
_diffrn_radiation.pdbx_wavelength                  ? 
_diffrn_radiation.pdbx_diffrn_protocol             'SINGLE WAVELENGTH' 
_diffrn_radiation.pdbx_analyzer                    ? 
_diffrn_radiation.pdbx_scattering_type             x-ray 
# 
_diffrn_radiation_wavelength.id           1 
_diffrn_radiation_wavelength.wavelength   0.97942 
_diffrn_radiation_wavelength.wt           1.0 
# 
_diffrn_source.current                     ? 
_diffrn_source.details                     ? 
_diffrn_source.diffrn_id                   1 
_diffrn_source.power                       ? 
_diffrn_source.size                        ? 
_diffrn_source.source                      SYNCHROTRON 
_diffrn_source.target                      ? 
_diffrn_source.type                        'PAL/PLS BEAMLINE 11C' 
_diffrn_source.voltage                     ? 
_diffrn_source.take-off_angle              ? 
_diffrn_source.pdbx_wavelength_list        0.97942 
_diffrn_source.pdbx_wavelength             ? 
_diffrn_source.pdbx_synchrotron_beamline   11C 
_diffrn_source.pdbx_synchrotron_site       PAL/PLS 
# 
_reflns.B_iso_Wilson_estimate            ? 
_reflns.entry_id                         6KEC 
_reflns.data_reduction_details           ? 
_reflns.data_reduction_method            ? 
_reflns.d_resolution_high                1.35 
_reflns.d_resolution_low                 50 
_reflns.details                          ? 
_reflns.limit_h_max                      ? 
_reflns.limit_h_min                      ? 
_reflns.limit_k_max                      ? 
_reflns.limit_k_min                      ? 
_reflns.limit_l_max                      ? 
_reflns.limit_l_min                      ? 
_reflns.number_all                       ? 
_reflns.number_obs                       27116 
_reflns.observed_criterion               ? 
_reflns.observed_criterion_F_max         ? 
_reflns.observed_criterion_F_min         ? 
_reflns.observed_criterion_I_max         ? 
_reflns.observed_criterion_I_min         ? 
_reflns.observed_criterion_sigma_F       ? 
_reflns.observed_criterion_sigma_I       ? 
_reflns.percent_possible_obs             98.2 
_reflns.R_free_details                   ? 
_reflns.Rmerge_F_all                     ? 
_reflns.Rmerge_F_obs                     ? 
_reflns.Friedel_coverage                 ? 
_reflns.number_gt                        ? 
_reflns.threshold_expression             ? 
_reflns.pdbx_redundancy                  6 
_reflns.pdbx_Rmerge_I_obs                0.050 
_reflns.pdbx_Rmerge_I_all                ? 
_reflns.pdbx_Rsym_value                  ? 
_reflns.pdbx_netI_over_av_sigmaI         ? 
_reflns.pdbx_netI_over_sigmaI            23.6 
_reflns.pdbx_res_netI_over_av_sigmaI_2   ? 
_reflns.pdbx_res_netI_over_sigmaI_2      ? 
_reflns.pdbx_chi_squared                 ? 
_reflns.pdbx_scaling_rejects             ? 
_reflns.pdbx_d_res_high_opt              ? 
_reflns.pdbx_d_res_low_opt               ? 
_reflns.pdbx_d_res_opt_method            ? 
_reflns.phase_calculation_details        ? 
_reflns.pdbx_Rrim_I_all                  ? 
_reflns.pdbx_Rpim_I_all                  0.033 
_reflns.pdbx_d_opt                       ? 
_reflns.pdbx_number_measured_all         ? 
_reflns.pdbx_diffrn_id                   1 
_reflns.pdbx_ordinal                     1 
_reflns.pdbx_CC_half                     0.997 
_reflns.pdbx_R_split                     ? 
# 
_reflns_shell.d_res_high                  1.35 
_reflns_shell.d_res_low                   1.37 
_reflns_shell.meanI_over_sigI_all         ? 
_reflns_shell.meanI_over_sigI_obs         ? 
_reflns_shell.number_measured_all         ? 
_reflns_shell.number_measured_obs         ? 
_reflns_shell.number_possible             ? 
_reflns_shell.number_unique_all           ? 
_reflns_shell.number_unique_obs           1148 
_reflns_shell.percent_possible_all        85.2 
_reflns_shell.percent_possible_obs        ? 
_reflns_shell.Rmerge_F_all                ? 
_reflns_shell.Rmerge_F_obs                ? 
_reflns_shell.Rmerge_I_all                ? 
_reflns_shell.Rmerge_I_obs                0.664 
_reflns_shell.meanI_over_sigI_gt          ? 
_reflns_shell.meanI_over_uI_all           ? 
_reflns_shell.meanI_over_uI_gt            ? 
_reflns_shell.number_measured_gt          ? 
_reflns_shell.number_unique_gt            ? 
_reflns_shell.percent_possible_gt         ? 
_reflns_shell.Rmerge_F_gt                 ? 
_reflns_shell.Rmerge_I_gt                 ? 
_reflns_shell.pdbx_redundancy             ? 
_reflns_shell.pdbx_Rsym_value             ? 
_reflns_shell.pdbx_chi_squared            ? 
_reflns_shell.pdbx_netI_over_sigmaI_all   ? 
_reflns_shell.pdbx_netI_over_sigmaI_obs   ? 
_reflns_shell.pdbx_Rrim_I_all             ? 
_reflns_shell.pdbx_Rpim_I_all             0.256 
_reflns_shell.pdbx_rejects                ? 
_reflns_shell.pdbx_ordinal                1 
_reflns_shell.pdbx_diffrn_id              1 
_reflns_shell.pdbx_CC_half                0.834 
_reflns_shell.pdbx_R_split                ? 
# 
_refine.aniso_B[1][1]                            ? 
_refine.aniso_B[1][2]                            ? 
_refine.aniso_B[1][3]                            ? 
_refine.aniso_B[2][2]                            ? 
_refine.aniso_B[2][3]                            ? 
_refine.aniso_B[3][3]                            ? 
_refine.B_iso_max                                44.610 
_refine.B_iso_mean                               17.2960 
_refine.B_iso_min                                9.560 
_refine.correlation_coeff_Fo_to_Fc               ? 
_refine.correlation_coeff_Fo_to_Fc_free          ? 
_refine.details                                  ? 
_refine.diff_density_max                         ? 
_refine.diff_density_max_esd                     ? 
_refine.diff_density_min                         ? 
_refine.diff_density_min_esd                     ? 
_refine.diff_density_rms                         ? 
_refine.diff_density_rms_esd                     ? 
_refine.entry_id                                 6KEC 
_refine.pdbx_refine_id                           'X-RAY DIFFRACTION' 
_refine.ls_abs_structure_details                 ? 
_refine.ls_abs_structure_Flack                   ? 
_refine.ls_abs_structure_Flack_esd               ? 
_refine.ls_abs_structure_Rogers                  ? 
_refine.ls_abs_structure_Rogers_esd              ? 
_refine.ls_d_res_high                            1.3500 
_refine.ls_d_res_low                             39.54 
_refine.ls_extinction_coef                       ? 
_refine.ls_extinction_coef_esd                   ? 
_refine.ls_extinction_expression                 ? 
_refine.ls_extinction_method                     ? 
_refine.ls_goodness_of_fit_all                   ? 
_refine.ls_goodness_of_fit_all_esd               ? 
_refine.ls_goodness_of_fit_obs                   ? 
_refine.ls_goodness_of_fit_obs_esd               ? 
_refine.ls_hydrogen_treatment                    ? 
_refine.ls_matrix_type                           ? 
_refine.ls_number_constraints                    ? 
_refine.ls_number_parameters                     ? 
_refine.ls_number_reflns_all                     ? 
_refine.ls_number_reflns_obs                     24812 
_refine.ls_number_reflns_R_free                  1993 
_refine.ls_number_reflns_R_work                  ? 
_refine.ls_number_restraints                     ? 
_refine.ls_percent_reflns_obs                    89.94 
_refine.ls_percent_reflns_R_free                 7.9300 
_refine.ls_R_factor_all                          ? 
_refine.ls_R_factor_obs                          0.1826 
_refine.ls_R_factor_R_free                       0.2012 
_refine.ls_R_factor_R_free_error                 ? 
_refine.ls_R_factor_R_free_error_details         ? 
_refine.ls_R_factor_R_work                       0.1809 
_refine.ls_R_Fsqd_factor_obs                     ? 
_refine.ls_R_I_factor_obs                        ? 
_refine.ls_redundancy_reflns_all                 ? 
_refine.ls_redundancy_reflns_obs                 ? 
_refine.ls_restrained_S_all                      ? 
_refine.ls_restrained_S_obs                      ? 
_refine.ls_shift_over_esd_max                    ? 
_refine.ls_shift_over_esd_mean                   ? 
_refine.ls_structure_factor_coef                 ? 
_refine.ls_weighting_details                     ? 
_refine.ls_weighting_scheme                      ? 
_refine.ls_wR_factor_all                         ? 
_refine.ls_wR_factor_obs                         ? 
_refine.ls_wR_factor_R_free                      ? 
_refine.ls_wR_factor_R_work                      ? 
_refine.occupancy_max                            ? 
_refine.occupancy_min                            ? 
_refine.solvent_model_details                    ? 
_refine.solvent_model_param_bsol                 ? 
_refine.solvent_model_param_ksol                 ? 
_refine.ls_R_factor_gt                           ? 
_refine.ls_goodness_of_fit_gt                    ? 
_refine.ls_goodness_of_fit_ref                   ? 
_refine.ls_shift_over_su_max                     ? 
_refine.ls_shift_over_su_max_lt                  ? 
_refine.ls_shift_over_su_mean                    ? 
_refine.ls_shift_over_su_mean_lt                 ? 
_refine.pdbx_ls_sigma_I                          ? 
_refine.pdbx_ls_sigma_F                          1.360 
_refine.pdbx_ls_sigma_Fsqd                       ? 
_refine.pdbx_data_cutoff_high_absF               ? 
_refine.pdbx_data_cutoff_high_rms_absF           ? 
_refine.pdbx_data_cutoff_low_absF                ? 
_refine.pdbx_isotropic_thermal_model             ? 
_refine.pdbx_ls_cross_valid_method               THROUGHOUT 
_refine.pdbx_method_to_determine_struct          'MOLECULAR REPLACEMENT' 
_refine.pdbx_starting_model                      2OSS 
_refine.pdbx_stereochemistry_target_values       ? 
_refine.pdbx_R_Free_selection_details            ? 
_refine.pdbx_stereochem_target_val_spec_case     ? 
_refine.pdbx_overall_ESU_R                       ? 
_refine.pdbx_overall_ESU_R_Free                  ? 
_refine.pdbx_solvent_vdw_probe_radii             1.1100 
_refine.pdbx_solvent_ion_probe_radii             ? 
_refine.pdbx_solvent_shrinkage_radii             0.9000 
_refine.pdbx_real_space_R                        ? 
_refine.pdbx_density_correlation                 ? 
_refine.pdbx_pd_number_of_powder_patterns        ? 
_refine.pdbx_pd_number_of_points                 ? 
_refine.pdbx_pd_meas_number_of_points            ? 
_refine.pdbx_pd_proc_ls_prof_R_factor            ? 
_refine.pdbx_pd_proc_ls_prof_wR_factor           ? 
_refine.pdbx_pd_Marquardt_correlation_coeff      ? 
_refine.pdbx_pd_Fsqrd_R_factor                   ? 
_refine.pdbx_pd_ls_matrix_band_width             ? 
_refine.pdbx_overall_phase_error                 25.6200 
_refine.pdbx_overall_SU_R_free_Cruickshank_DPI   ? 
_refine.pdbx_overall_SU_R_free_Blow_DPI          ? 
_refine.pdbx_overall_SU_R_Blow_DPI               ? 
_refine.pdbx_TLS_residual_ADP_flag               ? 
_refine.pdbx_diffrn_id                           1 
_refine.overall_SU_B                             ? 
_refine.overall_SU_ML                            0.1200 
_refine.overall_SU_R_Cruickshank_DPI             ? 
_refine.overall_SU_R_free                        ? 
_refine.overall_FOM_free_R_set                   ? 
_refine.overall_FOM_work_R_set                   ? 
_refine.pdbx_average_fsc_overall                 ? 
_refine.pdbx_average_fsc_work                    ? 
_refine.pdbx_average_fsc_free                    ? 
# 
_refine_hist.pdbx_refine_id                   'X-RAY DIFFRACTION' 
_refine_hist.cycle_id                         final 
_refine_hist.details                          ? 
_refine_hist.d_res_high                       1.3500 
_refine_hist.d_res_low                        39.54 
_refine_hist.number_atoms_solvent             111 
_refine_hist.number_atoms_total               1178 
_refine_hist.number_reflns_all                ? 
_refine_hist.number_reflns_obs                ? 
_refine_hist.number_reflns_R_free             ? 
_refine_hist.number_reflns_R_work             ? 
_refine_hist.R_factor_all                     ? 
_refine_hist.R_factor_obs                     ? 
_refine_hist.R_factor_R_free                  ? 
_refine_hist.R_factor_R_work                  ? 
_refine_hist.pdbx_number_residues_total       123 
_refine_hist.pdbx_B_iso_mean_ligand           21.91 
_refine_hist.pdbx_B_iso_mean_solvent          24.60 
_refine_hist.pdbx_number_atoms_protein        1029 
_refine_hist.pdbx_number_atoms_nucleic_acid   0 
_refine_hist.pdbx_number_atoms_ligand         38 
_refine_hist.pdbx_number_atoms_lipid          ? 
_refine_hist.pdbx_number_atoms_carb           ? 
_refine_hist.pdbx_pseudo_atom_details         ? 
# 
loop_
_refine_ls_shell.pdbx_refine_id 
_refine_ls_shell.d_res_high 
_refine_ls_shell.d_res_low 
_refine_ls_shell.number_reflns_all 
_refine_ls_shell.number_reflns_obs 
_refine_ls_shell.number_reflns_R_free 
_refine_ls_shell.number_reflns_R_work 
_refine_ls_shell.percent_reflns_obs 
_refine_ls_shell.percent_reflns_R_free 
_refine_ls_shell.R_factor_all 
_refine_ls_shell.R_factor_obs 
_refine_ls_shell.R_factor_R_free 
_refine_ls_shell.R_factor_R_free_error 
_refine_ls_shell.R_factor_R_work 
_refine_ls_shell.redundancy_reflns_all 
_refine_ls_shell.redundancy_reflns_obs 
_refine_ls_shell.wR_factor_all 
_refine_ls_shell.wR_factor_obs 
_refine_ls_shell.wR_factor_R_free 
_refine_ls_shell.wR_factor_R_work 
_refine_ls_shell.pdbx_total_number_of_bins_used 
_refine_ls_shell.pdbx_phase_error 
_refine_ls_shell.pdbx_fsc_work 
_refine_ls_shell.pdbx_fsc_free 
'X-RAY DIFFRACTION' 1.35   1.3717 . . 54  645  28.0000  . . . 0.3253 0.0000 0.2519 . . . . . . . . . . 
'X-RAY DIFFRACTION' 1.3717 1.3954 . . 63  702  31.0000  . . . 0.2491 0.0000 0.2393 . . . . . . . . . . 
'X-RAY DIFFRACTION' 1.3954 1.4208 . . 67  747  33.0000  . . . 0.2633 0.0000 0.2492 . . . . . . . . . . 
'X-RAY DIFFRACTION' 1.4208 1.4481 . . 70  806  36.0000  . . . 0.3036 0.0000 0.2325 . . . . . . . . . . 
'X-RAY DIFFRACTION' 1.4481 1.4777 . . 81  905  39.0000  . . . 0.2275 0.0000 0.2371 . . . . . . . . . . 
'X-RAY DIFFRACTION' 1.4777 1.5098 . . 86  1018 46.0000  . . . 0.2587 0.0000 0.2339 . . . . . . . . . . 
'X-RAY DIFFRACTION' 1.5098 1.5449 . . 103 1177 51.0000  . . . 0.2627 0.0000 0.2226 . . . . . . . . . . 
'X-RAY DIFFRACTION' 1.5449 1.5836 . . 114 1344 60.0000  . . . 0.2371 0.0000 0.2225 . . . . . . . . . . 
'X-RAY DIFFRACTION' 1.5836 1.6264 . . 125 1476 65.0000  . . . 0.2596 0.0000 0.2172 . . . . . . . . . . 
'X-RAY DIFFRACTION' 1.6264 1.6742 . . 143 1659 73.0000  . . . 0.2372 0.0000 0.2198 . . . . . . . . . . 
'X-RAY DIFFRACTION' 1.6742 1.7283 . . 148 1739 78.0000  . . . 0.2455 0.0000 0.2163 . . . . . . . . . . 
'X-RAY DIFFRACTION' 1.7283 1.7900 . . 161 1889 81.0000  . . . 0.2246 0.0000 0.2156 . . . . . . . . . . 
'X-RAY DIFFRACTION' 1.7900 1.8617 . . 172 1929 87.0000  . . . 0.2257 0.0000 0.1991 . . . . . . . . . . 
'X-RAY DIFFRACTION' 1.8617 1.9464 . . 175 2110 93.0000  . . . 0.2163 0.0000 0.1869 . . . . . . . . . . 
'X-RAY DIFFRACTION' 1.9464 2.0491 . . 195 2251 98.0000  . . . 0.2031 0.0000 0.1885 . . . . . . . . . . 
'X-RAY DIFFRACTION' 2.0491 2.1774 . . 200 2244 100.0000 . . . 0.1783 0.0000 0.1915 . . . . . . . . . . 
'X-RAY DIFFRACTION' 2.1774 2.3455 . . 189 2252 99.0000  . . . 0.1936 0.0000 0.1786 . . . . . . . . . . 
'X-RAY DIFFRACTION' 2.3455 2.5815 . . 191 2239 99.0000  . . . 0.1888 0.0000 0.1747 . . . . . . . . . . 
'X-RAY DIFFRACTION' 2.5815 2.9550 . . 199 2293 100.0000 . . . 0.1957 0.0000 0.1752 . . . . . . . . . . 
'X-RAY DIFFRACTION' 2.9550 3.7226 . . 193 2254 100.0000 . . . 0.2179 0.0000 0.1609 . . . . . . . . . . 
'X-RAY DIFFRACTION' 3.7226 40     . . 191 2245 99.0000  . . . 0.1632 0.0000 0.1563 . . . . . . . . . . 
# 
_struct.entry_id                     6KEC 
_struct.title                        
;Crystal structure of BRD4 bromodomain 1 (BD1) in complex with 4-ethoxy-5,16-dimethoxy-11-methyl-2-oxa-11-azatetracyclo[8.6.1.03,8.013,17]heptadeca-1(17),3,5,7,9,13,15-heptaen-12-one
;
_struct.pdbx_model_details           ? 
_struct.pdbx_formula_weight          ? 
_struct.pdbx_formula_weight_method   ? 
_struct.pdbx_model_type_details      ? 
_struct.pdbx_CASP_flag               N 
# 
_struct_keywords.entry_id        6KEC 
_struct_keywords.text            'BRD4, bromodomain, TRANSCRIPTION' 
_struct_keywords.pdbx_keywords   TRANSCRIPTION 
# 
loop_
_struct_asym.id 
_struct_asym.pdbx_blank_PDB_chainid_flag 
_struct_asym.pdbx_modified 
_struct_asym.entity_id 
_struct_asym.details 
A N N 1 ? 
B N N 2 ? 
C N N 3 ? 
D N N 3 ? 
E N N 3 ? 
F N N 3 ? 
G N N 4 ? 
# 
loop_
_struct_conf.conf_type_id 
_struct_conf.id 
_struct_conf.pdbx_PDB_helix_id 
_struct_conf.beg_label_comp_id 
_struct_conf.beg_label_asym_id 
_struct_conf.beg_label_seq_id 
_struct_conf.pdbx_beg_PDB_ins_code 
_struct_conf.end_label_comp_id 
_struct_conf.end_label_asym_id 
_struct_conf.end_label_seq_id 
_struct_conf.pdbx_end_PDB_ins_code 
_struct_conf.beg_auth_comp_id 
_struct_conf.beg_auth_asym_id 
_struct_conf.beg_auth_seq_id 
_struct_conf.end_auth_comp_id 
_struct_conf.end_auth_asym_id 
_struct_conf.end_auth_seq_id 
_struct_conf.pdbx_PDB_helix_class 
_struct_conf.details 
_struct_conf.pdbx_PDB_helix_length 
HELX_P HELX_P1 AA1 THR A 19  ? VAL A 28  ? THR A 60  VAL A 69  1 ? 10 
HELX_P HELX_P2 AA2 VAL A 28  ? TRP A 34  ? VAL A 69  TRP A 75  1 ? 7  
HELX_P HELX_P3 AA3 ALA A 39  ? GLN A 43  ? ALA A 80  GLN A 84  5 ? 5  
HELX_P HELX_P4 AA4 ASP A 55  ? ILE A 60  ? ASP A 96  ILE A 101 1 ? 6  
HELX_P HELX_P5 AA5 ASP A 65  ? ASN A 76  ? ASP A 106 ASN A 117 1 ? 12 
HELX_P HELX_P6 AA6 ASN A 80  ? ASN A 99  ? ASN A 121 ASN A 140 1 ? 20 
HELX_P HELX_P7 AA7 ASP A 103 ? ASN A 121 ? ASP A 144 ASN A 162 1 ? 19 
# 
_struct_conf_type.id          HELX_P 
_struct_conf_type.criteria    ? 
_struct_conf_type.reference   ? 
# 
loop_
_struct_site.id 
_struct_site.pdbx_evidence_code 
_struct_site.pdbx_auth_asym_id 
_struct_site.pdbx_auth_comp_id 
_struct_site.pdbx_auth_seq_id 
_struct_site.pdbx_auth_ins_code 
_struct_site.pdbx_num_residues 
_struct_site.details 
AC1 Software A D9C 401 ? 12 'binding site for residue D9C A 401' 
AC2 Software A FMT 402 ? 5  'binding site for residue FMT A 402' 
AC3 Software A FMT 403 ? 5  'binding site for residue FMT A 403' 
AC4 Software A FMT 404 ? 6  'binding site for residue FMT A 404' 
AC5 Software A FMT 405 ? 3  'binding site for residue FMT A 405' 
# 
loop_
_struct_site_gen.id 
_struct_site_gen.site_id 
_struct_site_gen.pdbx_num_res 
_struct_site_gen.label_comp_id 
_struct_site_gen.label_asym_id 
_struct_site_gen.label_seq_id 
_struct_site_gen.pdbx_auth_ins_code 
_struct_site_gen.auth_comp_id 
_struct_site_gen.auth_asym_id 
_struct_site_gen.auth_seq_id 
_struct_site_gen.label_atom_id 
_struct_site_gen.label_alt_id 
_struct_site_gen.symmetry 
_struct_site_gen.details 
1  AC1 12 TRP A 40  ? TRP A 81  . ? 1_555 ? 
2  AC1 12 PRO A 41  ? PRO A 82  . ? 1_555 ? 
3  AC1 12 VAL A 46  ? VAL A 87  . ? 1_555 ? 
4  AC1 12 LEU A 51  ? LEU A 92  . ? 1_555 ? 
5  AC1 12 ASP A 55  ? ASP A 96  . ? 4_555 ? 
6  AC1 12 LYS A 58  ? LYS A 99  . ? 4_555 ? 
7  AC1 12 ASN A 99  ? ASN A 140 . ? 1_555 ? 
8  AC1 12 ILE A 105 ? ILE A 146 . ? 1_555 ? 
9  AC1 12 FMT E .   ? FMT A 404 . ? 1_555 ? 
10 AC1 12 HOH G .   ? HOH A 516 . ? 1_555 ? 
11 AC1 12 HOH G .   ? HOH A 535 . ? 1_555 ? 
12 AC1 12 HOH G .   ? HOH A 593 . ? 1_555 ? 
13 AC2 5  THR A 19  ? THR A 60  . ? 1_555 ? 
14 AC2 5  GLN A 21  ? GLN A 62  . ? 1_555 ? 
15 AC2 5  ASN A 80  ? ASN A 121 . ? 1_555 ? 
16 AC2 5  ALA A 81  ? ALA A 122 . ? 1_555 ? 
17 AC2 5  HOH G .   ? HOH A 554 . ? 1_555 ? 
18 AC3 5  PRO A 15  ? PRO A 56  . ? 3_455 ? 
19 AC3 5  LYS A 16  ? LYS A 57  . ? 3_455 ? 
20 AC3 5  LYS A 58  ? LYS A 99  . ? 1_555 ? 
21 AC3 5  LYS A 61  ? LYS A 102 . ? 1_555 ? 
22 AC3 5  HOH G .   ? HOH A 506 . ? 1_555 ? 
23 AC4 6  GLN A 44  ? GLN A 85  . ? 1_555 ? 
24 AC4 6  D9C B .   ? D9C A 401 . ? 1_555 ? 
25 AC4 6  HOH G .   ? HOH A 509 . ? 1_555 ? 
26 AC4 6  HOH G .   ? HOH A 528 . ? 1_555 ? 
27 AC4 6  HOH G .   ? HOH A 547 . ? 1_555 ? 
28 AC4 6  HOH G .   ? HOH A 587 . ? 1_555 ? 
29 AC5 3  TYR A 96  ? TYR A 137 . ? 4_545 ? 
30 AC5 3  GLU A 122 ? GLU A 163 . ? 1_555 ? 
31 AC5 3  HOH G .   ? HOH A 538 . ? 1_555 ? 
# 
_atom_sites.entry_id                    6KEC 
_atom_sites.Cartn_transf_matrix[1][1]   ? 
_atom_sites.Cartn_transf_matrix[1][2]   ? 
_atom_sites.Cartn_transf_matrix[1][3]   ? 
_atom_sites.Cartn_transf_matrix[2][1]   ? 
_atom_sites.Cartn_transf_matrix[2][2]   ? 
_atom_sites.Cartn_transf_matrix[2][3]   ? 
_atom_sites.Cartn_transf_matrix[3][1]   ? 
_atom_sites.Cartn_transf_matrix[3][2]   ? 
_atom_sites.Cartn_transf_matrix[3][3]   ? 
_atom_sites.Cartn_transf_vector[1]      ? 
_atom_sites.Cartn_transf_vector[2]      ? 
_atom_sites.Cartn_transf_vector[3]      ? 
_atom_sites.fract_transf_matrix[1][1]   0.02529132 
_atom_sites.fract_transf_matrix[1][2]   0.01320375 
_atom_sites.fract_transf_matrix[1][3]   0.01201440 
_atom_sites.fract_transf_matrix[2][1]   -0.00087676 
_atom_sites.fract_transf_matrix[2][2]   0.01504184 
_atom_sites.fract_transf_matrix[2][3]   -0.01468523 
_atom_sites.fract_transf_matrix[3][1]   -0.00727226 
_atom_sites.fract_transf_matrix[3][2]   0.00700546 
_atom_sites.fract_transf_matrix[3][3]   0.00760976 
_atom_sites.fract_transf_vector[1]      -0.303659 
_atom_sites.fract_transf_vector[2]      -0.071556 
_atom_sites.fract_transf_vector[3]      0.112475 
_atom_sites.solution_primary            ? 
_atom_sites.solution_secondary          ? 
_atom_sites.solution_hydrogens          ? 
_atom_sites.special_details             ? 
# 
loop_
_atom_type.symbol 
C 
N 
O 
S 
# 
loop_
_atom_site.group_PDB 
_atom_site.id 
_atom_site.type_symbol 
_atom_site.label_atom_id 
_atom_site.label_alt_id 
_atom_site.label_comp_id 
_atom_site.label_asym_id 
_atom_site.label_entity_id 
_atom_site.label_seq_id 
_atom_site.pdbx_PDB_ins_code 
_atom_site.Cartn_x 
_atom_site.Cartn_y 
_atom_site.Cartn_z 
_atom_site.occupancy 
_atom_site.B_iso_or_equiv 
_atom_site.pdbx_formal_charge 
_atom_site.auth_seq_id 
_atom_site.auth_comp_id 
_atom_site.auth_asym_id 
_atom_site.auth_atom_id 
_atom_site.pdbx_PDB_model_num 
ATOM   1    N N   . ASN A 1 3   ? -4.340  14.210  -12.546 1.00 27.33 ? 44  ASN A N   1 
ATOM   2    C CA  . ASN A 1 3   ? -4.285  13.372  -11.344 1.00 20.37 ? 44  ASN A CA  1 
ATOM   3    C C   . ASN A 1 3   ? -5.508  13.586  -10.459 1.00 23.34 ? 44  ASN A C   1 
ATOM   4    O O   . ASN A 1 3   ? -5.897  14.725  -10.196 1.00 22.92 ? 44  ASN A O   1 
ATOM   5    C CB  . ASN A 1 3   ? -3.043  13.692  -10.510 1.00 23.05 ? 44  ASN A CB  1 
ATOM   6    C CG  . ASN A 1 3   ? -1.758  13.184  -11.134 1.00 21.87 ? 44  ASN A CG  1 
ATOM   7    O OD1 . ASN A 1 3   ? -1.697  12.079  -11.674 1.00 19.46 ? 44  ASN A OD1 1 
ATOM   8    N ND2 . ASN A 1 3   ? -0.714  13.995  -11.043 1.00 21.58 ? 44  ASN A ND2 1 
ATOM   9    N N   . PRO A 1 4   ? -6.092  12.496  -9.969  1.00 18.40 ? 45  PRO A N   1 
ATOM   10   C CA  . PRO A 1 4   ? -7.105  12.605  -8.920  1.00 19.27 ? 45  PRO A CA  1 
ATOM   11   C C   . PRO A 1 4   ? -6.449  12.973  -7.604  1.00 20.12 ? 45  PRO A C   1 
ATOM   12   O O   . PRO A 1 4   ? -5.228  12.833  -7.451  1.00 18.34 ? 45  PRO A O   1 
ATOM   13   C CB  . PRO A 1 4   ? -7.686  11.185  -8.859  1.00 22.14 ? 45  PRO A CB  1 
ATOM   14   C CG  . PRO A 1 4   ? -6.514  10.309  -9.237  1.00 20.62 ? 45  PRO A CG  1 
ATOM   15   C CD  . PRO A 1 4   ? -5.788  11.097  -10.305 1.00 18.24 ? 45  PRO A CD  1 
ATOM   16   N N   . PRO A 1 5   ? -7.214  13.463  -6.629  1.00 18.58 ? 46  PRO A N   1 
ATOM   17   C CA  . PRO A 1 5   ? -6.641  13.640  -5.301  1.00 19.11 ? 46  PRO A CA  1 
ATOM   18   C C   . PRO A 1 5   ? -6.198  12.305  -4.753  1.00 18.66 ? 46  PRO A C   1 
ATOM   19   O O   . PRO A 1 5   ? -6.808  11.258  -5.047  1.00 19.72 ? 46  PRO A O   1 
ATOM   20   C CB  . PRO A 1 5   ? -7.812  14.222  -4.492  1.00 20.48 ? 46  PRO A CB  1 
ATOM   21   C CG  . PRO A 1 5   ? -9.034  13.837  -5.240  1.00 21.34 ? 46  PRO A CG  1 
ATOM   22   C CD  . PRO A 1 5   ? -8.650  13.779  -6.678  1.00 21.51 ? 46  PRO A CD  1 
ATOM   23   N N   . PRO A 1 6   ? -5.117  12.275  -3.982  1.00 19.18 ? 47  PRO A N   1 
ATOM   24   C CA  . PRO A 1 6   ? -4.630  11.006  -3.441  1.00 17.55 ? 47  PRO A CA  1 
ATOM   25   C C   . PRO A 1 6   ? -5.586  10.490  -2.383  1.00 21.15 ? 47  PRO A C   1 
ATOM   26   O O   . PRO A 1 6   ? -6.411  11.257  -1.859  1.00 18.94 ? 47  PRO A O   1 
ATOM   27   C CB  . PRO A 1 6   ? -3.275  11.386  -2.828  1.00 21.05 ? 47  PRO A CB  1 
ATOM   28   C CG  . PRO A 1 6   ? -3.444  12.810  -2.443  1.00 23.94 ? 47  PRO A CG  1 
ATOM   29   C CD  . PRO A 1 6   ? -4.327  13.420  -3.499  1.00 22.51 ? 47  PRO A CD  1 
ATOM   30   N N   . PRO A 1 7   ? -5.520  9.196   -2.048  1.00 15.64 ? 48  PRO A N   1 
ATOM   31   C CA  . PRO A 1 7   ? -6.430  8.658   -1.030  1.00 16.49 ? 48  PRO A CA  1 
ATOM   32   C C   . PRO A 1 7   ? -6.229  9.367   0.302   1.00 14.88 ? 48  PRO A C   1 
ATOM   33   O O   . PRO A 1 7   ? -5.129  9.815   0.634   1.00 14.12 ? 48  PRO A O   1 
ATOM   34   C CB  . PRO A 1 7   ? -6.032  7.179   -0.940  1.00 15.42 ? 48  PRO A CB  1 
ATOM   35   C CG  . PRO A 1 7   ? -5.290  6.894   -2.208  1.00 16.35 ? 48  PRO A CG  1 
ATOM   36   C CD  . PRO A 1 7   ? -4.600  8.167   -2.566  1.00 16.74 ? 48  PRO A CD  1 
ATOM   37   N N   . GLU A 1 8   ? -7.315  9.481   1.065   1.00 15.11 ? 49  GLU A N   1 
ATOM   38   C CA  . GLU A 1 8   ? -7.243  10.177  2.341   1.00 14.26 ? 49  GLU A CA  1 
ATOM   39   C C   . GLU A 1 8   ? -6.325  9.438   3.302   1.00 13.23 ? 49  GLU A C   1 
ATOM   40   O O   . GLU A 1 8   ? -6.218  8.209   3.271   1.00 14.59 ? 49  GLU A O   1 
ATOM   41   C CB  . GLU A 1 8   ? -8.633  10.302  2.966   1.00 15.11 ? 49  GLU A CB  1 
ATOM   42   C CG  . GLU A 1 8   ? -9.298  8.982   3.341   1.00 15.99 ? 49  GLU A CG  1 
ATOM   43   C CD  . GLU A 1 8   ? -10.707 9.157   3.876   1.00 15.21 ? 49  GLU A CD  1 
ATOM   44   O OE1 . GLU A 1 8   ? -11.227 8.222   4.529   1.00 15.37 ? 49  GLU A OE1 1 
ATOM   45   O OE2 . GLU A 1 8   ? -11.307 10.229  3.637   1.00 19.58 ? 49  GLU A OE2 1 
ATOM   46   N N   . THR A 1 9   ? -5.641  10.202  4.154   1.00 12.44 ? 50  THR A N   1 
ATOM   47   C CA  . THR A 1 9   ? -4.843  9.634   5.231   1.00 13.61 ? 50  THR A CA  1 
ATOM   48   C C   . THR A 1 9   ? -5.396  9.983   6.604   1.00 14.48 ? 50  THR A C   1 
ATOM   49   O O   . THR A 1 9   ? -4.827  9.565   7.620   1.00 19.89 ? 50  THR A O   1 
ATOM   50   C CB  . THR A 1 9   ? -3.372  10.051  5.099   1.00 15.34 ? 50  THR A CB  1 
ATOM   51   O OG1 . THR A 1 9   ? -3.265  11.476  5.155   1.00 17.85 ? 50  THR A OG1 1 
ATOM   52   C CG2 . THR A 1 9   ? -2.807  9.573   3.760   1.00 17.89 ? 50  THR A CG2 1 
ATOM   53   N N   . SER A 1 10  ? -6.480  10.750  6.651   1.00 15.01 ? 51  SER A N   1 
ATOM   54   C CA  . SER A 1 10  ? -7.211  11.058  7.869   1.00 14.16 ? 51  SER A CA  1 
ATOM   55   C C   . SER A 1 10  ? -8.682  11.196  7.506   1.00 15.95 ? 51  SER A C   1 
ATOM   56   O O   . SER A 1 10  ? -9.038  11.469  6.358   1.00 15.89 ? 51  SER A O   1 
ATOM   57   C CB  . SER A 1 10  ? -6.704  12.353  8.508   1.00 19.17 ? 51  SER A CB  1 
ATOM   58   O OG  . SER A 1 10  ? -6.905  13.429  7.624   1.00 21.58 ? 51  SER A OG  1 
ATOM   59   N N   . ASN A 1 11  ? -9.543  11.003  8.503   1.00 13.95 ? 52  ASN A N   1 
ATOM   60   C CA  . ASN A 1 11  ? -10.975 11.159  8.283   1.00 15.07 ? 52  ASN A CA  1 
ATOM   61   C C   . ASN A 1 11  ? -11.600 11.333  9.656   1.00 15.38 ? 52  ASN A C   1 
ATOM   62   O O   . ASN A 1 11  ? -11.691 10.362  10.416  1.00 15.02 ? 52  ASN A O   1 
ATOM   63   C CB  . ASN A 1 11  ? -11.551 9.925   7.587   1.00 15.21 ? 52  ASN A CB  1 
ATOM   64   C CG  . ASN A 1 11  ? -13.024 10.074  7.251   1.00 20.78 ? 52  ASN A CG  1 
ATOM   65   O OD1 . ASN A 1 11  ? -13.786 10.731  7.973   1.00 18.54 ? 52  ASN A OD1 1 
ATOM   66   N ND2 . ASN A 1 11  ? -13.437 9.460   6.148   1.00 21.45 ? 52  ASN A ND2 1 
ATOM   67   N N   . PRO A 1 12  ? -12.025 12.549  10.015  1.00 14.02 ? 53  PRO A N   1 
ATOM   68   C CA  . PRO A 1 12  ? -12.434 12.795  11.405  1.00 15.21 ? 53  PRO A CA  1 
ATOM   69   C C   . PRO A 1 12  ? -13.637 11.991  11.851  1.00 18.04 ? 53  PRO A C   1 
ATOM   70   O O   . PRO A 1 12  ? -13.772 11.733  13.055  1.00 22.01 ? 53  PRO A O   1 
ATOM   71   C CB  . PRO A 1 12  ? -12.729 14.300  11.424  1.00 17.56 ? 53  PRO A CB  1 
ATOM   72   C CG  . PRO A 1 12  ? -11.972 14.850  10.289  1.00 18.22 ? 53  PRO A CG  1 
ATOM   73   C CD  . PRO A 1 12  ? -12.038 13.787  9.222   1.00 14.69 ? 53  PRO A CD  1 
ATOM   74   N N   . ASN A 1 13  ? -14.524 11.595  10.942  1.00 15.30 ? 54  ASN A N   1 
ATOM   75   C CA  . ASN A 1 13  ? -15.707 10.843  11.339  1.00 19.28 ? 54  ASN A CA  1 
ATOM   76   C C   . ASN A 1 13  ? -15.511 9.330   11.311  1.00 21.80 ? 54  ASN A C   1 
ATOM   77   O O   . ASN A 1 13  ? -16.435 8.597   11.671  1.00 24.73 ? 54  ASN A O   1 
ATOM   78   C CB  . ASN A 1 13  ? -16.916 11.252  10.505  1.00 24.53 ? 54  ASN A CB  1 
ATOM   79   C CG  . ASN A 1 13  ? -17.574 12.520  11.027  1.00 24.70 ? 54  ASN A CG  1 
ATOM   80   O OD1 . ASN A 1 13  ? -17.719 12.713  12.240  1.00 20.03 ? 54  ASN A OD1 1 
ATOM   81   N ND2 . ASN A 1 13  ? -17.976 13.388  10.114  1.00 24.01 ? 54  ASN A ND2 1 
ATOM   82   N N   . LYS A 1 14  ? -14.351 8.853   10.904  1.00 15.72 ? 55  LYS A N   1 
ATOM   83   C CA  . LYS A 1 14  ? -13.992 7.442   10.970  1.00 15.60 ? 55  LYS A CA  1 
ATOM   84   C C   . LYS A 1 14  ? -13.305 7.171   12.305  1.00 14.67 ? 55  LYS A C   1 
ATOM   85   O O   . LYS A 1 14  ? -12.410 7.930   12.693  1.00 16.48 ? 55  LYS A O   1 
ATOM   86   C CB  . LYS A 1 14  ? -13.019 7.133   9.842   1.00 14.68 ? 55  LYS A CB  1 
ATOM   87   C CG  . LYS A 1 14  ? -12.622 5.675   9.691   1.00 15.10 ? 55  LYS A CG  1 
ATOM   88   C CD  . LYS A 1 14  ? -11.676 5.523   8.509   1.00 17.32 ? 55  LYS A CD  1 
ATOM   89   C CE  . LYS A 1 14  ? -11.458 4.072   8.119   1.00 15.96 ? 55  LYS A CE  1 
ATOM   90   N NZ  . LYS A 1 14  ? -10.716 3.305   9.165   1.00 14.73 ? 55  LYS A NZ  1 
ATOM   91   N N   . PRO A 1 15  ? -13.691 6.132   13.046  1.00 14.96 ? 56  PRO A N   1 
ATOM   92   C CA  . PRO A 1 15  ? -13.038 5.882   14.335  1.00 16.46 ? 56  PRO A CA  1 
ATOM   93   C C   . PRO A 1 15  ? -11.627 5.346   14.136  1.00 16.77 ? 56  PRO A C   1 
ATOM   94   O O   . PRO A 1 15  ? -11.346 4.623   13.178  1.00 17.74 ? 56  PRO A O   1 
ATOM   95   C CB  . PRO A 1 15  ? -13.947 4.840   14.996  1.00 15.40 ? 56  PRO A CB  1 
ATOM   96   C CG  . PRO A 1 15  ? -14.534 4.090   13.849  1.00 18.59 ? 56  PRO A CG  1 
ATOM   97   C CD  . PRO A 1 15  ? -14.708 5.113   12.733  1.00 15.28 ? 56  PRO A CD  1 
ATOM   98   N N   . LYS A 1 16  ? -10.733 5.732   15.046  1.00 15.41 ? 57  LYS A N   1 
ATOM   99   C CA  . LYS A 1 16  ? -9.335  5.323   15.032  1.00 15.22 ? 57  LYS A CA  1 
ATOM   100  C C   . LYS A 1 16  ? -9.135  4.147   15.979  1.00 16.57 ? 57  LYS A C   1 
ATOM   101  O O   . LYS A 1 16  ? -9.948  3.896   16.870  1.00 16.06 ? 57  LYS A O   1 
ATOM   102  C CB  . LYS A 1 16  ? -8.433  6.467   15.508  1.00 15.25 ? 57  LYS A CB  1 
ATOM   103  C CG  . LYS A 1 16  ? -8.374  7.681   14.609  1.00 17.29 ? 57  LYS A CG  1 
ATOM   104  C CD  . LYS A 1 16  ? -7.358  8.672   15.161  1.00 19.26 ? 57  LYS A CD  1 
ATOM   105  C CE  . LYS A 1 16  ? -6.999  9.754   14.149  1.00 19.91 ? 57  LYS A CE  1 
ATOM   106  N NZ  . LYS A 1 16  ? -5.829  10.564  14.621  1.00 18.86 ? 57  LYS A NZ  1 
ATOM   107  N N   . ARG A 1 17  ? -8.021  3.435   15.793  1.00 16.28 ? 58  ARG A N   1 
ATOM   108  C CA  . ARG A 1 17  ? -7.659  2.393   16.739  1.00 15.97 ? 58  ARG A CA  1 
ATOM   109  C C   . ARG A 1 17  ? -6.173  2.097   16.631  1.00 17.57 ? 58  ARG A C   1 
ATOM   110  O O   . ARG A 1 17  ? -5.563  2.262   15.570  1.00 18.28 ? 58  ARG A O   1 
ATOM   111  C CB  . ARG A 1 17  ? -8.473  1.112   16.516  1.00 17.59 ? 58  ARG A CB  1 
ATOM   112  C CG  . ARG A 1 17  ? -8.619  0.261   17.777  1.00 18.26 ? 58  ARG A CG  1 
ATOM   113  C CD  . ARG A 1 17  ? -9.821  -0.676  17.687  1.00 23.32 ? 58  ARG A CD  1 
ATOM   114  N NE  . ARG A 1 17  ? -9.522  -1.799  16.820  1.00 25.20 ? 58  ARG A NE  1 
ATOM   115  C CZ  . ARG A 1 17  ? -9.693  -3.077  17.139  1.00 20.87 ? 58  ARG A CZ  1 
ATOM   116  N NH1 . ARG A 1 17  ? -10.196 -3.434  18.315  1.00 23.85 ? 58  ARG A NH1 1 
ATOM   117  N NH2 . ARG A 1 17  ? -9.375  -4.006  16.260  1.00 20.96 ? 58  ARG A NH2 1 
ATOM   118  N N   A GLN A 1 18  ? -5.596  1.660   17.744  0.62 16.25 ? 59  GLN A N   1 
ATOM   119  N N   B GLN A 1 18  ? -5.603  1.679   17.757  0.38 16.30 ? 59  GLN A N   1 
ATOM   120  C CA  A GLN A 1 18  ? -4.221  1.183   17.759  0.62 18.11 ? 59  GLN A CA  1 
ATOM   121  C CA  B GLN A 1 18  ? -4.239  1.183   17.834  0.38 18.12 ? 59  GLN A CA  1 
ATOM   122  C C   A GLN A 1 18  ? -4.194  -0.212  18.358  0.62 18.81 ? 59  GLN A C   1 
ATOM   123  C C   B GLN A 1 18  ? -4.297  -0.257  18.319  0.38 18.78 ? 59  GLN A C   1 
ATOM   124  O O   A GLN A 1 18  ? -4.750  -0.437  19.438  0.62 19.06 ? 59  GLN A O   1 
ATOM   125  O O   B GLN A 1 18  ? -5.022  -0.563  19.272  0.38 18.51 ? 59  GLN A O   1 
ATOM   126  C CB  A GLN A 1 18  ? -3.301  2.116   18.550  0.62 20.92 ? 59  GLN A CB  1 
ATOM   127  C CB  B GLN A 1 18  ? -3.411  2.014   18.822  0.38 20.56 ? 59  GLN A CB  1 
ATOM   128  C CG  A GLN A 1 18  ? -1.856  1.634   18.597  0.62 19.73 ? 59  GLN A CG  1 
ATOM   129  C CG  B GLN A 1 18  ? -3.377  3.510   18.536  0.38 19.58 ? 59  GLN A CG  1 
ATOM   130  C CD  A GLN A 1 18  ? -1.143  1.779   17.262  0.62 22.40 ? 59  GLN A CD  1 
ATOM   131  C CD  B GLN A 1 18  ? -2.312  4.233   19.347  0.38 23.41 ? 59  GLN A CD  1 
ATOM   132  O OE1 A GLN A 1 18  ? -1.514  1.147   16.267  0.62 17.23 ? 59  GLN A OE1 1 
ATOM   133  O OE1 B GLN A 1 18  ? -2.123  5.444   19.213  0.38 26.82 ? 59  GLN A OE1 1 
ATOM   134  N NE2 A GLN A 1 18  ? -0.109  2.612   17.235  0.62 24.33 ? 59  GLN A NE2 1 
ATOM   135  N NE2 B GLN A 1 18  ? -1.612  3.490   20.197  0.38 21.87 ? 59  GLN A NE2 1 
ATOM   136  N N   . THR A 1 19  ? -3.561  -1.144  17.653  1.00 16.44 ? 60  THR A N   1 
ATOM   137  C CA  . THR A 1 19  ? -3.440  -2.522  18.105  1.00 13.73 ? 60  THR A CA  1 
ATOM   138  C C   . THR A 1 19  ? -1.976  -2.935  17.995  1.00 17.13 ? 60  THR A C   1 
ATOM   139  O O   . THR A 1 19  ? -1.183  -2.297  17.293  1.00 17.64 ? 60  THR A O   1 
ATOM   140  C CB  . THR A 1 19  ? -4.325  -3.492  17.289  1.00 15.75 ? 60  THR A CB  1 
ATOM   141  O OG1 . THR A 1 19  ? -3.828  -3.585  15.950  1.00 15.97 ? 60  THR A OG1 1 
ATOM   142  C CG2 . THR A 1 19  ? -5.775  -3.032  17.244  1.00 18.08 ? 60  THR A CG2 1 
ATOM   143  N N   . ASN A 1 20  ? -1.626  -4.026  18.689  1.00 19.12 ? 61  ASN A N   1 
ATOM   144  C CA  . ASN A 1 20  ? -0.278  -4.575  18.561  1.00 19.21 ? 61  ASN A CA  1 
ATOM   145  C C   . ASN A 1 20  ? 0.019   -4.947  17.116  1.00 17.04 ? 61  ASN A C   1 
ATOM   146  O O   . ASN A 1 20  ? 1.142   -4.756  16.634  1.00 18.50 ? 61  ASN A O   1 
ATOM   147  C CB  . ASN A 1 20  ? -0.120  -5.812  19.444  1.00 24.05 ? 61  ASN A CB  1 
ATOM   148  C CG  . ASN A 1 20  ? 0.009   -5.471  20.905  1.00 27.52 ? 61  ASN A CG  1 
ATOM   149  O OD1 . ASN A 1 20  ? 0.390   -4.359  21.267  1.00 32.09 ? 61  ASN A OD1 1 
ATOM   150  N ND2 . ASN A 1 20  ? -0.303  -6.439  21.762  1.00 30.70 ? 61  ASN A ND2 1 
ATOM   151  N N   . GLN A 1 21  ? -0.978  -5.490  16.415  1.00 15.84 ? 62  GLN A N   1 
ATOM   152  C CA  . GLN A 1 21  ? -0.783  -5.897  15.026  1.00 14.72 ? 62  GLN A CA  1 
ATOM   153  C C   . GLN A 1 21  ? -0.584  -4.690  14.115  1.00 15.82 ? 62  GLN A C   1 
ATOM   154  O O   . GLN A 1 21  ? 0.238   -4.735  13.188  1.00 14.94 ? 62  GLN A O   1 
ATOM   155  C CB  . GLN A 1 21  ? -1.953  -6.767  14.566  1.00 15.03 ? 62  GLN A CB  1 
ATOM   156  C CG  . GLN A 1 21  ? -2.028  -8.122  15.273  1.00 17.10 ? 62  GLN A CG  1 
ATOM   157  C CD  . GLN A 1 21  ? -3.089  -9.034  14.696  1.00 28.74 ? 62  GLN A CD  1 
ATOM   158  O OE1 . GLN A 1 21  ? -3.958  -8.597  13.939  1.00 30.73 ? 62  GLN A OE1 1 
ATOM   159  N NE2 . GLN A 1 21  ? -3.028  -10.312 15.054  1.00 29.42 ? 62  GLN A NE2 1 
ATOM   160  N N   . LEU A 1 22  ? -1.318  -3.598  14.358  1.00 12.30 ? 63  LEU A N   1 
ATOM   161  C CA  . LEU A 1 22  ? -1.125  -2.402  13.540  1.00 12.80 ? 63  LEU A CA  1 
ATOM   162  C C   . LEU A 1 22  ? 0.236   -1.770  13.803  1.00 14.30 ? 63  LEU A C   1 
ATOM   163  O O   . LEU A 1 22  ? 0.883   -1.267  12.874  1.00 14.95 ? 63  LEU A O   1 
ATOM   164  C CB  . LEU A 1 22  ? -2.255  -1.405  13.787  1.00 13.68 ? 63  LEU A CB  1 
ATOM   165  C CG  . LEU A 1 22  ? -3.573  -1.755  13.091  1.00 13.16 ? 63  LEU A CG  1 
ATOM   166  C CD1 . LEU A 1 22  ? -4.743  -0.997  13.722  1.00 15.00 ? 63  LEU A CD1 1 
ATOM   167  C CD2 . LEU A 1 22  ? -3.492  -1.469  11.604  1.00 14.18 ? 63  LEU A CD2 1 
ATOM   168  N N   . GLN A 1 23  ? 0.694   -1.790  15.060  1.00 15.18 ? 64  GLN A N   1 
ATOM   169  C CA  . GLN A 1 23  ? 2.027   -1.269  15.353  1.00 16.44 ? 64  GLN A CA  1 
ATOM   170  C C   . GLN A 1 23  ? 3.085   -2.054  14.600  1.00 14.48 ? 64  GLN A C   1 
ATOM   171  O O   . GLN A 1 23  ? 4.010   -1.469  14.026  1.00 16.15 ? 64  GLN A O   1 
ATOM   172  C CB  . GLN A 1 23  ? 2.310   -1.335  16.851  1.00 16.69 ? 64  GLN A CB  1 
ATOM   173  C CG  . GLN A 1 23  ? 1.464   -0.411  17.683  1.00 23.70 ? 64  GLN A CG  1 
ATOM   174  C CD  . GLN A 1 23  ? 1.876   -0.462  19.139  1.00 33.43 ? 64  GLN A CD  1 
ATOM   175  O OE1 . GLN A 1 23  ? 1.028   -0.475  20.033  1.00 42.70 ? 64  GLN A OE1 1 
ATOM   176  N NE2 . GLN A 1 23  ? 3.186   -0.493  19.385  1.00 37.42 ? 64  GLN A NE2 1 
ATOM   177  N N   . TYR A 1 24  ? 2.946   -3.383  14.591  1.00 14.67 ? 65  TYR A N   1 
ATOM   178  C CA  . TYR A 1 24  ? 3.868   -4.261  13.873  1.00 14.44 ? 65  TYR A CA  1 
ATOM   179  C C   . TYR A 1 24  ? 3.818   -4.009  12.370  1.00 14.51 ? 65  TYR A C   1 
ATOM   180  O O   . TYR A 1 24  ? 4.859   -4.007  11.692  1.00 14.08 ? 65  TYR A O   1 
ATOM   181  C CB  . TYR A 1 24  ? 3.480   -5.702  14.198  1.00 13.14 ? 65  TYR A CB  1 
ATOM   182  C CG  . TYR A 1 24  ? 4.302   -6.779  13.543  1.00 13.49 ? 65  TYR A CG  1 
ATOM   183  C CD1 . TYR A 1 24  ? 5.474   -7.244  14.139  1.00 16.81 ? 65  TYR A CD1 1 
ATOM   184  C CD2 . TYR A 1 24  ? 3.888   -7.365  12.348  1.00 12.59 ? 65  TYR A CD2 1 
ATOM   185  C CE1 . TYR A 1 24  ? 6.217   -8.241  13.550  1.00 18.88 ? 65  TYR A CE1 1 
ATOM   186  C CE2 . TYR A 1 24  ? 4.624   -8.362  11.752  1.00 14.80 ? 65  TYR A CE2 1 
ATOM   187  C CZ  . TYR A 1 24  ? 5.793   -8.793  12.356  1.00 17.57 ? 65  TYR A CZ  1 
ATOM   188  O OH  . TYR A 1 24  ? 6.537   -9.788  11.767  1.00 20.65 ? 65  TYR A OH  1 
ATOM   189  N N   . LEU A 1 25  ? 2.616   -3.792  11.829  1.00 13.87 ? 66  LEU A N   1 
ATOM   190  C CA  . LEU A 1 25  ? 2.480   -3.512  10.401  1.00 14.58 ? 66  LEU A CA  1 
ATOM   191  C C   . LEU A 1 25  ? 3.251   -2.266  9.979   1.00 15.68 ? 66  LEU A C   1 
ATOM   192  O O   . LEU A 1 25  ? 3.746   -2.201  8.847   1.00 14.24 ? 66  LEU A O   1 
ATOM   193  C CB  . LEU A 1 25  ? 1.006   -3.377  10.030  1.00 12.76 ? 66  LEU A CB  1 
ATOM   194  C CG  . LEU A 1 25  ? 0.295   -4.696  9.742   1.00 13.56 ? 66  LEU A CG  1 
ATOM   195  C CD1 . LEU A 1 25  ? -1.194  -4.470  9.737   1.00 16.57 ? 66  LEU A CD1 1 
ATOM   196  C CD2 . LEU A 1 25  ? 0.750   -5.262  8.386   1.00 19.02 ? 66  LEU A CD2 1 
ATOM   197  N N   . LEU A 1 26  ? 3.365   -1.271  10.861  1.00 13.30 ? 67  LEU A N   1 
ATOM   198  C CA  . LEU A 1 26  ? 4.190   -0.103  10.559  1.00 15.06 ? 67  LEU A CA  1 
ATOM   199  C C   . LEU A 1 26  ? 5.667   -0.367  10.840  1.00 15.22 ? 67  LEU A C   1 
ATOM   200  O O   . LEU A 1 26  ? 6.512   -0.213  9.949   1.00 15.41 ? 67  LEU A O   1 
ATOM   201  C CB  . LEU A 1 26  ? 3.704   1.114   11.350  1.00 17.38 ? 67  LEU A CB  1 
ATOM   202  C CG  . LEU A 1 26  ? 4.493   2.413   11.149  1.00 15.94 ? 67  LEU A CG  1 
ATOM   203  C CD1 . LEU A 1 26  ? 4.501   2.836   9.691   1.00 14.38 ? 67  LEU A CD1 1 
ATOM   204  C CD2 . LEU A 1 26  ? 3.898   3.517   12.024  1.00 19.55 ? 67  LEU A CD2 1 
ATOM   205  N N   . ARG A 1 27  ? 5.993   -0.776  12.079  1.00 16.94 ? 68  ARG A N   1 
ATOM   206  C CA  . ARG A 1 27  ? 7.391   -0.879  12.493  1.00 19.65 ? 68  ARG A CA  1 
ATOM   207  C C   . ARG A 1 27  ? 8.137   -1.949  11.708  1.00 19.53 ? 68  ARG A C   1 
ATOM   208  O O   . ARG A 1 27  ? 9.282   -1.732  11.290  1.00 19.12 ? 68  ARG A O   1 
ATOM   209  C CB  . ARG A 1 27  ? 7.493   -1.166  13.992  1.00 18.25 ? 68  ARG A CB  1 
ATOM   210  C CG  . ARG A 1 27  ? 8.917   -1.470  14.451  1.00 21.40 ? 68  ARG A CG  1 
ATOM   211  C CD  . ARG A 1 27  ? 8.981   -1.823  15.936  1.00 19.25 ? 68  ARG A CD  1 
ATOM   212  N NE  . ARG A 1 27  ? 8.546   -3.190  16.222  1.00 21.51 ? 68  ARG A NE  1 
ATOM   213  C CZ  . ARG A 1 27  ? 9.334   -4.257  16.137  1.00 21.80 ? 68  ARG A CZ  1 
ATOM   214  N NH1 . ARG A 1 27  ? 10.605  -4.123  15.755  1.00 27.70 ? 68  ARG A NH1 1 
ATOM   215  N NH2 . ARG A 1 27  ? 8.848   -5.463  16.406  1.00 22.33 ? 68  ARG A NH2 1 
ATOM   216  N N   . VAL A 1 28  ? 7.517   -3.109  11.504  1.00 14.73 ? 69  VAL A N   1 
ATOM   217  C CA  . VAL A 1 28  ? 8.198   -4.225  10.862  1.00 16.19 ? 69  VAL A CA  1 
ATOM   218  C C   . VAL A 1 28  ? 7.824   -4.370  9.395   1.00 15.56 ? 69  VAL A C   1 
ATOM   219  O O   . VAL A 1 28  ? 8.702   -4.363  8.533   1.00 15.74 ? 69  VAL A O   1 
ATOM   220  C CB  . VAL A 1 28  ? 7.979   -5.542  11.631  1.00 15.81 ? 69  VAL A CB  1 
ATOM   221  C CG1 . VAL A 1 28  ? 8.674   -6.698  10.916  1.00 17.19 ? 69  VAL A CG1 1 
ATOM   222  C CG2 . VAL A 1 28  ? 8.491   -5.399  13.056  1.00 17.49 ? 69  VAL A CG2 1 
ATOM   223  N N   . VAL A 1 29  ? 6.532   -4.519  9.092   1.00 12.92 ? 70  VAL A N   1 
ATOM   224  C CA  . VAL A 1 29  ? 6.142   -4.889  7.733   1.00 12.15 ? 70  VAL A CA  1 
ATOM   225  C C   . VAL A 1 29  ? 6.411   -3.749  6.750   1.00 13.88 ? 70  VAL A C   1 
ATOM   226  O O   . VAL A 1 29  ? 7.173   -3.910  5.788   1.00 14.01 ? 70  VAL A O   1 
ATOM   227  C CB  . VAL A 1 29  ? 4.688   -5.388  7.675   1.00 13.89 ? 70  VAL A CB  1 
ATOM   228  C CG1 . VAL A 1 29  ? 4.338   -5.751  6.239   1.00 15.00 ? 70  VAL A CG1 1 
ATOM   229  C CG2 . VAL A 1 29  ? 4.486   -6.589  8.584   1.00 15.29 ? 70  VAL A CG2 1 
ATOM   230  N N   . LEU A 1 30  ? 5.780   -2.587  6.964   1.00 12.67 ? 71  LEU A N   1 
ATOM   231  C CA  . LEU A 1 30  ? 5.941   -1.480  6.022   1.00 12.36 ? 71  LEU A CA  1 
ATOM   232  C C   . LEU A 1 30  ? 7.379   -0.986  5.990   1.00 13.35 ? 71  LEU A C   1 
ATOM   233  O O   . LEU A 1 30  ? 7.960   -0.796  4.912   1.00 12.70 ? 71  LEU A O   1 
ATOM   234  C CB  . LEU A 1 30  ? 5.003   -0.327  6.377   1.00 12.30 ? 71  LEU A CB  1 
ATOM   235  C CG  . LEU A 1 30  ? 5.093   0.792   5.311   1.00 17.81 ? 71  LEU A CG  1 
ATOM   236  C CD1 . LEU A 1 30  ? 3.711   1.251   4.868   1.00 22.51 ? 71  LEU A CD1 1 
ATOM   237  C CD2 . LEU A 1 30  ? 5.965   1.969   5.756   1.00 14.95 ? 71  LEU A CD2 1 
ATOM   238  N N   . LYS A 1 31  ? 7.974   -0.766  7.165   1.00 13.98 ? 72  LYS A N   1 
ATOM   239  C CA  . LYS A 1 31  ? 9.297   -0.162  7.186   1.00 14.40 ? 72  LYS A CA  1 
ATOM   240  C C   . LYS A 1 31  ? 10.370  -1.096  6.648   1.00 16.90 ? 72  LYS A C   1 
ATOM   241  O O   . LYS A 1 31  ? 11.401  -0.612  6.171   1.00 19.19 ? 72  LYS A O   1 
ATOM   242  C CB  . LYS A 1 31  ? 9.615   0.410   8.570   1.00 16.85 ? 72  LYS A CB  1 
ATOM   243  C CG  . LYS A 1 31  ? 8.848   1.705   8.826   1.00 18.52 ? 72  LYS A CG  1 
ATOM   244  C CD  . LYS A 1 31  ? 9.199   2.348   10.153  1.00 24.97 ? 72  LYS A CD  1 
ATOM   245  C CE  . LYS A 1 31  ? 8.296   3.541   10.413  1.00 24.86 ? 72  LYS A CE  1 
ATOM   246  N NZ  . LYS A 1 31  ? 8.525   4.142   11.755  1.00 30.38 ? 72  LYS A NZ  1 
ATOM   247  N N   . THR A 1 32  ? 10.136  -2.414  6.662   1.00 13.99 ? 73  THR A N   1 
ATOM   248  C CA  . THR A 1 32  ? 11.094  -3.318  6.039   1.00 14.41 ? 73  THR A CA  1 
ATOM   249  C C   . THR A 1 32  ? 10.886  -3.370  4.530   1.00 12.91 ? 73  THR A C   1 
ATOM   250  O O   . THR A 1 32  ? 11.850  -3.269  3.760   1.00 14.38 ? 73  THR A O   1 
ATOM   251  C CB  . THR A 1 32  ? 11.040  -4.713  6.680   1.00 15.54 ? 73  THR A CB  1 
ATOM   252  O OG1 . THR A 1 32  ? 11.201  -4.588  8.101   1.00 17.81 ? 73  THR A OG1 1 
ATOM   253  C CG2 . THR A 1 32  ? 12.141  -5.603  6.141   1.00 19.13 ? 73  THR A CG2 1 
ATOM   254  N N   . LEU A 1 33  ? 9.630   -3.514  4.086   1.00 13.67 ? 74  LEU A N   1 
ATOM   255  C CA  . LEU A 1 33  ? 9.353   -3.520  2.651   1.00 13.51 ? 74  LEU A CA  1 
ATOM   256  C C   . LEU A 1 33  ? 9.845   -2.239  1.999   1.00 13.05 ? 74  LEU A C   1 
ATOM   257  O O   . LEU A 1 33  ? 10.326  -2.259  0.856   1.00 12.66 ? 74  LEU A O   1 
ATOM   258  C CB  . LEU A 1 33  ? 7.850   -3.661  2.407   1.00 13.81 ? 74  LEU A CB  1 
ATOM   259  C CG  . LEU A 1 33  ? 7.158   -5.023  2.494   1.00 18.22 ? 74  LEU A CG  1 
ATOM   260  C CD1 . LEU A 1 33  ? 5.673   -4.842  2.205   1.00 23.16 ? 74  LEU A CD1 1 
ATOM   261  C CD2 . LEU A 1 33  ? 7.771   -5.998  1.521   1.00 25.74 ? 74  LEU A CD2 1 
ATOM   262  N N   . TRP A 1 34  ? 9.729   -1.116  2.715   1.00 12.66 ? 75  TRP A N   1 
ATOM   263  C CA  . TRP A 1 34  ? 10.129  0.185   2.188   1.00 12.87 ? 75  TRP A CA  1 
ATOM   264  C C   . TRP A 1 34  ? 11.571  0.186   1.701   1.00 13.06 ? 75  TRP A C   1 
ATOM   265  O O   . TRP A 1 34  ? 11.902  0.905   0.750   1.00 12.45 ? 75  TRP A O   1 
ATOM   266  C CB  . TRP A 1 34  ? 9.969   1.229   3.293   1.00 12.62 ? 75  TRP A CB  1 
ATOM   267  C CG  . TRP A 1 34  ? 10.006  2.655   2.823   1.00 14.19 ? 75  TRP A CG  1 
ATOM   268  C CD1 . TRP A 1 34  ? 11.114  3.456   2.691   1.00 16.32 ? 75  TRP A CD1 1 
ATOM   269  C CD2 . TRP A 1 34  ? 8.884   3.458   2.440   1.00 13.09 ? 75  TRP A CD2 1 
ATOM   270  N NE1 . TRP A 1 34  ? 10.742  4.707   2.243   1.00 14.92 ? 75  TRP A NE1 1 
ATOM   271  C CE2 . TRP A 1 34  ? 9.380   4.731   2.085   1.00 15.13 ? 75  TRP A CE2 1 
ATOM   272  C CE3 . TRP A 1 34  ? 7.508   3.221   2.360   1.00 13.46 ? 75  TRP A CE3 1 
ATOM   273  C CZ2 . TRP A 1 34  ? 8.544   5.769   1.657   1.00 14.67 ? 75  TRP A CZ2 1 
ATOM   274  C CZ3 . TRP A 1 34  ? 6.678   4.258   1.934   1.00 13.21 ? 75  TRP A CZ3 1 
ATOM   275  C CH2 . TRP A 1 34  ? 7.203   5.513   1.593   1.00 14.62 ? 75  TRP A CH2 1 
ATOM   276  N N   . LYS A 1 35  ? 12.442  -0.593  2.350   1.00 14.06 ? 76  LYS A N   1 
ATOM   277  C CA  . LYS A 1 35  ? 13.870  -0.593  2.056   1.00 13.06 ? 76  LYS A CA  1 
ATOM   278  C C   . LYS A 1 35  ? 14.270  -1.554  0.944   1.00 14.17 ? 76  LYS A C   1 
ATOM   279  O O   . LYS A 1 35  ? 15.425  -1.508  0.487   1.00 16.52 ? 76  LYS A O   1 
ATOM   280  C CB  . LYS A 1 35  ? 14.657  -0.907  3.330   1.00 14.42 ? 76  LYS A CB  1 
ATOM   281  C CG  . LYS A 1 35  ? 14.421  0.108   4.431   1.00 14.80 ? 76  LYS A CG  1 
ATOM   282  C CD  . LYS A 1 35  ? 15.039  -0.376  5.736   1.00 20.84 ? 76  LYS A CD  1 
ATOM   283  C CE  . LYS A 1 35  ? 14.760  0.600   6.867   1.00 24.65 ? 76  LYS A CE  1 
ATOM   284  N NZ  . LYS A 1 35  ? 15.325  1.948   6.557   1.00 26.47 ? 76  LYS A NZ  1 
ATOM   285  N N   . HIS A 1 36  ? 13.348  -2.390  0.476   1.00 12.56 ? 77  HIS A N   1 
ATOM   286  C CA  . HIS A 1 36  ? 13.620  -3.331  -0.602  1.00 14.20 ? 77  HIS A CA  1 
ATOM   287  C C   . HIS A 1 36  ? 13.974  -2.588  -1.887  1.00 13.28 ? 77  HIS A C   1 
ATOM   288  O O   . HIS A 1 36  ? 13.469  -1.494  -2.162  1.00 13.51 ? 77  HIS A O   1 
ATOM   289  C CB  . HIS A 1 36  ? 12.372  -4.191  -0.833  1.00 14.12 ? 77  HIS A CB  1 
ATOM   290  C CG  . HIS A 1 36  ? 12.625  -5.430  -1.633  1.00 14.11 ? 77  HIS A CG  1 
ATOM   291  N ND1 . HIS A 1 36  ? 12.683  -5.425  -3.011  1.00 13.64 ? 77  HIS A ND1 1 
ATOM   292  C CD2 . HIS A 1 36  ? 12.832  -6.713  -1.249  1.00 15.80 ? 77  HIS A CD2 1 
ATOM   293  C CE1 . HIS A 1 36  ? 12.926  -6.651  -3.441  1.00 14.25 ? 77  HIS A CE1 1 
ATOM   294  N NE2 . HIS A 1 36  ? 13.020  -7.453  -2.392  1.00 16.71 ? 77  HIS A NE2 1 
ATOM   295  N N   . GLN A 1 37  ? 14.854  -3.197  -2.690  1.00 14.47 ? 78  GLN A N   1 
ATOM   296  C CA  . GLN A 1 37  ? 15.296  -2.570  -3.936  1.00 15.22 ? 78  GLN A CA  1 
ATOM   297  C C   . GLN A 1 37  ? 14.152  -2.339  -4.918  1.00 14.04 ? 78  GLN A C   1 
ATOM   298  O O   . GLN A 1 37  ? 14.289  -1.518  -5.835  1.00 15.76 ? 78  GLN A O   1 
ATOM   299  C CB  . GLN A 1 37  ? 16.410  -3.392  -4.604  1.00 20.65 ? 78  GLN A CB  1 
ATOM   300  C CG  . GLN A 1 37  ? 16.010  -4.811  -4.984  1.00 20.53 ? 78  GLN A CG  1 
ATOM   301  C CD  . GLN A 1 37  ? 16.907  -5.429  -6.057  1.00 32.25 ? 78  GLN A CD  1 
ATOM   302  O OE1 . GLN A 1 37  ? 17.640  -4.728  -6.756  1.00 34.30 ? 78  GLN A OE1 1 
ATOM   303  N NE2 . GLN A 1 37  ? 16.839  -6.754  -6.192  1.00 31.15 ? 78  GLN A NE2 1 
ATOM   304  N N   . PHE A 1 38  ? 13.032  -3.040  -4.755  1.00 14.32 ? 79  PHE A N   1 
ATOM   305  C CA  . PHE A 1 38  ? 11.886  -2.893  -5.642  1.00 14.22 ? 79  PHE A CA  1 
ATOM   306  C C   . PHE A 1 38  ? 10.784  -2.018  -5.051  1.00 13.34 ? 79  PHE A C   1 
ATOM   307  O O   . PHE A 1 38  ? 9.710   -1.914  -5.650  1.00 14.52 ? 79  PHE A O   1 
ATOM   308  C CB  . PHE A 1 38  ? 11.303  -4.266  -6.015  1.00 14.43 ? 79  PHE A CB  1 
ATOM   309  C CG  . PHE A 1 38  ? 12.228  -5.128  -6.830  1.00 14.47 ? 79  PHE A CG  1 
ATOM   310  C CD1 . PHE A 1 38  ? 13.314  -4.581  -7.502  1.00 16.96 ? 79  PHE A CD1 1 
ATOM   311  C CD2 . PHE A 1 38  ? 12.011  -6.493  -6.918  1.00 13.44 ? 79  PHE A CD2 1 
ATOM   312  C CE1 . PHE A 1 38  ? 14.165  -5.388  -8.256  1.00 20.94 ? 79  PHE A CE1 1 
ATOM   313  C CE2 . PHE A 1 38  ? 12.856  -7.302  -7.664  1.00 18.40 ? 79  PHE A CE2 1 
ATOM   314  C CZ  . PHE A 1 38  ? 13.934  -6.749  -8.329  1.00 16.96 ? 79  PHE A CZ  1 
ATOM   315  N N   . ALA A 1 39  ? 11.022  -1.383  -3.899  1.00 12.34 ? 80  ALA A N   1 
ATOM   316  C CA  . ALA A 1 39  ? 9.959   -0.634  -3.236  1.00 12.66 ? 80  ALA A CA  1 
ATOM   317  C C   . ALA A 1 39  ? 9.671   0.716   -3.889  1.00 13.37 ? 80  ALA A C   1 
ATOM   318  O O   . ALA A 1 39  ? 8.545   1.213   -3.781  1.00 11.71 ? 80  ALA A O   1 
ATOM   319  C CB  . ALA A 1 39  ? 10.308  -0.420  -1.765  1.00 13.96 ? 80  ALA A CB  1 
ATOM   320  N N   . TRP A 1 40  ? 10.655  1.321   -4.561  1.00 11.49 ? 81  TRP A N   1 
ATOM   321  C CA  . TRP A 1 40  ? 10.533  2.713   -5.000  1.00 11.69 ? 81  TRP A CA  1 
ATOM   322  C C   . TRP A 1 40  ? 9.292   3.045   -5.828  1.00 11.86 ? 81  TRP A C   1 
ATOM   323  O O   . TRP A 1 40  ? 8.718   4.125   -5.603  1.00 12.30 ? 81  TRP A O   1 
ATOM   324  C CB  . TRP A 1 40  ? 11.842  3.213   -5.643  1.00 14.39 ? 81  TRP A CB  1 
ATOM   325  C CG  . TRP A 1 40  ? 12.238  2.489   -6.888  1.00 12.39 ? 81  TRP A CG  1 
ATOM   326  C CD1 . TRP A 1 40  ? 13.053  1.407   -6.976  1.00 12.19 ? 81  TRP A CD1 1 
ATOM   327  C CD2 . TRP A 1 40  ? 11.837  2.800   -8.232  1.00 13.23 ? 81  TRP A CD2 1 
ATOM   328  N NE1 . TRP A 1 40  ? 13.180  1.007   -8.281  1.00 12.88 ? 81  TRP A NE1 1 
ATOM   329  C CE2 . TRP A 1 40  ? 12.447  1.848   -9.075  1.00 12.52 ? 81  TRP A CE2 1 
ATOM   330  C CE3 . TRP A 1 40  ? 11.011  3.776   -8.800  1.00 16.44 ? 81  TRP A CE3 1 
ATOM   331  C CZ2 . TRP A 1 40  ? 12.260  1.846   -10.451 1.00 13.36 ? 81  TRP A CZ2 1 
ATOM   332  C CZ3 . TRP A 1 40  ? 10.837  3.780   -10.172 1.00 14.82 ? 81  TRP A CZ3 1 
ATOM   333  C CH2 . TRP A 1 40  ? 11.460  2.824   -10.981 1.00 15.00 ? 81  TRP A CH2 1 
ATOM   334  N N   . PRO A 1 41  ? 8.818   2.213   -6.767  1.00 9.75  ? 82  PRO A N   1 
ATOM   335  C CA  . PRO A 1 41  ? 7.596   2.587   -7.496  1.00 12.56 ? 82  PRO A CA  1 
ATOM   336  C C   . PRO A 1 41  ? 6.361   2.653   -6.625  1.00 12.27 ? 82  PRO A C   1 
ATOM   337  O O   . PRO A 1 41  ? 5.357   3.232   -7.055  1.00 11.87 ? 82  PRO A O   1 
ATOM   338  C CB  . PRO A 1 41  ? 7.451   1.482   -8.546  1.00 10.74 ? 82  PRO A CB  1 
ATOM   339  C CG  . PRO A 1 41  ? 8.805   0.843   -8.645  1.00 11.48 ? 82  PRO A CG  1 
ATOM   340  C CD  . PRO A 1 41  ? 9.330   0.912   -7.235  1.00 10.76 ? 82  PRO A CD  1 
ATOM   341  N N   . PHE A 1 42  ? 6.399   2.067   -5.431  1.00 11.38 ? 83  PHE A N   1 
ATOM   342  C CA  . PHE A 1 42  ? 5.220   1.875   -4.599  1.00 10.07 ? 83  PHE A CA  1 
ATOM   343  C C   . PHE A 1 42  ? 5.228   2.784   -3.380  1.00 11.47 ? 83  PHE A C   1 
ATOM   344  O O   . PHE A 1 42  ? 4.379   2.630   -2.489  1.00 11.35 ? 83  PHE A O   1 
ATOM   345  C CB  . PHE A 1 42  ? 5.102   0.390   -4.206  1.00 11.94 ? 83  PHE A CB  1 
ATOM   346  C CG  . PHE A 1 42  ? 5.095   -0.540  -5.396  1.00 10.80 ? 83  PHE A CG  1 
ATOM   347  C CD1 . PHE A 1 42  ? 3.926   -0.756  -6.104  1.00 11.57 ? 83  PHE A CD1 1 
ATOM   348  C CD2 . PHE A 1 42  ? 6.260   -1.169  -5.823  1.00 11.24 ? 83  PHE A CD2 1 
ATOM   349  C CE1 . PHE A 1 42  ? 3.909   -1.579  -7.204  1.00 14.37 ? 83  PHE A CE1 1 
ATOM   350  C CE2 . PHE A 1 42  ? 6.249   -2.008  -6.927  1.00 11.94 ? 83  PHE A CE2 1 
ATOM   351  C CZ  . PHE A 1 42  ? 5.079   -2.219  -7.619  1.00 13.17 ? 83  PHE A CZ  1 
ATOM   352  N N   . GLN A 1 43  ? 6.160   3.732   -3.320  1.00 10.78 ? 84  GLN A N   1 
ATOM   353  C CA  . GLN A 1 43  ? 6.336   4.581   -2.146  1.00 12.58 ? 84  GLN A CA  1 
ATOM   354  C C   . GLN A 1 43  ? 5.502   5.858   -2.187  1.00 11.96 ? 84  GLN A C   1 
ATOM   355  O O   . GLN A 1 43  ? 5.512   6.627   -1.213  1.00 14.58 ? 84  GLN A O   1 
ATOM   356  C CB  . GLN A 1 43  ? 7.816   4.926   -1.963  1.00 13.77 ? 84  GLN A CB  1 
ATOM   357  C CG  . GLN A 1 43  ? 8.676   3.752   -1.501  1.00 13.07 ? 84  GLN A CG  1 
ATOM   358  C CD  . GLN A 1 43  ? 10.157  4.075   -1.496  1.00 16.94 ? 84  GLN A CD  1 
ATOM   359  O OE1 . GLN A 1 43  ? 10.606  5.029   -2.133  1.00 17.69 ? 84  GLN A OE1 1 
ATOM   360  N NE2 . GLN A 1 43  ? 10.928  3.286   -0.753  1.00 17.64 ? 84  GLN A NE2 1 
ATOM   361  N N   . GLN A 1 44  ? 4.784   6.109   -3.272  1.00 11.60 ? 85  GLN A N   1 
ATOM   362  C CA  . GLN A 1 44  ? 3.965   7.305   -3.388  1.00 11.19 ? 85  GLN A CA  1 
ATOM   363  C C   . GLN A 1 44  ? 2.837   7.011   -4.357  1.00 10.32 ? 85  GLN A C   1 
ATOM   364  O O   . GLN A 1 44  ? 2.934   6.080   -5.163  1.00 12.02 ? 85  GLN A O   1 
ATOM   365  C CB  . GLN A 1 44  ? 4.789   8.499   -3.896  1.00 12.81 ? 85  GLN A CB  1 
ATOM   366  C CG  . GLN A 1 44  ? 5.443   8.290   -5.263  1.00 17.21 ? 85  GLN A CG  1 
ATOM   367  C CD  . GLN A 1 44  ? 6.599   7.303   -5.205  1.00 16.81 ? 85  GLN A CD  1 
ATOM   368  O OE1 . GLN A 1 44  ? 7.505   7.451   -4.384  1.00 18.02 ? 85  GLN A OE1 1 
ATOM   369  N NE2 . GLN A 1 44  ? 6.559   6.274   -6.055  1.00 14.04 ? 85  GLN A NE2 1 
ATOM   370  N N   . PRO A 1 45  ? 1.758   7.790   -4.321  1.00 13.24 ? 86  PRO A N   1 
ATOM   371  C CA  . PRO A 1 45  ? 0.728   7.652   -5.358  1.00 12.52 ? 86  PRO A CA  1 
ATOM   372  C C   . PRO A 1 45  ? 1.316   7.831   -6.751  1.00 13.45 ? 86  PRO A C   1 
ATOM   373  O O   . PRO A 1 45  ? 2.261   8.595   -6.961  1.00 15.19 ? 86  PRO A O   1 
ATOM   374  C CB  . PRO A 1 45  ? -0.260  8.779   -5.028  1.00 13.76 ? 86  PRO A CB  1 
ATOM   375  C CG  . PRO A 1 45  ? -0.093  9.004   -3.557  1.00 13.92 ? 86  PRO A CG  1 
ATOM   376  C CD  . PRO A 1 45  ? 1.385   8.790   -3.299  1.00 12.75 ? 86  PRO A CD  1 
ATOM   377  N N   . VAL A 1 46  ? 0.758   7.090   -7.711  1.00 12.97 ? 87  VAL A N   1 
ATOM   378  C CA  . VAL A 1 46  ? 1.144   7.254   -9.108  1.00 13.64 ? 87  VAL A CA  1 
ATOM   379  C C   . VAL A 1 46  ? 0.827   8.677   -9.561  1.00 16.36 ? 87  VAL A C   1 
ATOM   380  O O   . VAL A 1 46  ? -0.320  9.137   -9.476  1.00 15.61 ? 87  VAL A O   1 
ATOM   381  C CB  . VAL A 1 46  ? 0.447   6.206   -9.983  1.00 12.57 ? 87  VAL A CB  1 
ATOM   382  C CG1 . VAL A 1 46  ? 0.657   6.507   -11.474 1.00 15.69 ? 87  VAL A CG1 1 
ATOM   383  C CG2 . VAL A 1 46  ? 0.944   4.797   -9.642  1.00 16.39 ? 87  VAL A CG2 1 
ATOM   384  N N   . ASP A 1 47  ? 1.853   9.390   -10.027 1.00 15.03 ? 88  ASP A N   1 
ATOM   385  C CA  . ASP A 1 47  ? 1.684   10.718  -10.619 1.00 16.36 ? 88  ASP A CA  1 
ATOM   386  C C   . ASP A 1 47  ? 1.563   10.524  -12.125 1.00 13.53 ? 88  ASP A C   1 
ATOM   387  O O   . ASP A 1 47  ? 2.565   10.362  -12.827 1.00 14.74 ? 88  ASP A O   1 
ATOM   388  C CB  . ASP A 1 47  ? 2.859   11.619  -10.248 1.00 17.87 ? 88  ASP A CB  1 
ATOM   389  C CG  . ASP A 1 47  ? 2.664   13.060  -10.697 1.00 19.11 ? 88  ASP A CG  1 
ATOM   390  O OD1 . ASP A 1 47  ? 1.956   13.301  -11.697 1.00 15.78 ? 88  ASP A OD1 1 
ATOM   391  O OD2 . ASP A 1 47  ? 3.228   13.956  -10.035 1.00 21.16 ? 88  ASP A OD2 1 
ATOM   392  N N   . ALA A 1 48  ? 0.324   10.520  -12.620 1.00 14.63 ? 89  ALA A N   1 
ATOM   393  C CA  . ALA A 1 48  ? 0.065   10.202  -14.024 1.00 18.04 ? 89  ALA A CA  1 
ATOM   394  C C   . ALA A 1 48  ? 0.630   11.258  -14.963 1.00 19.27 ? 89  ALA A C   1 
ATOM   395  O O   . ALA A 1 48  ? 0.950   10.961  -16.123 1.00 17.79 ? 89  ALA A O   1 
ATOM   396  C CB  . ALA A 1 48  ? -1.444  10.082  -14.246 1.00 18.82 ? 89  ALA A CB  1 
ATOM   397  N N   . VAL A 1 49  ? 0.717   12.497  -14.489 1.00 18.55 ? 90  VAL A N   1 
ATOM   398  C CA  . VAL A 1 49  ? 1.271   13.591  -15.278 1.00 19.08 ? 90  VAL A CA  1 
ATOM   399  C C   . VAL A 1 49  ? 2.782   13.446  -15.408 1.00 18.76 ? 90  VAL A C   1 
ATOM   400  O O   . VAL A 1 49  ? 3.350   13.544  -16.504 1.00 19.33 ? 90  VAL A O   1 
ATOM   401  C CB  . VAL A 1 49  ? 0.887   14.915  -14.598 1.00 19.89 ? 90  VAL A CB  1 
ATOM   402  C CG1 . VAL A 1 49  ? 1.477   16.072  -15.331 1.00 23.34 ? 90  VAL A CG1 1 
ATOM   403  C CG2 . VAL A 1 49  ? -0.628  15.054  -14.542 1.00 24.56 ? 90  VAL A CG2 1 
ATOM   404  N N   . LYS A 1 50  ? 3.457   13.239  -14.279 1.00 15.61 ? 91  LYS A N   1 
ATOM   405  C CA  . LYS A 1 50  ? 4.903   13.046  -14.292 1.00 17.73 ? 91  LYS A CA  1 
ATOM   406  C C   . LYS A 1 50  ? 5.292   11.826  -15.121 1.00 17.21 ? 91  LYS A C   1 
ATOM   407  O O   . LYS A 1 50  ? 6.202   11.892  -15.960 1.00 17.34 ? 91  LYS A O   1 
ATOM   408  C CB  . LYS A 1 50  ? 5.386   12.904  -12.846 1.00 19.40 ? 91  LYS A CB  1 
ATOM   409  C CG  . LYS A 1 50  ? 6.804   12.429  -12.679 1.00 21.13 ? 91  LYS A CG  1 
ATOM   410  C CD  . LYS A 1 50  ? 7.790   13.571  -12.785 1.00 26.98 ? 91  LYS A CD  1 
ATOM   411  C CE  . LYS A 1 50  ? 9.208   13.044  -12.575 1.00 29.04 ? 91  LYS A CE  1 
ATOM   412  N NZ  . LYS A 1 50  ? 10.197  14.112  -12.334 1.00 29.76 ? 91  LYS A NZ  1 
ATOM   413  N N   . LEU A 1 51  ? 4.606   10.702  -14.910 1.00 15.22 ? 92  LEU A N   1 
ATOM   414  C CA  . LEU A 1 51  ? 4.974   9.441   -15.543 1.00 15.74 ? 92  LEU A CA  1 
ATOM   415  C C   . LEU A 1 51  ? 4.427   9.293   -16.956 1.00 15.77 ? 92  LEU A C   1 
ATOM   416  O O   . LEU A 1 51  ? 4.712   8.274   -17.598 1.00 17.30 ? 92  LEU A O   1 
ATOM   417  C CB  . LEU A 1 51  ? 4.511   8.254   -14.693 1.00 16.07 ? 92  LEU A CB  1 
ATOM   418  C CG  . LEU A 1 51  ? 5.084   8.158   -13.275 1.00 21.07 ? 92  LEU A CG  1 
ATOM   419  C CD1 . LEU A 1 51  ? 4.529   6.931   -12.566 1.00 18.14 ? 92  LEU A CD1 1 
ATOM   420  C CD2 . LEU A 1 51  ? 6.596   8.122   -13.312 1.00 24.78 ? 92  LEU A CD2 1 
ATOM   421  N N   . ASN A 1 52  ? 3.639   10.257  -17.433 1.00 18.31 ? 93  ASN A N   1 
ATOM   422  C CA  . ASN A 1 52  ? 3.054   10.208  -18.772 1.00 18.01 ? 93  ASN A CA  1 
ATOM   423  C C   . ASN A 1 52  ? 2.160   8.977   -18.940 1.00 20.05 ? 93  ASN A C   1 
ATOM   424  O O   . ASN A 1 52  ? 2.243   8.239   -19.924 1.00 18.99 ? 93  ASN A O   1 
ATOM   425  C CB  . ASN A 1 52  ? 4.139   10.299  -19.847 1.00 19.70 ? 93  ASN A CB  1 
ATOM   426  C CG  . ASN A 1 52  ? 5.195   11.334  -19.500 1.00 17.05 ? 93  ASN A CG  1 
ATOM   427  O OD1 . ASN A 1 52  ? 4.867   12.453  -19.115 1.00 20.88 ? 93  ASN A OD1 1 
ATOM   428  N ND2 . ASN A 1 52  ? 6.461   10.957  -19.612 1.00 19.87 ? 93  ASN A ND2 1 
ATOM   429  N N   . LEU A 1 53  ? 1.295   8.757   -17.946 1.00 17.11 ? 94  LEU A N   1 
ATOM   430  C CA  . LEU A 1 53  ? 0.337   7.652   -17.941 1.00 16.71 ? 94  LEU A CA  1 
ATOM   431  C C   . LEU A 1 53  ? -1.072  8.224   -17.832 1.00 18.02 ? 94  LEU A C   1 
ATOM   432  O O   . LEU A 1 53  ? -1.748  8.038   -16.810 1.00 15.65 ? 94  LEU A O   1 
ATOM   433  C CB  . LEU A 1 53  ? 0.607   6.696   -16.781 1.00 15.86 ? 94  LEU A CB  1 
ATOM   434  C CG  . LEU A 1 53  ? 1.999   6.073   -16.701 1.00 17.07 ? 94  LEU A CG  1 
ATOM   435  C CD1 . LEU A 1 53  ? 2.138   5.246   -15.435 1.00 16.58 ? 94  LEU A CD1 1 
ATOM   436  C CD2 . LEU A 1 53  ? 2.288   5.230   -17.934 1.00 19.88 ? 94  LEU A CD2 1 
ATOM   437  N N   . PRO A 1 54  ? -1.553  8.925   -18.864 1.00 18.16 ? 95  PRO A N   1 
ATOM   438  C CA  . PRO A 1 54  ? -2.917  9.476   -18.801 1.00 17.79 ? 95  PRO A CA  1 
ATOM   439  C C   . PRO A 1 54  ? -3.982  8.405   -18.723 1.00 16.01 ? 95  PRO A C   1 
ATOM   440  O O   . PRO A 1 54  ? -5.137  8.714   -18.395 1.00 20.85 ? 95  PRO A O   1 
ATOM   441  C CB  . PRO A 1 54  ? -3.032  10.292  -20.098 1.00 19.18 ? 95  PRO A CB  1 
ATOM   442  C CG  . PRO A 1 54  ? -2.094  9.635   -21.019 1.00 16.92 ? 95  PRO A CG  1 
ATOM   443  C CD  . PRO A 1 54  ? -0.944  9.128   -20.193 1.00 21.27 ? 95  PRO A CD  1 
ATOM   444  N N   . ASP A 1 55  ? -3.624  7.155   -18.997 1.00 14.36 ? 96  ASP A N   1 
ATOM   445  C CA  . ASP A 1 55  ? -4.542  6.035   -18.872 1.00 15.35 ? 96  ASP A CA  1 
ATOM   446  C C   . ASP A 1 55  ? -4.618  5.472   -17.457 1.00 16.47 ? 96  ASP A C   1 
ATOM   447  O O   . ASP A 1 55  ? -5.551  4.707   -17.170 1.00 14.11 ? 96  ASP A O   1 
ATOM   448  C CB  . ASP A 1 55  ? -4.056  4.902   -19.771 1.00 17.90 ? 96  ASP A CB  1 
ATOM   449  C CG  . ASP A 1 55  ? -2.575  4.588   -19.557 1.00 19.50 ? 96  ASP A CG  1 
ATOM   450  O OD1 . ASP A 1 55  ? -1.762  5.547   -19.540 1.00 21.93 ? 96  ASP A OD1 1 
ATOM   451  O OD2 . ASP A 1 55  ? -2.225  3.391   -19.420 1.00 22.36 ? 96  ASP A OD2 1 
ATOM   452  N N   . TYR A 1 56  ? -3.663  5.807   -16.578 1.00 13.67 ? 97  TYR A N   1 
ATOM   453  C CA  . TYR A 1 56  ? -3.549  5.078   -15.311 1.00 15.08 ? 97  TYR A CA  1 
ATOM   454  C C   . TYR A 1 56  ? -4.847  5.112   -14.516 1.00 14.59 ? 97  TYR A C   1 
ATOM   455  O O   . TYR A 1 56  ? -5.382  4.063   -14.140 1.00 11.74 ? 97  TYR A O   1 
ATOM   456  C CB  . TYR A 1 56  ? -2.393  5.594   -14.446 1.00 12.90 ? 97  TYR A CB  1 
ATOM   457  C CG  . TYR A 1 56  ? -2.243  4.717   -13.218 1.00 12.64 ? 97  TYR A CG  1 
ATOM   458  C CD1 . TYR A 1 56  ? -1.603  3.488   -13.305 1.00 13.34 ? 97  TYR A CD1 1 
ATOM   459  C CD2 . TYR A 1 56  ? -2.794  5.086   -11.988 1.00 12.27 ? 97  TYR A CD2 1 
ATOM   460  C CE1 . TYR A 1 56  ? -1.476  2.668   -12.202 1.00 12.79 ? 97  TYR A CE1 1 
ATOM   461  C CE2 . TYR A 1 56  ? -2.677  4.255   -10.872 1.00 13.19 ? 97  TYR A CE2 1 
ATOM   462  C CZ  . TYR A 1 56  ? -2.015  3.050   -10.994 1.00 11.87 ? 97  TYR A CZ  1 
ATOM   463  O OH  . TYR A 1 56  ? -1.906  2.225   -9.892  1.00 13.44 ? 97  TYR A OH  1 
ATOM   464  N N   . TYR A 1 57  ? -5.367  6.310   -14.257 1.00 14.18 ? 98  TYR A N   1 
ATOM   465  C CA  . TYR A 1 57  ? -6.569  6.445   -13.448 1.00 12.26 ? 98  TYR A CA  1 
ATOM   466  C C   . TYR A 1 57  ? -7.841  6.236   -14.256 1.00 13.64 ? 98  TYR A C   1 
ATOM   467  O O   . TYR A 1 57  ? -8.932  6.206   -13.674 1.00 14.66 ? 98  TYR A O   1 
ATOM   468  C CB  . TYR A 1 57  ? -6.565  7.787   -12.723 1.00 14.12 ? 98  TYR A CB  1 
ATOM   469  C CG  . TYR A 1 57  ? -5.475  7.865   -11.678 1.00 14.28 ? 98  TYR A CG  1 
ATOM   470  C CD1 . TYR A 1 57  ? -5.581  7.132   -10.504 1.00 13.76 ? 98  TYR A CD1 1 
ATOM   471  C CD2 . TYR A 1 57  ? -4.335  8.640   -11.877 1.00 13.36 ? 98  TYR A CD2 1 
ATOM   472  C CE1 . TYR A 1 57  ? -4.611  7.182   -9.548  1.00 13.49 ? 98  TYR A CE1 1 
ATOM   473  C CE2 . TYR A 1 57  ? -3.341  8.711   -10.914 1.00 13.95 ? 98  TYR A CE2 1 
ATOM   474  C CZ  . TYR A 1 57  ? -3.488  7.966   -9.747  1.00 13.47 ? 98  TYR A CZ  1 
ATOM   475  O OH  . TYR A 1 57  ? -2.525  7.994   -8.765  1.00 14.24 ? 98  TYR A OH  1 
ATOM   476  N N   . LYS A 1 58  ? -7.727  6.078   -15.576 1.00 14.11 ? 99  LYS A N   1 
ATOM   477  C CA  . LYS A 1 58  ? -8.840  5.544   -16.344 1.00 14.12 ? 99  LYS A CA  1 
ATOM   478  C C   . LYS A 1 58  ? -9.012  4.056   -16.108 1.00 14.08 ? 99  LYS A C   1 
ATOM   479  O O   . LYS A 1 58  ? -10.127 3.547   -16.257 1.00 15.92 ? 99  LYS A O   1 
ATOM   480  C CB  . LYS A 1 58  ? -8.638  5.799   -17.834 1.00 15.20 ? 99  LYS A CB  1 
ATOM   481  C CG  . LYS A 1 58  ? -8.530  7.266   -18.198 1.00 15.37 ? 99  LYS A CG  1 
ATOM   482  C CD  . LYS A 1 58  ? -8.550  7.442   -19.709 1.00 19.36 ? 99  LYS A CD  1 
ATOM   483  C CE  . LYS A 1 58  ? -8.316  8.886   -20.096 1.00 19.49 ? 99  LYS A CE  1 
ATOM   484  N NZ  . LYS A 1 58  ? -9.347  9.778   -19.514 1.00 21.68 ? 99  LYS A NZ  1 
ATOM   485  N N   . ILE A 1 59  ? -7.944  3.360   -15.723 1.00 14.48 ? 100 ILE A N   1 
ATOM   486  C CA  . ILE A 1 59  ? -7.981  1.926   -15.424 1.00 15.09 ? 100 ILE A CA  1 
ATOM   487  C C   . ILE A 1 59  ? -8.142  1.658   -13.935 1.00 14.92 ? 100 ILE A C   1 
ATOM   488  O O   . ILE A 1 59  ? -8.942  0.811   -13.536 1.00 15.17 ? 100 ILE A O   1 
ATOM   489  C CB  . ILE A 1 59  ? -6.710  1.237   -15.973 1.00 13.14 ? 100 ILE A CB  1 
ATOM   490  C CG1 . ILE A 1 59  ? -6.609  1.419   -17.489 1.00 19.70 ? 100 ILE A CG1 1 
ATOM   491  C CG2 . ILE A 1 59  ? -6.687  -0.249  -15.595 1.00 15.20 ? 100 ILE A CG2 1 
ATOM   492  C CD1 . ILE A 1 59  ? -7.568  0.539   -18.262 1.00 21.43 ? 100 ILE A CD1 1 
ATOM   493  N N   . ILE A 1 60  ? -7.367  2.351   -13.103 1.00 11.82 ? 101 ILE A N   1 
ATOM   494  C CA  . ILE A 1 60  ? -7.274  2.056   -11.676 1.00 12.61 ? 101 ILE A CA  1 
ATOM   495  C C   . ILE A 1 60  ? -8.189  3.013   -10.918 1.00 12.39 ? 101 ILE A C   1 
ATOM   496  O O   . ILE A 1 60  ? -7.932  4.224   -10.860 1.00 14.45 ? 101 ILE A O   1 
ATOM   497  C CB  . ILE A 1 60  ? -5.818  2.134   -11.197 1.00 13.72 ? 101 ILE A CB  1 
ATOM   498  C CG1 . ILE A 1 60  ? -4.989  1.030   -11.868 1.00 13.61 ? 101 ILE A CG1 1 
ATOM   499  C CG2 . ILE A 1 60  ? -5.735  2.009   -9.689  1.00 13.00 ? 101 ILE A CG2 1 
ATOM   500  C CD1 . ILE A 1 60  ? -5.505  -0.410  -11.627 1.00 12.70 ? 101 ILE A CD1 1 
ATOM   501  N N   . LYS A 1 61  ? -9.257  2.461   -10.324 1.00 13.45 ? 102 LYS A N   1 
ATOM   502  C CA  . LYS A 1 61  ? -10.276 3.254   -9.645  1.00 12.95 ? 102 LYS A CA  1 
ATOM   503  C C   . LYS A 1 61  ? -10.135 3.260   -8.132  1.00 14.38 ? 102 LYS A C   1 
ATOM   504  O O   . LYS A 1 61  ? -10.740 4.114   -7.474  1.00 14.77 ? 102 LYS A O   1 
ATOM   505  C CB  . LYS A 1 61  ? -11.689 2.783   -10.021 1.00 14.40 ? 102 LYS A CB  1 
ATOM   506  C CG  . LYS A 1 61  ? -12.004 2.789   -11.514 1.00 13.40 ? 102 LYS A CG  1 
ATOM   507  C CD  . LYS A 1 61  ? -11.744 4.154   -12.162 1.00 14.14 ? 102 LYS A CD  1 
ATOM   508  C CE  . LYS A 1 61  ? -12.045 4.148   -13.672 1.00 15.70 ? 102 LYS A CE  1 
ATOM   509  N NZ  . LYS A 1 61  ? -11.765 5.458   -14.340 1.00 15.21 ? 102 LYS A NZ  1 
ATOM   510  N N   . THR A 1 62  ? -9.366  2.344   -7.549  1.00 14.05 ? 103 THR A N   1 
ATOM   511  C CA  A THR A 1 62  ? -9.067  2.360   -6.116  0.57 13.86 ? 103 THR A CA  1 
ATOM   512  C CA  B THR A 1 62  ? -9.068  2.383   -6.117  0.43 13.88 ? 103 THR A CA  1 
ATOM   513  C C   . THR A 1 62  ? -7.554  2.341   -5.949  1.00 15.52 ? 103 THR A C   1 
ATOM   514  O O   . THR A 1 62  ? -6.969  1.317   -5.572  1.00 12.58 ? 103 THR A O   1 
ATOM   515  C CB  A THR A 1 62  ? -9.730  1.191   -5.383  0.57 16.86 ? 103 THR A CB  1 
ATOM   516  C CB  B THR A 1 62  ? -9.828  1.321   -5.312  0.43 16.86 ? 103 THR A CB  1 
ATOM   517  O OG1 A THR A 1 62  ? -9.060  -0.032  -5.716  0.57 19.87 ? 103 THR A OG1 1 
ATOM   518  O OG1 B THR A 1 62  ? -9.283  1.214   -3.991  0.43 17.84 ? 103 THR A OG1 1 
ATOM   519  C CG2 A THR A 1 62  ? -11.200 1.081   -5.756  0.57 12.47 ? 103 THR A CG2 1 
ATOM   520  C CG2 B THR A 1 62  ? -9.806  -0.027  -5.997  0.43 16.94 ? 103 THR A CG2 1 
ATOM   521  N N   . PRO A 1 63  ? -6.888  3.452   -6.250  1.00 12.95 ? 104 PRO A N   1 
ATOM   522  C CA  . PRO A 1 63  ? -5.429  3.489   -6.157  1.00 13.02 ? 104 PRO A CA  1 
ATOM   523  C C   . PRO A 1 63  ? -4.972  3.352   -4.717  1.00 12.49 ? 104 PRO A C   1 
ATOM   524  O O   . PRO A 1 63  ? -5.668  3.738   -3.774  1.00 12.68 ? 104 PRO A O   1 
ATOM   525  C CB  . PRO A 1 63  ? -5.074  4.869   -6.729  1.00 14.18 ? 104 PRO A CB  1 
ATOM   526  C CG  . PRO A 1 63  ? -6.330  5.674   -6.596  1.00 15.86 ? 104 PRO A CG  1 
ATOM   527  C CD  . PRO A 1 63  ? -7.455  4.721   -6.747  1.00 16.00 ? 104 PRO A CD  1 
ATOM   528  N N   . MET A 1 64  ? -3.792  2.762   -4.549  1.00 11.54 ? 105 MET A N   1 
ATOM   529  C CA  . MET A 1 64  ? -3.218  2.620   -3.219  1.00 10.51 ? 105 MET A CA  1 
ATOM   530  C C   . MET A 1 64  ? -1.713  2.462   -3.375  1.00 10.12 ? 105 MET A C   1 
ATOM   531  O O   . MET A 1 64  ? -1.241  1.936   -4.386  1.00 11.93 ? 105 MET A O   1 
ATOM   532  C CB  . MET A 1 64  ? -3.813  1.413   -2.485  1.00 11.36 ? 105 MET A CB  1 
ATOM   533  C CG  . MET A 1 64  ? -3.410  1.315   -1.007  1.00 10.98 ? 105 MET A CG  1 
ATOM   534  S SD  . MET A 1 64  ? -3.582  2.824   -0.014  1.00 11.62 ? 105 MET A SD  1 
ATOM   535  C CE  . MET A 1 64  ? -5.311  3.266   -0.283  1.00 12.25 ? 105 MET A CE  1 
ATOM   536  N N   . ASP A 1 65  ? -0.974  2.939   -2.376  1.00 11.37 ? 106 ASP A N   1 
ATOM   537  C CA  . ASP A 1 65  ? 0.484   2.913   -2.396  1.00 10.61 ? 106 ASP A CA  1 
ATOM   538  C C   . ASP A 1 65  ? 0.988   2.888   -0.953  1.00 10.38 ? 106 ASP A C   1 
ATOM   539  O O   . ASP A 1 65  ? 0.241   3.164   -0.011  1.00 10.17 ? 106 ASP A O   1 
ATOM   540  C CB  . ASP A 1 65  ? 1.019   4.165   -3.091  1.00 10.95 ? 106 ASP A CB  1 
ATOM   541  C CG  . ASP A 1 65  ? 0.679   5.420   -2.316  1.00 11.94 ? 106 ASP A CG  1 
ATOM   542  O OD1 . ASP A 1 65  ? -0.476  5.889   -2.430  1.00 12.05 ? 106 ASP A OD1 1 
ATOM   543  O OD2 . ASP A 1 65  ? 1.545   5.896   -1.549  1.00 11.76 ? 106 ASP A OD2 1 
ATOM   544  N N   . MET A 1 66  ? 2.280   2.571   -0.782  1.00 10.09 ? 107 MET A N   1 
ATOM   545  C CA  . MET A 1 66  ? 2.825   2.442   0.569   1.00 11.38 ? 107 MET A CA  1 
ATOM   546  C C   . MET A 1 66  ? 3.017   3.778   1.273   1.00 11.39 ? 107 MET A C   1 
ATOM   547  O O   . MET A 1 66  ? 3.055   3.802   2.504   1.00 12.37 ? 107 MET A O   1 
ATOM   548  C CB  . MET A 1 66  ? 4.151   1.678   0.572   1.00 10.67 ? 107 MET A CB  1 
ATOM   549  C CG  . MET A 1 66  ? 4.016   0.224   0.165   1.00 11.14 ? 107 MET A CG  1 
ATOM   550  S SD  . MET A 1 66  ? 5.383   -0.823  0.705   1.00 13.52 ? 107 MET A SD  1 
ATOM   551  C CE  . MET A 1 66  ? 6.734   -0.171  -0.264  1.00 14.21 ? 107 MET A CE  1 
ATOM   552  N N   . GLY A 1 67  ? 3.185   4.881   0.543   1.00 11.94 ? 108 GLY A N   1 
ATOM   553  C CA  . GLY A 1 67  ? 3.247   6.167   1.221   1.00 11.47 ? 108 GLY A CA  1 
ATOM   554  C C   . GLY A 1 67  ? 1.936   6.496   1.907   1.00 12.24 ? 108 GLY A C   1 
ATOM   555  O O   . GLY A 1 67  ? 1.912   6.911   3.069   1.00 14.17 ? 108 GLY A O   1 
ATOM   556  N N   . THR A 1 68  ? 0.828   6.267   1.207   1.00 10.92 ? 109 THR A N   1 
ATOM   557  C CA  . THR A 1 68  ? -0.493  6.402   1.806   1.00 10.91 ? 109 THR A CA  1 
ATOM   558  C C   . THR A 1 68  ? -0.657  5.457   2.991   1.00 12.28 ? 109 THR A C   1 
ATOM   559  O O   . THR A 1 68  ? -1.148  5.854   4.056   1.00 11.71 ? 109 THR A O   1 
ATOM   560  C CB  . THR A 1 68  ? -1.547  6.114   0.738   1.00 10.88 ? 109 THR A CB  1 
ATOM   561  O OG1 . THR A 1 68  ? -1.427  7.072   -0.321  1.00 13.07 ? 109 THR A OG1 1 
ATOM   562  C CG2 . THR A 1 68  ? -2.953  6.199   1.331   1.00 13.91 ? 109 THR A CG2 1 
ATOM   563  N N   . ILE A 1 69  ? -0.269  4.186   2.822   1.00 12.15 ? 110 ILE A N   1 
ATOM   564  C CA  . ILE A 1 69  ? -0.427  3.229   3.915   1.00 11.33 ? 110 ILE A CA  1 
ATOM   565  C C   . ILE A 1 69  ? 0.373   3.677   5.128   1.00 11.00 ? 110 ILE A C   1 
ATOM   566  O O   . ILE A 1 69  ? -0.123  3.648   6.262   1.00 12.05 ? 110 ILE A O   1 
ATOM   567  C CB  . ILE A 1 69  ? -0.028  1.811   3.459   1.00 12.02 ? 110 ILE A CB  1 
ATOM   568  C CG1 . ILE A 1 69  ? -0.973  1.327   2.347   1.00 13.98 ? 110 ILE A CG1 1 
ATOM   569  C CG2 . ILE A 1 69  ? -0.045  0.880   4.648   1.00 12.30 ? 110 ILE A CG2 1 
ATOM   570  C CD1 . ILE A 1 69  ? -0.564  0.012   1.687   1.00 12.23 ? 110 ILE A CD1 1 
ATOM   571  N N   . LYS A 1 70  ? 1.618   4.110   4.901   1.00 12.81 ? 111 LYS A N   1 
ATOM   572  C CA  . LYS A 1 70  ? 2.472   4.576   5.991   1.00 12.56 ? 111 LYS A CA  1 
ATOM   573  C C   . LYS A 1 70  ? 1.816   5.724   6.750   1.00 14.70 ? 111 LYS A C   1 
ATOM   574  O O   . LYS A 1 70  ? 1.783   5.730   7.986   1.00 14.76 ? 111 LYS A O   1 
ATOM   575  C CB  . LYS A 1 70  ? 3.815   5.026   5.422   1.00 14.48 ? 111 LYS A CB  1 
ATOM   576  C CG  . LYS A 1 70  ? 4.824   5.481   6.454   1.00 19.48 ? 111 LYS A CG  1 
ATOM   577  C CD  . LYS A 1 70  ? 6.131   5.824   5.764   1.00 20.04 ? 111 LYS A CD  1 
ATOM   578  C CE  . LYS A 1 70  ? 7.206   6.235   6.758   1.00 27.40 ? 111 LYS A CE  1 
ATOM   579  N NZ  . LYS A 1 70  ? 6.919   7.557   7.377   1.00 32.12 ? 111 LYS A NZ  1 
ATOM   580  N N   . LYS A 1 71  ? 1.273   6.701   6.024   1.00 14.74 ? 112 LYS A N   1 
ATOM   581  C CA  . LYS A 1 71  ? 0.625   7.830   6.685   1.00 14.82 ? 112 LYS A CA  1 
ATOM   582  C C   . LYS A 1 71  ? -0.620  7.385   7.448   1.00 14.25 ? 112 LYS A C   1 
ATOM   583  O O   . LYS A 1 71  ? -0.913  7.898   8.537   1.00 15.71 ? 112 LYS A O   1 
ATOM   584  C CB  . LYS A 1 71  ? 0.268   8.899   5.655   1.00 15.63 ? 112 LYS A CB  1 
ATOM   585  C CG  . LYS A 1 71  ? 1.419   9.830   5.337   1.00 23.92 ? 112 LYS A CG  1 
ATOM   586  C CD  . LYS A 1 71  ? 0.927   11.244  5.060   1.00 34.44 ? 112 LYS A CD  1 
ATOM   587  C CE  . LYS A 1 71  ? 0.622   11.469  3.582   1.00 38.73 ? 112 LYS A CE  1 
ATOM   588  N NZ  . LYS A 1 71  ? 0.897   12.886  3.172   1.00 44.61 ? 112 LYS A NZ  1 
ATOM   589  N N   . ARG A 1 72  ? -1.375  6.437   6.890   1.00 11.99 ? 113 ARG A N   1 
ATOM   590  C CA  . ARG A 1 72  ? -2.552  5.926   7.595   1.00 13.69 ? 113 ARG A CA  1 
ATOM   591  C C   . ARG A 1 72  ? -2.155  5.246   8.898   1.00 14.78 ? 113 ARG A C   1 
ATOM   592  O O   . ARG A 1 72  ? -2.808  5.432   9.933   1.00 13.87 ? 113 ARG A O   1 
ATOM   593  C CB  . ARG A 1 72  ? -3.331  4.959   6.694   1.00 14.62 ? 113 ARG A CB  1 
ATOM   594  C CG  . ARG A 1 72  ? -4.066  5.640   5.538   1.00 11.67 ? 113 ARG A CG  1 
ATOM   595  C CD  . ARG A 1 72  ? -4.858  4.665   4.650   1.00 13.10 ? 113 ARG A CD  1 
ATOM   596  N NE  . ARG A 1 72  ? -5.690  5.443   3.733   1.00 10.48 ? 113 ARG A NE  1 
ATOM   597  C CZ  . ARG A 1 72  ? -6.661  4.954   2.960   1.00 10.71 ? 113 ARG A CZ  1 
ATOM   598  N NH1 . ARG A 1 72  ? -6.953  3.659   2.956   1.00 12.62 ? 113 ARG A NH1 1 
ATOM   599  N NH2 . ARG A 1 72  ? -7.367  5.778   2.203   1.00 14.30 ? 113 ARG A NH2 1 
ATOM   600  N N   . LEU A 1 73  ? -1.082  4.455   8.873   1.00 13.46 ? 114 LEU A N   1 
ATOM   601  C CA  . LEU A 1 73  ? -0.633  3.794   10.092  1.00 14.98 ? 114 LEU A CA  1 
ATOM   602  C C   . LEU A 1 73  ? -0.163  4.823   11.113  1.00 16.01 ? 114 LEU A C   1 
ATOM   603  O O   . LEU A 1 73  ? -0.484  4.726   12.302  1.00 16.76 ? 114 LEU A O   1 
ATOM   604  C CB  . LEU A 1 73  ? 0.479   2.791   9.766   1.00 13.54 ? 114 LEU A CB  1 
ATOM   605  C CG  . LEU A 1 73  ? 0.038   1.522   9.039   1.00 13.37 ? 114 LEU A CG  1 
ATOM   606  C CD1 . LEU A 1 73  ? 1.231   0.841   8.386   1.00 13.86 ? 114 LEU A CD1 1 
ATOM   607  C CD2 . LEU A 1 73  ? -0.669  0.573   9.997   1.00 12.33 ? 114 LEU A CD2 1 
ATOM   608  N N   . GLU A 1 74  ? 0.558   5.847   10.652  1.00 16.55 ? 115 GLU A N   1 
ATOM   609  C CA  . GLU A 1 74  ? 1.027   6.897   11.556  1.00 17.32 ? 115 GLU A CA  1 
ATOM   610  C C   . GLU A 1 74  ? -0.130  7.679   12.173  1.00 20.56 ? 115 GLU A C   1 
ATOM   611  O O   . GLU A 1 74  ? -0.035  8.118   13.327  1.00 20.63 ? 115 GLU A O   1 
ATOM   612  C CB  . GLU A 1 74  ? 1.988   7.826   10.807  1.00 16.79 ? 115 GLU A CB  1 
ATOM   613  C CG  . GLU A 1 74  ? 3.311   7.165   10.449  1.00 18.46 ? 115 GLU A CG  1 
ATOM   614  C CD  . GLU A 1 74  ? 4.147   7.959   9.461   1.00 22.05 ? 115 GLU A CD  1 
ATOM   615  O OE1 . GLU A 1 74  ? 3.602   8.843   8.757   1.00 22.24 ? 115 GLU A OE1 1 
ATOM   616  O OE2 . GLU A 1 74  ? 5.369   7.691   9.385   1.00 28.60 ? 115 GLU A OE2 1 
ATOM   617  N N   . ASN A 1 75  ? -1.237  7.840   11.438  1.00 17.14 ? 116 ASN A N   1 
ATOM   618  C CA  A ASN A 1 75  ? -2.434  8.561   11.886  0.53 17.49 ? 116 ASN A CA  1 
ATOM   619  C CA  B ASN A 1 75  ? -2.382  8.578   11.951  0.47 17.48 ? 116 ASN A CA  1 
ATOM   620  C C   . ASN A 1 75  ? -3.352  7.717   12.760  1.00 18.68 ? 116 ASN A C   1 
ATOM   621  O O   . ASN A 1 75  ? -4.320  8.253   13.311  1.00 20.83 ? 116 ASN A O   1 
ATOM   622  C CB  A ASN A 1 75  ? -3.230  9.081   10.664  0.53 17.87 ? 116 ASN A CB  1 
ATOM   623  C CB  B ASN A 1 75  ? -3.102  9.294   10.802  0.47 18.08 ? 116 ASN A CB  1 
ATOM   624  C CG  A ASN A 1 75  ? -4.547  9.819   11.046  0.53 16.13 ? 116 ASN A CG  1 
ATOM   625  C CG  B ASN A 1 75  ? -2.191  10.256  10.058  0.47 17.31 ? 116 ASN A CG  1 
ATOM   626  O OD1 A ASN A 1 75  ? -5.661  9.284   10.892  0.53 13.13 ? 116 ASN A OD1 1 
ATOM   627  O OD1 B ASN A 1 75  ? -1.147  10.663  10.574  0.47 24.92 ? 116 ASN A OD1 1 
ATOM   628  N ND2 A ASN A 1 75  ? -4.413  11.047  11.540  0.53 16.91 ? 116 ASN A ND2 1 
ATOM   629  N ND2 B ASN A 1 75  ? -2.579  10.625  8.842   0.47 20.59 ? 116 ASN A ND2 1 
ATOM   630  N N   . ASN A 1 76  ? -3.088  6.415   12.899  1.00 17.36 ? 117 ASN A N   1 
ATOM   631  C CA  . ASN A 1 76  ? -4.022  5.480   13.537  1.00 17.75 ? 117 ASN A CA  1 
ATOM   632  C C   . ASN A 1 76  ? -5.359  5.453   12.797  1.00 16.36 ? 117 ASN A C   1 
ATOM   633  O O   . ASN A 1 76  ? -6.427  5.312   13.401  1.00 17.18 ? 117 ASN A O   1 
ATOM   634  C CB  . ASN A 1 76  ? -4.192  5.719   15.045  1.00 17.99 ? 117 ASN A CB  1 
ATOM   635  C CG  . ASN A 1 76  ? -2.877  5.593   15.795  1.00 21.87 ? 117 ASN A CG  1 
ATOM   636  O OD1 . ASN A 1 76  ? -2.177  4.586   15.675  1.00 27.83 ? 117 ASN A OD1 1 
ATOM   637  N ND2 . ASN A 1 76  ? -2.518  6.626   16.549  1.00 29.29 ? 117 ASN A ND2 1 
ATOM   638  N N   . TYR A 1 77  ? -5.276  5.573   11.464  1.00 14.51 ? 118 TYR A N   1 
ATOM   639  C CA  . TYR A 1 77  ? -6.445  5.685   10.594  1.00 13.88 ? 118 TYR A CA  1 
ATOM   640  C C   . TYR A 1 77  ? -7.260  4.399   10.549  1.00 14.92 ? 118 TYR A C   1 
ATOM   641  O O   . TYR A 1 77  ? -8.485  4.446   10.355  1.00 14.86 ? 118 TYR A O   1 
ATOM   642  C CB  . TYR A 1 77  ? -5.960  6.050   9.185   1.00 13.10 ? 118 TYR A CB  1 
ATOM   643  C CG  . TYR A 1 77  ? -7.015  6.036   8.096   1.00 11.62 ? 118 TYR A CG  1 
ATOM   644  C CD1 . TYR A 1 77  ? -7.762  7.174   7.809   1.00 14.08 ? 118 TYR A CD1 1 
ATOM   645  C CD2 . TYR A 1 77  ? -7.244  4.889   7.331   1.00 14.58 ? 118 TYR A CD2 1 
ATOM   646  C CE1 . TYR A 1 77  ? -8.713  7.166   6.807   1.00 14.63 ? 118 TYR A CE1 1 
ATOM   647  C CE2 . TYR A 1 77  ? -8.200  4.867   6.332   1.00 13.36 ? 118 TYR A CE2 1 
ATOM   648  C CZ  . TYR A 1 77  ? -8.929  6.007   6.070   1.00 13.98 ? 118 TYR A CZ  1 
ATOM   649  O OH  . TYR A 1 77  ? -9.871  5.999   5.067   1.00 16.03 ? 118 TYR A OH  1 
ATOM   650  N N   . TYR A 1 78  ? -6.611  3.252   10.711  1.00 13.20 ? 119 TYR A N   1 
ATOM   651  C CA  . TYR A 1 78  ? -7.263  1.959   10.541  1.00 13.67 ? 119 TYR A CA  1 
ATOM   652  C C   . TYR A 1 78  ? -7.913  1.469   11.830  1.00 16.48 ? 119 TYR A C   1 
ATOM   653  O O   . TYR A 1 78  ? -7.436  1.740   12.936  1.00 15.94 ? 119 TYR A O   1 
ATOM   654  C CB  . TYR A 1 78  ? -6.238  0.900   10.152  1.00 14.55 ? 119 TYR A CB  1 
ATOM   655  C CG  . TYR A 1 78  ? -5.556  1.105   8.824   1.00 10.83 ? 119 TYR A CG  1 
ATOM   656  C CD1 . TYR A 1 78  ? -6.261  0.995   7.631   1.00 13.49 ? 119 TYR A CD1 1 
ATOM   657  C CD2 . TYR A 1 78  ? -4.184  1.363   8.764   1.00 11.41 ? 119 TYR A CD2 1 
ATOM   658  C CE1 . TYR A 1 78  ? -5.626  1.163   6.401   1.00 11.87 ? 119 TYR A CE1 1 
ATOM   659  C CE2 . TYR A 1 78  ? -3.541  1.532   7.543   1.00 12.01 ? 119 TYR A CE2 1 
ATOM   660  C CZ  . TYR A 1 78  ? -4.268  1.422   6.367   1.00 12.06 ? 119 TYR A CZ  1 
ATOM   661  O OH  . TYR A 1 78  ? -3.639  1.561   5.152   1.00 12.52 ? 119 TYR A OH  1 
ATOM   662  N N   . TRP A 1 79  ? -8.977  0.676   11.666  1.00 12.53 ? 120 TRP A N   1 
ATOM   663  C CA  . TRP A 1 79  ? -9.573  -0.013  12.810  1.00 14.86 ? 120 TRP A CA  1 
ATOM   664  C C   . TRP A 1 79  ? -8.782  -1.260  13.204  1.00 13.86 ? 120 TRP A C   1 
ATOM   665  O O   . TRP A 1 79  ? -8.641  -1.562  14.394  1.00 14.63 ? 120 TRP A O   1 
ATOM   666  C CB  . TRP A 1 79  ? -11.017 -0.405  12.489  1.00 17.56 ? 120 TRP A CB  1 
ATOM   667  C CG  . TRP A 1 79  ? -11.733 -0.996  13.664  1.00 15.09 ? 120 TRP A CG  1 
ATOM   668  C CD1 . TRP A 1 79  ? -12.032 -2.312  13.876  1.00 15.80 ? 120 TRP A CD1 1 
ATOM   669  C CD2 . TRP A 1 79  ? -12.231 -0.283  14.798  1.00 13.17 ? 120 TRP A CD2 1 
ATOM   670  N NE1 . TRP A 1 79  ? -12.693 -2.458  15.070  1.00 15.48 ? 120 TRP A NE1 1 
ATOM   671  C CE2 . TRP A 1 79  ? -12.822 -1.229  15.662  1.00 14.81 ? 120 TRP A CE2 1 
ATOM   672  C CE3 . TRP A 1 79  ? -12.240 1.069   15.166  1.00 15.38 ? 120 TRP A CE3 1 
ATOM   673  C CZ2 . TRP A 1 79  ? -13.418 -0.865  16.873  1.00 17.73 ? 120 TRP A CZ2 1 
ATOM   674  C CZ3 . TRP A 1 79  ? -12.820 1.423   16.375  1.00 14.63 ? 120 TRP A CZ3 1 
ATOM   675  C CH2 . TRP A 1 79  ? -13.404 0.462   17.211  1.00 17.21 ? 120 TRP A CH2 1 
ATOM   676  N N   . ASN A 1 80  ? -8.294  -2.027  12.231  1.00 13.22 ? 121 ASN A N   1 
ATOM   677  C CA  . ASN A 1 80  ? -7.595  -3.259  12.558  1.00 12.45 ? 121 ASN A CA  1 
ATOM   678  C C   . ASN A 1 80  ? -6.579  -3.592  11.477  1.00 13.38 ? 121 ASN A C   1 
ATOM   679  O O   . ASN A 1 80  ? -6.537  -2.967  10.414  1.00 12.00 ? 121 ASN A O   1 
ATOM   680  C CB  . ASN A 1 80  ? -8.555  -4.428  12.847  1.00 12.82 ? 121 ASN A CB  1 
ATOM   681  C CG  . ASN A 1 80  ? -9.447  -4.795  11.657  1.00 14.72 ? 121 ASN A CG  1 
ATOM   682  O OD1 . ASN A 1 80  ? -9.147  -4.481  10.503  1.00 14.75 ? 121 ASN A OD1 1 
ATOM   683  N ND2 . ASN A 1 80  ? -10.560 -5.468  11.944  1.00 16.60 ? 121 ASN A ND2 1 
ATOM   684  N N   . ALA A 1 81  ? -5.769  -4.614  11.764  1.00 13.76 ? 122 ALA A N   1 
ATOM   685  C CA  . ALA A 1 81  ? -4.700  -4.993  10.843  1.00 11.06 ? 122 ALA A CA  1 
ATOM   686  C C   . ALA A 1 81  ? -5.254  -5.443  9.500   1.00 13.33 ? 122 ALA A C   1 
ATOM   687  O O   . ALA A 1 81  ? -4.658  -5.174  8.449   1.00 11.17 ? 122 ALA A O   1 
ATOM   688  C CB  . ALA A 1 81  ? -3.848  -6.094  11.477  1.00 13.56 ? 122 ALA A CB  1 
ATOM   689  N N   . GLN A 1 82  ? -6.402  -6.127  9.509   1.00 12.46 ? 123 GLN A N   1 
ATOM   690  C CA  . GLN A 1 82  ? -6.989  -6.603  8.264   1.00 13.39 ? 123 GLN A CA  1 
ATOM   691  C C   . GLN A 1 82  ? -7.288  -5.448  7.314   1.00 12.52 ? 123 GLN A C   1 
ATOM   692  O O   . GLN A 1 82  ? -7.091  -5.569  6.095   1.00 12.83 ? 123 GLN A O   1 
ATOM   693  C CB  . GLN A 1 82  ? -8.254  -7.415  8.560   1.00 15.36 ? 123 GLN A CB  1 
ATOM   694  C CG  . GLN A 1 82  ? -8.750  -8.220  7.365   1.00 27.09 ? 123 GLN A CG  1 
ATOM   695  C CD  . GLN A 1 82  ? -7.609  -8.892  6.605   1.00 31.40 ? 123 GLN A CD  1 
ATOM   696  O OE1 . GLN A 1 82  ? -7.355  -8.578  5.436   1.00 36.72 ? 123 GLN A OE1 1 
ATOM   697  N NE2 . GLN A 1 82  ? -6.912  -9.816  7.266   1.00 30.65 ? 123 GLN A NE2 1 
ATOM   698  N N   . GLU A 1 83  ? -7.757  -4.317  7.850   1.00 11.29 ? 124 GLU A N   1 
ATOM   699  C CA  . GLU A 1 83  ? -8.030  -3.160  7.004   1.00 13.75 ? 124 GLU A CA  1 
ATOM   700  C C   . GLU A 1 83  ? -6.754  -2.668  6.333   1.00 12.01 ? 124 GLU A C   1 
ATOM   701  O O   . GLU A 1 83  ? -6.764  -2.291  5.154   1.00 11.09 ? 124 GLU A O   1 
ATOM   702  C CB  . GLU A 1 83  ? -8.670  -2.051  7.838   1.00 14.31 ? 124 GLU A CB  1 
ATOM   703  C CG  . GLU A 1 83  ? -9.186  -0.888  7.027   1.00 18.00 ? 124 GLU A CG  1 
ATOM   704  C CD  . GLU A 1 83  ? -9.761  0.211   7.894   1.00 17.84 ? 124 GLU A CD  1 
ATOM   705  O OE1 . GLU A 1 83  ? -9.947  -0.019  9.113   1.00 16.77 ? 124 GLU A OE1 1 
ATOM   706  O OE2 . GLU A 1 83  ? -10.025 1.308   7.353   1.00 21.78 ? 124 GLU A OE2 1 
ATOM   707  N N   . CYS A 1 84  ? -5.643  -2.677  7.070   1.00 11.19 ? 125 CYS A N   1 
ATOM   708  C CA  . CYS A 1 84  ? -4.362  -2.282  6.491   1.00 13.51 ? 125 CYS A CA  1 
ATOM   709  C C   . CYS A 1 84  ? -3.885  -3.297  5.459   1.00 11.29 ? 125 CYS A C   1 
ATOM   710  O O   . CYS A 1 84  ? -3.441  -2.926  4.361   1.00 11.83 ? 125 CYS A O   1 
ATOM   711  C CB  . CYS A 1 84  ? -3.336  -2.128  7.613   1.00 11.45 ? 125 CYS A CB  1 
ATOM   712  S SG  . CYS A 1 84  ? -1.688  -1.767  7.012   1.00 14.20 ? 125 CYS A SG  1 
ATOM   713  N N   . ILE A 1 85  ? -3.979  -4.578  5.793   1.00 10.90 ? 126 ILE A N   1 
ATOM   714  C CA  . ILE A 1 85  ? -3.584  -5.629  4.866   1.00 11.98 ? 126 ILE A CA  1 
ATOM   715  C C   . ILE A 1 85  ? -4.353  -5.498  3.556   1.00 10.19 ? 126 ILE A C   1 
ATOM   716  O O   . ILE A 1 85  ? -3.780  -5.654  2.468   1.00 11.70 ? 126 ILE A O   1 
ATOM   717  C CB  . ILE A 1 85  ? -3.738  -7.007  5.534   1.00 12.99 ? 126 ILE A CB  1 
ATOM   718  C CG1 . ILE A 1 85  ? -2.657  -7.184  6.611   1.00 11.82 ? 126 ILE A CG1 1 
ATOM   719  C CG2 . ILE A 1 85  ? -3.706  -8.118  4.500   1.00 14.55 ? 126 ILE A CG2 1 
ATOM   720  C CD1 . ILE A 1 85  ? -2.927  -8.302  7.615   1.00 15.08 ? 126 ILE A CD1 1 
ATOM   721  N N   . GLN A 1 86  ? -5.646  -5.164  3.637   1.00 11.38 ? 127 GLN A N   1 
ATOM   722  C CA  . GLN A 1 86  ? -6.447  -4.960  2.432   1.00 12.78 ? 127 GLN A CA  1 
ATOM   723  C C   . GLN A 1 86  ? -5.869  -3.868  1.542   1.00 12.25 ? 127 GLN A C   1 
ATOM   724  O O   . GLN A 1 86  ? -5.898  -4.000  0.317   1.00 12.42 ? 127 GLN A O   1 
ATOM   725  C CB  . GLN A 1 86  ? -7.904  -4.654  2.794   1.00 15.47 ? 127 GLN A CB  1 
ATOM   726  C CG  . GLN A 1 86  ? -8.693  -5.912  3.182   1.00 26.78 ? 127 GLN A CG  1 
ATOM   727  C CD  . GLN A 1 86  ? -9.986  -5.626  3.946   1.00 32.11 ? 127 GLN A CD  1 
ATOM   728  O OE1 . GLN A 1 86  ? -10.534 -4.523  3.892   1.00 36.09 ? 127 GLN A OE1 1 
ATOM   729  N NE2 . GLN A 1 86  ? -10.471 -6.632  4.670   1.00 35.18 ? 127 GLN A NE2 1 
ATOM   730  N N   . ASP A 1 87  ? -5.326  -2.787  2.132   1.00 10.41 ? 128 ASP A N   1 
ATOM   731  C CA  . ASP A 1 87  ? -4.713  -1.740  1.307   1.00 11.19 ? 128 ASP A CA  1 
ATOM   732  C C   . ASP A 1 87  ? -3.457  -2.248  0.599   1.00 11.57 ? 128 ASP A C   1 
ATOM   733  O O   . ASP A 1 87  ? -3.230  -1.919  -0.571  1.00 11.33 ? 128 ASP A O   1 
ATOM   734  C CB  . ASP A 1 87  ? -4.371  -0.508  2.151   1.00 11.44 ? 128 ASP A CB  1 
ATOM   735  C CG  . ASP A 1 87  ? -5.575  0.385   2.418   1.00 13.56 ? 128 ASP A CG  1 
ATOM   736  O OD1 . ASP A 1 87  ? -6.631  0.210   1.762   1.00 13.22 ? 128 ASP A OD1 1 
ATOM   737  O OD2 . ASP A 1 87  ? -5.445  1.259   3.304   1.00 12.42 ? 128 ASP A OD2 1 
ATOM   738  N N   . PHE A 1 88  ? -2.619  -3.035  1.291   1.00 9.56  ? 129 PHE A N   1 
ATOM   739  C CA  . PHE A 1 88  ? -1.485  -3.658  0.613   1.00 11.96 ? 129 PHE A CA  1 
ATOM   740  C C   . PHE A 1 88  ? -1.967  -4.520  -0.542  1.00 10.71 ? 129 PHE A C   1 
ATOM   741  O O   . PHE A 1 88  ? -1.421  -4.459  -1.647  1.00 11.56 ? 129 PHE A O   1 
ATOM   742  C CB  . PHE A 1 88  ? -0.674  -4.512  1.586   1.00 10.71 ? 129 PHE A CB  1 
ATOM   743  C CG  . PHE A 1 88  ? 0.364   -3.752  2.372   1.00 12.40 ? 129 PHE A CG  1 
ATOM   744  C CD1 . PHE A 1 88  ? 1.610   -3.462  1.828   1.00 12.69 ? 129 PHE A CD1 1 
ATOM   745  C CD2 . PHE A 1 88  ? 0.111   -3.379  3.688   1.00 12.61 ? 129 PHE A CD2 1 
ATOM   746  C CE1 . PHE A 1 88  ? 2.568   -2.785  2.585   1.00 14.09 ? 129 PHE A CE1 1 
ATOM   747  C CE2 . PHE A 1 88  ? 1.056   -2.705  4.435   1.00 13.38 ? 129 PHE A CE2 1 
ATOM   748  C CZ  . PHE A 1 88  ? 2.291   -2.419  3.892   1.00 12.64 ? 129 PHE A CZ  1 
ATOM   749  N N   . ASN A 1 89  ? -2.990  -5.341  -0.301  1.00 10.86 ? 130 ASN A N   1 
ATOM   750  C CA  . ASN A 1 89  ? -3.483  -6.212  -1.362  1.00 13.42 ? 130 ASN A CA  1 
ATOM   751  C C   . ASN A 1 89  ? -4.038  -5.408  -2.536  1.00 12.66 ? 130 ASN A C   1 
ATOM   752  O O   . ASN A 1 89  ? -3.840  -5.782  -3.698  1.00 12.32 ? 130 ASN A O   1 
ATOM   753  C CB  . ASN A 1 89  ? -4.502  -7.204  -0.808  1.00 14.65 ? 130 ASN A CB  1 
ATOM   754  C CG  . ASN A 1 89  ? -3.840  -8.306  -0.003  1.00 18.60 ? 130 ASN A CG  1 
ATOM   755  O OD1 . ASN A 1 89  ? -2.690  -8.670  -0.264  1.00 28.29 ? 130 ASN A OD1 1 
ATOM   756  N ND2 . ASN A 1 89  ? -4.561  -8.852  0.961   1.00 24.57 ? 130 ASN A ND2 1 
ATOM   757  N N   . THR A 1 90  ? -4.728  -4.303  -2.257  1.00 12.17 ? 131 THR A N   1 
ATOM   758  C CA  . THR A 1 90  ? -5.196  -3.435  -3.333  1.00 10.97 ? 131 THR A CA  1 
ATOM   759  C C   . THR A 1 90  ? -4.029  -2.878  -4.141  1.00 11.02 ? 131 THR A C   1 
ATOM   760  O O   . THR A 1 90  ? -4.091  -2.802  -5.381  1.00 11.66 ? 131 THR A O   1 
ATOM   761  C CB  . THR A 1 90  ? -6.025  -2.308  -2.730  1.00 11.24 ? 131 THR A CB  1 
ATOM   762  O OG1 . THR A 1 90  ? -7.254  -2.853  -2.235  1.00 13.93 ? 131 THR A OG1 1 
ATOM   763  C CG2 . THR A 1 90  ? -6.329  -1.223  -3.770  1.00 12.82 ? 131 THR A CG2 1 
ATOM   764  N N   . MET A 1 91  ? -2.958  -2.468  -3.459  1.00 9.79  ? 132 MET A N   1 
ATOM   765  C CA  . MET A 1 91  ? -1.787  -1.954  -4.162  1.00 10.75 ? 132 MET A CA  1 
ATOM   766  C C   . MET A 1 91  ? -1.202  -3.006  -5.099  1.00 12.43 ? 132 MET A C   1 
ATOM   767  O O   . MET A 1 91  ? -0.883  -2.715  -6.257  1.00 11.70 ? 132 MET A O   1 
ATOM   768  C CB  . MET A 1 91  ? -0.738  -1.502  -3.149  1.00 10.49 ? 132 MET A CB  1 
ATOM   769  C CG  . MET A 1 91  ? 0.560   -1.030  -3.786  1.00 10.79 ? 132 MET A CG  1 
ATOM   770  S SD  . MET A 1 91  ? 1.772   -0.620  -2.523  1.00 11.21 ? 132 MET A SD  1 
ATOM   771  C CE  . MET A 1 91  ? 2.471   -2.227  -2.209  1.00 13.62 ? 132 MET A CE  1 
ATOM   772  N N   . PHE A 1 92  ? -1.057  -4.243  -4.615  1.00 9.80  ? 133 PHE A N   1 
ATOM   773  C CA  . PHE A 1 92  ? -0.482  -5.292  -5.449  1.00 10.13 ? 133 PHE A CA  1 
ATOM   774  C C   . PHE A 1 92  ? -1.389  -5.608  -6.632  1.00 11.00 ? 133 PHE A C   1 
ATOM   775  O O   . PHE A 1 92  ? -0.929  -5.650  -7.780  1.00 12.15 ? 133 PHE A O   1 
ATOM   776  C CB  . PHE A 1 92  ? -0.192  -6.547  -4.620  1.00 12.11 ? 133 PHE A CB  1 
ATOM   777  C CG  . PHE A 1 92  ? 0.910   -6.367  -3.609  1.00 10.05 ? 133 PHE A CG  1 
ATOM   778  C CD1 . PHE A 1 92  ? 2.140   -5.854  -3.979  1.00 13.67 ? 133 PHE A CD1 1 
ATOM   779  C CD2 . PHE A 1 92  ? 0.707   -6.715  -2.281  1.00 12.25 ? 133 PHE A CD2 1 
ATOM   780  C CE1 . PHE A 1 92  ? 3.150   -5.684  -3.048  1.00 12.89 ? 133 PHE A CE1 1 
ATOM   781  C CE2 . PHE A 1 92  ? 1.718   -6.553  -1.336  1.00 12.97 ? 133 PHE A CE2 1 
ATOM   782  C CZ  . PHE A 1 92  ? 2.939   -6.038  -1.724  1.00 14.80 ? 133 PHE A CZ  1 
ATOM   783  N N   . THR A 1 93  ? -2.690  -5.800  -6.374  1.00 13.09 ? 134 THR A N   1 
ATOM   784  C CA  . THR A 1 93  ? -3.612  -6.167  -7.446  1.00 13.14 ? 134 THR A CA  1 
ATOM   785  C C   . THR A 1 93  ? -3.755  -5.059  -8.488  1.00 12.71 ? 134 THR A C   1 
ATOM   786  O O   . THR A 1 93  ? -3.851  -5.355  -9.679  1.00 13.07 ? 134 THR A O   1 
ATOM   787  C CB  . THR A 1 93  ? -4.972  -6.590  -6.889  1.00 15.79 ? 134 THR A CB  1 
ATOM   788  O OG1 . THR A 1 93  ? -5.554  -5.511  -6.162  1.00 22.16 ? 134 THR A OG1 1 
ATOM   789  C CG2 . THR A 1 93  ? -4.808  -7.797  -5.968  1.00 14.85 ? 134 THR A CG2 1 
ATOM   790  N N   . ASN A 1 94  ? -3.764  -3.785  -8.067  1.00 11.25 ? 135 ASN A N   1 
ATOM   791  C CA  . ASN A 1 94  ? -3.751  -2.685  -9.035  1.00 11.63 ? 135 ASN A CA  1 
ATOM   792  C C   . ASN A 1 94  ? -2.600  -2.837  -10.013 1.00 13.71 ? 135 ASN A C   1 
ATOM   793  O O   . ASN A 1 94  ? -2.751  -2.600  -11.216 1.00 13.67 ? 135 ASN A O   1 
ATOM   794  C CB  . ASN A 1 94  ? -3.591  -1.340  -8.323  1.00 11.61 ? 135 ASN A CB  1 
ATOM   795  C CG  . ASN A 1 94  ? -4.849  -0.902  -7.608  1.00 11.90 ? 135 ASN A CG  1 
ATOM   796  O OD1 . ASN A 1 94  ? -5.915  -1.484  -7.795  1.00 14.32 ? 135 ASN A OD1 1 
ATOM   797  N ND2 . ASN A 1 94  ? -4.725  0.141   -6.783  1.00 12.56 ? 135 ASN A ND2 1 
ATOM   798  N N   . CYS A 1 95  ? -1.432  -3.232  -9.517  1.00 11.92 ? 136 CYS A N   1 
ATOM   799  C CA  . CYS A 1 95  ? -0.285  -3.321  -10.407 1.00 10.70 ? 136 CYS A CA  1 
ATOM   800  C C   . CYS A 1 95  ? -0.460  -4.475  -11.395 1.00 12.43 ? 136 CYS A C   1 
ATOM   801  O O   . CYS A 1 95  ? -0.130  -4.340  -12.579 1.00 14.45 ? 136 CYS A O   1 
ATOM   802  C CB  . CYS A 1 95  ? 0.986   -3.464  -9.564  1.00 11.24 ? 136 CYS A CB  1 
ATOM   803  S SG  . CYS A 1 95  ? 2.543   -3.618  -10.480 1.00 12.86 ? 136 CYS A SG  1 
ATOM   804  N N   . TYR A 1 96  ? -1.028  -5.600  -10.945 1.00 12.89 ? 137 TYR A N   1 
ATOM   805  C CA  . TYR A 1 96  ? -1.306  -6.695  -11.875 1.00 13.23 ? 137 TYR A CA  1 
ATOM   806  C C   . TYR A 1 96  ? -2.384  -6.307  -12.881 1.00 17.54 ? 137 TYR A C   1 
ATOM   807  O O   . TYR A 1 96  ? -2.291  -6.654  -14.066 1.00 19.56 ? 137 TYR A O   1 
ATOM   808  C CB  . TYR A 1 96  ? -1.682  -7.960  -11.102 1.00 13.24 ? 137 TYR A CB  1 
ATOM   809  C CG  . TYR A 1 96  ? -0.680  -8.298  -10.031 1.00 11.25 ? 137 TYR A CG  1 
ATOM   810  C CD1 . TYR A 1 96  ? 0.684   -8.155  -10.256 1.00 13.40 ? 137 TYR A CD1 1 
ATOM   811  C CD2 . TYR A 1 96  ? -1.096  -8.740  -8.776  1.00 13.06 ? 137 TYR A CD2 1 
ATOM   812  C CE1 . TYR A 1 96  ? 1.607   -8.454  -9.267  1.00 13.47 ? 137 TYR A CE1 1 
ATOM   813  C CE2 . TYR A 1 96  ? -0.174  -9.041  -7.785  1.00 13.58 ? 137 TYR A CE2 1 
ATOM   814  C CZ  . TYR A 1 96  ? 1.168   -8.890  -8.035  1.00 12.27 ? 137 TYR A CZ  1 
ATOM   815  O OH  . TYR A 1 96  ? 2.080   -9.182  -7.056  1.00 13.91 ? 137 TYR A OH  1 
ATOM   816  N N   . ILE A 1 97  ? -3.392  -5.551  -12.440 1.00 14.54 ? 138 ILE A N   1 
ATOM   817  C CA  . ILE A 1 97  ? -4.454  -5.115  -13.348 1.00 18.01 ? 138 ILE A CA  1 
ATOM   818  C C   . ILE A 1 97  ? -3.917  -4.138  -14.389 1.00 15.99 ? 138 ILE A C   1 
ATOM   819  O O   . ILE A 1 97  ? -4.199  -4.263  -15.590 1.00 18.43 ? 138 ILE A O   1 
ATOM   820  C CB  . ILE A 1 97  ? -5.631  -4.518  -12.555 1.00 12.59 ? 138 ILE A CB  1 
ATOM   821  C CG1 . ILE A 1 97  ? -6.365  -5.619  -11.787 1.00 13.96 ? 138 ILE A CG1 1 
ATOM   822  C CG2 . ILE A 1 97  ? -6.601  -3.803  -13.493 1.00 14.29 ? 138 ILE A CG2 1 
ATOM   823  C CD1 . ILE A 1 97  ? -7.297  -5.101  -10.698 1.00 17.23 ? 138 ILE A CD1 1 
ATOM   824  N N   . TYR A 1 98  ? -3.136  -3.145  -13.949 1.00 17.90 ? 139 TYR A N   1 
ATOM   825  C CA  . TYR A 1 98  ? -2.748  -2.073  -14.855 1.00 13.80 ? 139 TYR A CA  1 
ATOM   826  C C   . TYR A 1 98  ? -1.732  -2.538  -15.888 1.00 16.54 ? 139 TYR A C   1 
ATOM   827  O O   . TYR A 1 98  ? -1.664  -1.972  -16.987 1.00 18.20 ? 139 TYR A O   1 
ATOM   828  C CB  . TYR A 1 98  ? -2.225  -0.849  -14.084 1.00 14.90 ? 139 TYR A CB  1 
ATOM   829  C CG  . TYR A 1 98  ? -1.708  0.233   -15.011 1.00 15.13 ? 139 TYR A CG  1 
ATOM   830  C CD1 . TYR A 1 98  ? -2.577  0.935   -15.851 1.00 15.03 ? 139 TYR A CD1 1 
ATOM   831  C CD2 . TYR A 1 98  ? -0.350  0.519   -15.090 1.00 15.61 ? 139 TYR A CD2 1 
ATOM   832  C CE1 . TYR A 1 98  ? -2.110  1.904   -16.722 1.00 15.88 ? 139 TYR A CE1 1 
ATOM   833  C CE2 . TYR A 1 98  ? 0.134   1.482   -15.965 1.00 17.93 ? 139 TYR A CE2 1 
ATOM   834  C CZ  . TYR A 1 98  ? -0.756  2.169   -16.783 1.00 16.81 ? 139 TYR A CZ  1 
ATOM   835  O OH  . TYR A 1 98  ? -0.292  3.123   -17.651 1.00 16.64 ? 139 TYR A OH  1 
ATOM   836  N N   . ASN A 1 99  ? -0.940  -3.558  -15.566 1.00 16.07 ? 140 ASN A N   1 
ATOM   837  C CA  . ASN A 1 99  ? 0.165   -3.982  -16.396 1.00 18.23 ? 140 ASN A CA  1 
ATOM   838  C C   . ASN A 1 99  ? -0.162  -5.345  -17.010 1.00 23.27 ? 140 ASN A C   1 
ATOM   839  O O   . ASN A 1 99  ? -1.344  -5.631  -17.282 1.00 27.54 ? 140 ASN A O   1 
ATOM   840  C CB  . ASN A 1 99  ? 1.442   -3.930  -15.568 1.00 17.98 ? 140 ASN A CB  1 
ATOM   841  C CG  . ASN A 1 99  ? 1.719   -2.533  -15.065 1.00 12.95 ? 140 ASN A CG  1 
ATOM   842  O OD1 . ASN A 1 99  ? 2.075   -1.653  -15.849 1.00 15.35 ? 140 ASN A OD1 1 
ATOM   843  N ND2 . ASN A 1 99  ? 1.512   -2.302  -13.765 1.00 12.85 ? 140 ASN A ND2 1 
ATOM   844  N N   . LYS A 1 100 ? 0.858   -6.159  -17.255 1.00 19.29 ? 141 LYS A N   1 
ATOM   845  C CA  . LYS A 1 100 ? 0.657   -7.481  -17.836 1.00 23.28 ? 141 LYS A CA  1 
ATOM   846  C C   . LYS A 1 100 ? 1.770   -8.395  -17.345 1.00 22.39 ? 141 LYS A C   1 
ATOM   847  O O   . LYS A 1 100 ? 2.826   -7.915  -16.914 1.00 15.28 ? 141 LYS A O   1 
ATOM   848  C CB  . LYS A 1 100 ? 0.617   -7.417  -19.374 1.00 26.57 ? 141 LYS A CB  1 
ATOM   849  C CG  . LYS A 1 100 ? 1.901   -6.919  -20.020 1.00 26.09 ? 141 LYS A CG  1 
ATOM   850  C CD  . LYS A 1 100 ? 1.664   -6.386  -21.449 1.00 30.57 ? 141 LYS A CD  1 
ATOM   851  C CE  . LYS A 1 100 ? 1.298   -7.498  -22.413 1.00 28.28 ? 141 LYS A CE  1 
ATOM   852  N NZ  . LYS A 1 100 ? 1.541   -7.121  -23.844 1.00 25.86 ? 141 LYS A NZ  1 
ATOM   853  N N   . PRO A 1 101 ? 1.560   -9.713  -17.365 1.00 20.03 ? 142 PRO A N   1 
ATOM   854  C CA  . PRO A 1 101 ? 2.568   -10.629 -16.825 1.00 19.81 ? 142 PRO A CA  1 
ATOM   855  C C   . PRO A 1 101 ? 3.923   -10.424 -17.485 1.00 19.05 ? 142 PRO A C   1 
ATOM   856  O O   . PRO A 1 101 ? 4.020   -10.138 -18.680 1.00 20.33 ? 142 PRO A O   1 
ATOM   857  C CB  . PRO A 1 101 ? 1.996   -12.011 -17.152 1.00 22.47 ? 142 PRO A CB  1 
ATOM   858  C CG  . PRO A 1 101 ? 0.534   -11.792 -17.173 1.00 24.51 ? 142 PRO A CG  1 
ATOM   859  C CD  . PRO A 1 101 ? 0.340   -10.433 -17.764 1.00 26.13 ? 142 PRO A CD  1 
ATOM   860  N N   . GLY A 1 102 ? 4.970   -10.539 -16.678 1.00 16.47 ? 143 GLY A N   1 
ATOM   861  C CA  . GLY A 1 102 ? 6.324   -10.441 -17.159 1.00 15.74 ? 143 GLY A CA  1 
ATOM   862  C C   . GLY A 1 102 ? 6.890   -9.036  -17.207 1.00 18.39 ? 143 GLY A C   1 
ATOM   863  O O   . GLY A 1 102 ? 8.111   -8.888  -17.337 1.00 17.87 ? 143 GLY A O   1 
ATOM   864  N N   . ASP A 1 103 ? 6.047   -8.003  -17.126 1.00 14.47 ? 144 ASP A N   1 
ATOM   865  C CA  . ASP A 1 103 ? 6.540   -6.630  -17.125 1.00 13.92 ? 144 ASP A CA  1 
ATOM   866  C C   . ASP A 1 103 ? 7.447   -6.416  -15.919 1.00 13.57 ? 144 ASP A C   1 
ATOM   867  O O   . ASP A 1 103 ? 7.224   -6.984  -14.848 1.00 11.57 ? 144 ASP A O   1 
ATOM   868  C CB  . ASP A 1 103 ? 5.379   -5.651  -16.997 1.00 12.48 ? 144 ASP A CB  1 
ATOM   869  C CG  . ASP A 1 103 ? 4.606   -5.466  -18.282 1.00 19.43 ? 144 ASP A CG  1 
ATOM   870  O OD1 . ASP A 1 103 ? 4.980   -6.055  -19.323 1.00 19.72 ? 144 ASP A OD1 1 
ATOM   871  O OD2 . ASP A 1 103 ? 3.618   -4.703  -18.249 1.00 19.77 ? 144 ASP A OD2 1 
ATOM   872  N N   . ASP A 1 104 ? 8.465   -5.564  -16.090 1.00 14.69 ? 145 ASP A N   1 
ATOM   873  C CA  . ASP A 1 104 ? 9.392   -5.279  -14.994 1.00 12.71 ? 145 ASP A CA  1 
ATOM   874  C C   . ASP A 1 104 ? 8.664   -4.849  -13.718 1.00 13.07 ? 145 ASP A C   1 
ATOM   875  O O   . ASP A 1 104 ? 9.025   -5.283  -12.618 1.00 11.53 ? 145 ASP A O   1 
ATOM   876  C CB  . ASP A 1 104 ? 10.399  -4.201  -15.407 1.00 15.21 ? 145 ASP A CB  1 
ATOM   877  C CG  . ASP A 1 104 ? 11.575  -4.757  -16.198 1.00 15.72 ? 145 ASP A CG  1 
ATOM   878  O OD1 . ASP A 1 104 ? 11.714  -6.001  -16.299 1.00 15.23 ? 145 ASP A OD1 1 
ATOM   879  O OD2 . ASP A 1 104 ? 12.366  -3.942  -16.715 1.00 17.33 ? 145 ASP A OD2 1 
ATOM   880  N N   . ILE A 1 105 ? 7.654   -3.980  -13.839 1.00 13.44 ? 146 ILE A N   1 
ATOM   881  C CA  . ILE A 1 105 ? 6.950   -3.504  -12.645 1.00 12.38 ? 146 ILE A CA  1 
ATOM   882  C C   . ILE A 1 105 ? 6.180   -4.634  -11.980 1.00 11.22 ? 146 ILE A C   1 
ATOM   883  O O   . ILE A 1 105 ? 6.029   -4.658  -10.752 1.00 11.14 ? 146 ILE A O   1 
ATOM   884  C CB  . ILE A 1 105 ? 6.046   -2.298  -12.974 1.00 14.01 ? 146 ILE A CB  1 
ATOM   885  C CG1 . ILE A 1 105 ? 5.494   -1.662  -11.689 1.00 14.10 ? 146 ILE A CG1 1 
ATOM   886  C CG2 . ILE A 1 105 ? 4.918   -2.698  -13.926 1.00 15.39 ? 146 ILE A CG2 1 
ATOM   887  C CD1 . ILE A 1 105 ? 6.540   -0.937  -10.889 1.00 15.82 ? 146 ILE A CD1 1 
ATOM   888  N N   . VAL A 1 106 ? 5.692   -5.587  -12.771 1.00 11.34 ? 147 VAL A N   1 
ATOM   889  C CA  . VAL A 1 106 ? 4.980   -6.735  -12.223 1.00 11.22 ? 147 VAL A CA  1 
ATOM   890  C C   . VAL A 1 106 ? 5.932   -7.666  -11.493 1.00 12.84 ? 147 VAL A C   1 
ATOM   891  O O   . VAL A 1 106 ? 5.593   -8.200  -10.429 1.00 13.06 ? 147 VAL A O   1 
ATOM   892  C CB  . VAL A 1 106 ? 4.187   -7.444  -13.337 1.00 13.06 ? 147 VAL A CB  1 
ATOM   893  C CG1 . VAL A 1 106 ? 3.715   -8.829  -12.889 1.00 15.15 ? 147 VAL A CG1 1 
ATOM   894  C CG2 . VAL A 1 106 ? 3.020   -6.577  -13.739 1.00 14.21 ? 147 VAL A CG2 1 
ATOM   895  N N   . LEU A 1 107 ? 7.133   -7.887  -12.045 1.00 11.87 ? 148 LEU A N   1 
ATOM   896  C CA  . LEU A 1 107 ? 8.128   -8.688  -11.335 1.00 13.45 ? 148 LEU A CA  1 
ATOM   897  C C   . LEU A 1 107 ? 8.465   -8.051  -9.994  1.00 11.21 ? 148 LEU A C   1 
ATOM   898  O O   . LEU A 1 107 ? 8.690   -8.753  -8.996  1.00 12.95 ? 148 LEU A O   1 
ATOM   899  C CB  . LEU A 1 107 ? 9.392   -8.835  -12.185 1.00 12.98 ? 148 LEU A CB  1 
ATOM   900  C CG  . LEU A 1 107 ? 9.271   -9.508  -13.550 1.00 14.50 ? 148 LEU A CG  1 
ATOM   901  C CD1 . LEU A 1 107 ? 10.611  -9.486  -14.271 1.00 16.78 ? 148 LEU A CD1 1 
ATOM   902  C CD2 . LEU A 1 107 ? 8.783   -10.924 -13.393 1.00 17.14 ? 148 LEU A CD2 1 
ATOM   903  N N   . MET A 1 108 ? 8.496   -6.717  -9.950  1.00 10.83 ? 149 MET A N   1 
ATOM   904  C CA  . MET A 1 108 ? 8.760   -6.023  -8.694  1.00 10.95 ? 149 MET A CA  1 
ATOM   905  C C   . MET A 1 108 ? 7.634   -6.268  -7.700  1.00 11.80 ? 149 MET A C   1 
ATOM   906  O O   . MET A 1 108 ? 7.876   -6.622  -6.541  1.00 11.93 ? 149 MET A O   1 
ATOM   907  C CB  . MET A 1 108 ? 8.930   -4.522  -8.944  1.00 11.55 ? 149 MET A CB  1 
ATOM   908  C CG  . MET A 1 108 ? 10.228  -4.161  -9.678  1.00 10.85 ? 149 MET A CG  1 
ATOM   909  S SD  . MET A 1 108 ? 10.321  -2.402  -10.028 1.00 21.14 ? 149 MET A SD  1 
ATOM   910  C CE  . MET A 1 108 ? 11.520  -1.817  -8.880  1.00 21.99 ? 149 MET A CE  1 
ATOM   911  N N   . ALA A 1 109 ? 6.386   -6.078  -8.139  1.00 12.01 ? 150 ALA A N   1 
ATOM   912  C CA  . ALA A 1 109 ? 5.250   -6.318  -7.249  1.00 11.35 ? 150 ALA A CA  1 
ATOM   913  C C   . ALA A 1 109 ? 5.193   -7.772  -6.773  1.00 10.63 ? 150 ALA A C   1 
ATOM   914  O O   . ALA A 1 109 ? 4.895   -8.035  -5.602  1.00 12.29 ? 150 ALA A O   1 
ATOM   915  C CB  . ALA A 1 109 ? 3.941   -5.911  -7.925  1.00 11.78 ? 150 ALA A CB  1 
ATOM   916  N N   . GLU A 1 110 ? 5.458   -8.732  -7.668  1.00 12.46 ? 151 GLU A N   1 
ATOM   917  C CA  . GLU A 1 110 ? 5.441   -10.141 -7.272  1.00 13.59 ? 151 GLU A CA  1 
ATOM   918  C C   . GLU A 1 110 ? 6.431   -10.418 -6.142  1.00 12.11 ? 151 GLU A C   1 
ATOM   919  O O   . GLU A 1 110 ? 6.115   -11.138 -5.182  1.00 13.76 ? 151 GLU A O   1 
ATOM   920  C CB  . GLU A 1 110 ? 5.748   -11.038 -8.474  1.00 13.80 ? 151 GLU A CB  1 
ATOM   921  C CG  . GLU A 1 110 ? 4.644   -11.103 -9.534  1.00 15.66 ? 151 GLU A CG  1 
ATOM   922  C CD  . GLU A 1 110 ? 5.120   -11.694 -10.858 1.00 16.66 ? 151 GLU A CD  1 
ATOM   923  O OE1 . GLU A 1 110 ? 6.344   -11.870 -11.031 1.00 18.69 ? 151 GLU A OE1 1 
ATOM   924  O OE2 . GLU A 1 110 ? 4.262   -11.976 -11.722 1.00 19.93 ? 151 GLU A OE2 1 
ATOM   925  N N   . ALA A 1 111 ? 7.644   -9.873  -6.252  1.00 12.22 ? 152 ALA A N   1 
ATOM   926  C CA  . ALA A 1 111 ? 8.654   -10.068 -5.219  1.00 14.28 ? 152 ALA A CA  1 
ATOM   927  C C   . ALA A 1 111 ? 8.220   -9.423  -3.910  1.00 13.72 ? 152 ALA A C   1 
ATOM   928  O O   . ALA A 1 111 ? 8.335   -10.028 -2.836  1.00 14.54 ? 152 ALA A O   1 
ATOM   929  C CB  . ALA A 1 111 ? 9.990   -9.490  -5.685  1.00 17.39 ? 152 ALA A CB  1 
ATOM   930  N N   . LEU A 1 112 ? 7.709   -8.193  -3.985  1.00 12.98 ? 153 LEU A N   1 
ATOM   931  C CA  . LEU A 1 112 ? 7.258   -7.514  -2.773  1.00 12.70 ? 153 LEU A CA  1 
ATOM   932  C C   . LEU A 1 112 ? 6.071   -8.226  -2.140  1.00 10.79 ? 153 LEU A C   1 
ATOM   933  O O   . LEU A 1 112 ? 5.964   -8.272  -0.910  1.00 12.20 ? 153 LEU A O   1 
ATOM   934  C CB  . LEU A 1 112 ? 6.892   -6.063  -3.075  1.00 14.86 ? 153 LEU A CB  1 
ATOM   935  C CG  . LEU A 1 112 ? 8.042   -5.118  -3.417  1.00 15.18 ? 153 LEU A CG  1 
ATOM   936  C CD1 . LEU A 1 112 ? 7.468   -3.784  -3.827  1.00 17.00 ? 153 LEU A CD1 1 
ATOM   937  C CD2 . LEU A 1 112 ? 9.002   -4.937  -2.251  1.00 18.84 ? 153 LEU A CD2 1 
ATOM   938  N N   . GLU A 1 113 ? 5.153   -8.758  -2.957  1.00 11.92 ? 154 GLU A N   1 
ATOM   939  C CA  . GLU A 1 113 ? 4.005   -9.456  -2.391  1.00 11.23 ? 154 GLU A CA  1 
ATOM   940  C C   . GLU A 1 113 ? 4.453   -10.686 -1.616  1.00 11.79 ? 154 GLU A C   1 
ATOM   941  O O   . GLU A 1 113 ? 3.932   -10.979 -0.529  1.00 11.99 ? 154 GLU A O   1 
ATOM   942  C CB  . GLU A 1 113 ? 3.021   -9.848  -3.489  1.00 11.70 ? 154 GLU A CB  1 
ATOM   943  C CG  . GLU A 1 113 ? 1.752   -10.450 -2.913  1.00 13.12 ? 154 GLU A CG  1 
ATOM   944  C CD  . GLU A 1 113 ? 0.766   -10.869 -3.979  1.00 19.64 ? 154 GLU A CD  1 
ATOM   945  O OE1 . GLU A 1 113 ? 0.985   -10.562 -5.169  1.00 21.57 ? 154 GLU A OE1 1 
ATOM   946  O OE2 . GLU A 1 113 ? -0.221  -11.543 -3.639  1.00 21.89 ? 154 GLU A OE2 1 
ATOM   947  N N   . LYS A 1 114 ? 5.431   -11.418 -2.152  1.00 13.30 ? 155 LYS A N   1 
ATOM   948  C CA  . LYS A 1 114 ? 5.945   -12.594 -1.452  1.00 13.65 ? 155 LYS A CA  1 
ATOM   949  C C   . LYS A 1 114 ? 6.561   -12.218 -0.114  1.00 13.12 ? 155 LYS A C   1 
ATOM   950  O O   . LYS A 1 114 ? 6.323   -12.893 0.897   1.00 13.39 ? 155 LYS A O   1 
ATOM   951  C CB  . LYS A 1 114 ? 6.991   -13.297 -2.309  1.00 14.55 ? 155 LYS A CB  1 
ATOM   952  C CG  . LYS A 1 114 ? 6.426   -14.209 -3.361  1.00 18.08 ? 155 LYS A CG  1 
ATOM   953  C CD  . LYS A 1 114 ? 7.576   -14.863 -4.118  1.00 21.98 ? 155 LYS A CD  1 
ATOM   954  C CE  . LYS A 1 114 ? 7.142   -15.378 -5.465  1.00 22.59 ? 155 LYS A CE  1 
ATOM   955  N NZ  . LYS A 1 114 ? 8.327   -15.885 -6.202  1.00 19.81 ? 155 LYS A NZ  1 
ATOM   956  N N   . LEU A 1 115 ? 7.362   -11.148 -0.085  1.00 13.82 ? 156 LEU A N   1 
ATOM   957  C CA  . LEU A 1 115 ? 7.957   -10.701 1.169   1.00 12.76 ? 156 LEU A CA  1 
ATOM   958  C C   . LEU A 1 115 ? 6.880   -10.236 2.144   1.00 13.86 ? 156 LEU A C   1 
ATOM   959  O O   . LEU A 1 115 ? 6.929   -10.551 3.339   1.00 13.85 ? 156 LEU A O   1 
ATOM   960  C CB  . LEU A 1 115 ? 8.955   -9.581  0.895   1.00 14.23 ? 156 LEU A CB  1 
ATOM   961  C CG  . LEU A 1 115 ? 9.756   -9.074  2.092   1.00 18.36 ? 156 LEU A CG  1 
ATOM   962  C CD1 . LEU A 1 115 ? 10.528  -10.218 2.723   1.00 22.90 ? 156 LEU A CD1 1 
ATOM   963  C CD2 . LEU A 1 115 ? 10.703  -7.946  1.675   1.00 22.06 ? 156 LEU A CD2 1 
ATOM   964  N N   . PHE A 1 116 ? 5.885   -9.502  1.640   1.00 11.81 ? 157 PHE A N   1 
ATOM   965  C CA  . PHE A 1 116 ? 4.761   -9.074  2.467   1.00 11.33 ? 157 PHE A CA  1 
ATOM   966  C C   . PHE A 1 116 ? 4.065   -10.269 3.105   1.00 12.10 ? 157 PHE A C   1 
ATOM   967  O O   . PHE A 1 116 ? 3.819   -10.289 4.323   1.00 10.76 ? 157 PHE A O   1 
ATOM   968  C CB  . PHE A 1 116 ? 3.780   -8.293  1.590   1.00 11.86 ? 157 PHE A CB  1 
ATOM   969  C CG  . PHE A 1 116 ? 2.498   -7.940  2.279   1.00 10.04 ? 157 PHE A CG  1 
ATOM   970  C CD1 . PHE A 1 116 ? 2.476   -6.949  3.254   1.00 11.97 ? 157 PHE A CD1 1 
ATOM   971  C CD2 . PHE A 1 116 ? 1.313   -8.585  1.945   1.00 13.78 ? 157 PHE A CD2 1 
ATOM   972  C CE1 . PHE A 1 116 ? 1.291   -6.602  3.892   1.00 11.22 ? 157 PHE A CE1 1 
ATOM   973  C CE2 . PHE A 1 116 ? 0.122   -8.239  2.565   1.00 16.25 ? 157 PHE A CE2 1 
ATOM   974  C CZ  . PHE A 1 116 ? 0.114   -7.253  3.539   1.00 12.26 ? 157 PHE A CZ  1 
ATOM   975  N N   . LEU A 1 117 ? 3.758   -11.289 2.303   1.00 12.30 ? 158 LEU A N   1 
ATOM   976  C CA  . LEU A 1 117 ? 3.098   -12.469 2.849   1.00 13.47 ? 158 LEU A CA  1 
ATOM   977  C C   . LEU A 1 117 ? 3.973   -13.162 3.886   1.00 12.28 ? 158 LEU A C   1 
ATOM   978  O O   . LEU A 1 117 ? 3.478   -13.603 4.926   1.00 12.80 ? 158 LEU A O   1 
ATOM   979  C CB  . LEU A 1 117 ? 2.706   -13.430 1.725   1.00 12.64 ? 158 LEU A CB  1 
ATOM   980  C CG  . LEU A 1 117 ? 1.486   -12.990 0.927   1.00 14.44 ? 158 LEU A CG  1 
ATOM   981  C CD1 . LEU A 1 117 ? 1.329   -13.844 -0.320  1.00 16.18 ? 158 LEU A CD1 1 
ATOM   982  C CD2 . LEU A 1 117 ? 0.216   -13.040 1.763   1.00 17.73 ? 158 LEU A CD2 1 
ATOM   983  N N   . GLN A 1 118 ? 5.283   -13.229 3.642   1.00 13.24 ? 159 GLN A N   1 
ATOM   984  C CA  . GLN A 1 118 ? 6.188   -13.800 4.637   1.00 15.73 ? 159 GLN A CA  1 
ATOM   985  C C   . GLN A 1 118 ? 6.052   -13.085 5.970   1.00 14.01 ? 159 GLN A C   1 
ATOM   986  O O   . GLN A 1 118 ? 6.026   -13.724 7.034   1.00 16.15 ? 159 GLN A O   1 
ATOM   987  C CB  . GLN A 1 118 ? 7.633   -13.652 4.168   1.00 18.58 ? 159 GLN A CB  1 
ATOM   988  C CG  . GLN A 1 118 ? 8.193   -14.813 3.418   1.00 25.17 ? 159 GLN A CG  1 
ATOM   989  C CD  . GLN A 1 118 ? 9.591   -14.518 2.909   1.00 28.76 ? 159 GLN A CD  1 
ATOM   990  O OE1 . GLN A 1 118 ? 10.454  -14.048 3.656   1.00 33.58 ? 159 GLN A OE1 1 
ATOM   991  N NE2 . GLN A 1 118 ? 9.813   -14.764 1.624   1.00 32.24 ? 159 GLN A NE2 1 
ATOM   992  N N   . LYS A 1 119 ? 5.985   -11.751 5.934   1.00 15.30 ? 160 LYS A N   1 
ATOM   993  C CA  . LYS A 1 119 ? 6.013   -10.968 7.166   1.00 15.36 ? 160 LYS A CA  1 
ATOM   994  C C   . LYS A 1 119 ? 4.682   -11.009 7.899   1.00 13.74 ? 160 LYS A C   1 
ATOM   995  O O   . LYS A 1 119 ? 4.655   -10.942 9.131   1.00 14.48 ? 160 LYS A O   1 
ATOM   996  C CB  . LYS A 1 119 ? 6.389   -9.514  6.867   1.00 16.25 ? 160 LYS A CB  1 
ATOM   997  C CG  . LYS A 1 119 ? 7.705   -9.333  6.132   1.00 25.66 ? 160 LYS A CG  1 
ATOM   998  C CD  . LYS A 1 119 ? 8.881   -9.347  7.072   1.00 27.25 ? 160 LYS A CD  1 
ATOM   999  C CE  . LYS A 1 119 ? 10.169  -9.081  6.304   1.00 27.10 ? 160 LYS A CE  1 
ATOM   1000 N NZ  . LYS A 1 119 ? 11.314  -9.772  6.932   1.00 30.60 ? 160 LYS A NZ  1 
ATOM   1001 N N   . ILE A 1 120 ? 3.567   -11.100 7.169   1.00 13.45 ? 161 ILE A N   1 
ATOM   1002 C CA  . ILE A 1 120 ? 2.260   -11.115 7.821   1.00 12.70 ? 161 ILE A CA  1 
ATOM   1003 C C   . ILE A 1 120 ? 1.793   -12.526 8.155   1.00 15.80 ? 161 ILE A C   1 
ATOM   1004 O O   . ILE A 1 120 ? 0.722   -12.683 8.761   1.00 15.42 ? 161 ILE A O   1 
ATOM   1005 C CB  . ILE A 1 120 ? 1.181   -10.297 7.070   1.00 12.05 ? 161 ILE A CB  1 
ATOM   1006 C CG1 . ILE A 1 120 ? 0.764   -10.986 5.767   1.00 13.00 ? 161 ILE A CG1 1 
ATOM   1007 C CG2 . ILE A 1 120 ? 1.662   -8.862  6.829   1.00 14.55 ? 161 ILE A CG2 1 
ATOM   1008 C CD1 . ILE A 1 120 ? -0.626  -10.595 5.298   1.00 14.33 ? 161 ILE A CD1 1 
ATOM   1009 N N   . ASN A 1 121 ? 2.565   -13.553 7.781   1.00 16.46 ? 162 ASN A N   1 
ATOM   1010 C CA  . ASN A 1 121 ? 2.188   -14.934 8.078   1.00 16.71 ? 162 ASN A CA  1 
ATOM   1011 C C   . ASN A 1 121 ? 1.961   -15.114 9.570   1.00 22.60 ? 162 ASN A C   1 
ATOM   1012 O O   . ASN A 1 121 ? 1.032   -15.816 9.992   1.00 22.57 ? 162 ASN A O   1 
ATOM   1013 C CB  . ASN A 1 121 ? 3.295   -15.875 7.599   1.00 16.84 ? 162 ASN A CB  1 
ATOM   1014 C CG  . ASN A 1 121 ? 2.974   -17.328 7.850   1.00 25.58 ? 162 ASN A CG  1 
ATOM   1015 O OD1 . ASN A 1 121 ? 3.455   -17.926 8.813   1.00 25.97 ? 162 ASN A OD1 1 
ATOM   1016 N ND2 . ASN A 1 121 ? 2.173   -17.916 6.971   1.00 29.21 ? 162 ASN A ND2 1 
ATOM   1017 N N   . GLU A 1 122 ? 2.784   -14.459 10.378  1.00 15.25 ? 163 GLU A N   1 
ATOM   1018 C CA  . GLU A 1 122 ? 2.676   -14.508 11.824  1.00 22.81 ? 163 GLU A CA  1 
ATOM   1019 C C   . GLU A 1 122 ? 2.705   -13.078 12.341  1.00 19.99 ? 163 GLU A C   1 
ATOM   1020 O O   . GLU A 1 122 ? 3.660   -12.340 12.083  1.00 18.80 ? 163 GLU A O   1 
ATOM   1021 C CB  . GLU A 1 122 ? 3.846   -15.320 12.379  1.00 21.55 ? 163 GLU A CB  1 
ATOM   1022 C CG  . GLU A 1 122 ? 3.513   -16.092 13.608  1.00 30.49 ? 163 GLU A CG  1 
ATOM   1023 C CD  . GLU A 1 122 ? 4.755   -16.433 14.387  1.00 34.11 ? 163 GLU A CD  1 
ATOM   1024 O OE1 . GLU A 1 122 ? 5.856   -16.453 13.824  1.00 30.41 ? 163 GLU A OE1 1 
ATOM   1025 O OE2 . GLU A 1 122 ? 4.618   -16.665 15.596  1.00 39.81 ? 163 GLU A OE2 1 
ATOM   1026 N N   . LEU A 1 123 ? 1.653   -12.683 13.043  1.00 17.60 ? 164 LEU A N   1 
ATOM   1027 C CA  . LEU A 1 123 ? 1.561   -11.363 13.628  1.00 17.31 ? 164 LEU A CA  1 
ATOM   1028 C C   . LEU A 1 123 ? 1.589   -11.472 15.147  1.00 20.66 ? 164 LEU A C   1 
ATOM   1029 O O   . LEU A 1 123 ? 1.343   -12.546 15.705  1.00 21.37 ? 164 LEU A O   1 
ATOM   1030 C CB  . LEU A 1 123 ? 0.242   -10.695 13.203  1.00 17.89 ? 164 LEU A CB  1 
ATOM   1031 C CG  . LEU A 1 123 ? 0.037   -10.464 11.706  1.00 20.82 ? 164 LEU A CG  1 
ATOM   1032 C CD1 . LEU A 1 123 ? -1.341  -9.850  11.456  1.00 19.45 ? 164 LEU A CD1 1 
ATOM   1033 C CD2 . LEU A 1 123 ? 1.135   -9.572  11.162  1.00 17.33 ? 164 LEU A CD2 1 
ATOM   1034 N N   . PRO A 1 124 ? 1.883   -10.382 15.852  1.00 17.87 ? 165 PRO A N   1 
ATOM   1035 C CA  . PRO A 1 124 ? 1.769   -10.403 17.316  1.00 20.51 ? 165 PRO A CA  1 
ATOM   1036 C C   . PRO A 1 124 ? 0.332   -10.670 17.740  1.00 26.59 ? 165 PRO A C   1 
ATOM   1037 O O   . PRO A 1 124 ? -0.617  -10.492 16.972  1.00 25.98 ? 165 PRO A O   1 
ATOM   1038 C CB  . PRO A 1 124 ? 2.193   -8.994  17.734  1.00 21.71 ? 165 PRO A CB  1 
ATOM   1039 C CG  . PRO A 1 124 ? 2.867   -8.401  16.545  1.00 23.78 ? 165 PRO A CG  1 
ATOM   1040 C CD  . PRO A 1 124 ? 2.326   -9.073  15.342  1.00 20.90 ? 165 PRO A CD  1 
ATOM   1041 N N   . THR A 1 125 ? 0.179   -11.099 18.989  1.00 28.71 ? 166 THR A N   1 
ATOM   1042 C CA  . THR A 1 125 ? -1.148  -11.371 19.536  1.00 30.29 ? 166 THR A CA  1 
ATOM   1043 C C   . THR A 1 125 ? -1.708  -10.136 20.247  1.00 34.99 ? 166 THR A C   1 
ATOM   1044 O O   . THR A 1 125 ? -0.955  -9.235  20.635  1.00 30.04 ? 166 THR A O   1 
ATOM   1045 C CB  . THR A 1 125 ? -1.120  -12.556 20.517  1.00 36.90 ? 166 THR A CB  1 
ATOM   1046 O OG1 . THR A 1 125 ? 0.004   -12.423 21.395  1.00 35.06 ? 166 THR A OG1 1 
ATOM   1047 C CG2 . THR A 1 125 ? -1.000  -13.868 19.755  1.00 35.17 ? 166 THR A CG2 1 
HETATM 1048 C C4  . D9C B 2 .   ? 3.347   0.638   -14.196 1.00 17.59 ? 401 D9C A C4  1 
HETATM 1049 C C14 . D9C B 2 .   ? 6.931   5.869   -9.740  1.00 19.07 ? 401 D9C A C14 1 
HETATM 1050 C C5  . D9C B 2 .   ? 4.436   1.029   -15.021 1.00 18.93 ? 401 D9C A C5  1 
HETATM 1051 C C6  . D9C B 2 .   ? 5.517   1.820   -14.476 1.00 21.53 ? 401 D9C A C6  1 
HETATM 1052 C C11 . D9C B 2 .   ? 6.550   3.886   -11.599 1.00 15.44 ? 401 D9C A C11 1 
HETATM 1053 C C7  . D9C B 2 .   ? 2.456   0.788   -11.825 1.00 11.91 ? 401 D9C A C7  1 
HETATM 1054 C C8  . D9C B 2 .   ? 4.058   2.011   -11.012 1.00 16.63 ? 401 D9C A C8  1 
HETATM 1055 C C9  . D9C B 2 .   ? 4.792   2.712   -10.136 1.00 19.39 ? 401 D9C A C9  1 
HETATM 1056 C C10 . D9C B 2 .   ? 5.634   3.936   -10.555 1.00 15.93 ? 401 D9C A C10 1 
HETATM 1057 C C12 . D9C B 2 .   ? 7.639   4.740   -11.701 1.00 17.88 ? 401 D9C A C12 1 
HETATM 1058 C C13 . D9C B 2 .   ? 7.905   5.662   -10.711 1.00 20.57 ? 401 D9C A C13 1 
HETATM 1059 N N1  . D9C B 2 .   ? 2.952   1.378   -10.832 1.00 14.52 ? 401 D9C A N1  1 
HETATM 1060 C C3  . D9C B 2 .   ? 3.333   1.016   -12.885 1.00 19.29 ? 401 D9C A C3  1 
HETATM 1061 C C1  . D9C B 2 .   ? 5.485   2.208   -13.113 1.00 18.77 ? 401 D9C A C1  1 
HETATM 1062 C C15 . D9C B 2 .   ? 5.826   4.982   -9.615  1.00 17.68 ? 401 D9C A C15 1 
HETATM 1063 C C16 . D9C B 2 .   ? 2.296   1.380   -9.519  1.00 16.68 ? 401 D9C A C16 1 
HETATM 1064 C C17 . D9C B 2 .   ? 6.539   2.007   -16.626 1.00 25.94 ? 401 D9C A C17 1 
HETATM 1065 C C18 . D9C B 2 .   ? 8.357   5.102   -13.937 1.00 20.05 ? 401 D9C A C18 1 
HETATM 1066 C C19 . D9C B 2 .   ? 9.266   4.498   -15.013 1.00 19.83 ? 401 D9C A C19 1 
HETATM 1067 C C2  . D9C B 2 .   ? 4.395   1.793   -12.395 1.00 16.68 ? 401 D9C A C2  1 
HETATM 1068 C C20 . D9C B 2 .   ? 9.050   7.675   -10.070 1.00 22.11 ? 401 D9C A C20 1 
HETATM 1069 O O1  . D9C B 2 .   ? 6.582   2.952   -12.624 1.00 19.39 ? 401 D9C A O1  1 
HETATM 1070 O O2  . D9C B 2 .   ? 1.442   0.152   -11.866 1.00 16.02 ? 401 D9C A O2  1 
HETATM 1071 O O3  . D9C B 2 .   ? 6.627   2.253   -15.236 1.00 25.50 ? 401 D9C A O3  1 
HETATM 1072 O O4  . D9C B 2 .   ? 8.605   4.460   -12.700 1.00 18.46 ? 401 D9C A O4  1 
HETATM 1073 O O5  . D9C B 2 .   ? 8.883   6.637   -11.019 1.00 19.45 ? 401 D9C A O5  1 
HETATM 1074 C C   . FMT C 3 .   ? -5.899  -6.267  15.112  1.00 20.35 ? 402 FMT A C   1 
HETATM 1075 O O1  . FMT C 3 .   ? -5.487  -5.226  14.609  1.00 15.30 ? 402 FMT A O1  1 
HETATM 1076 O O2  . FMT C 3 .   ? -6.682  -7.037  14.555  1.00 24.11 ? 402 FMT A O2  1 
HETATM 1077 C C   . FMT D 3 .   ? -12.638 6.451   -17.467 1.00 19.61 ? 403 FMT A C   1 
HETATM 1078 O O1  . FMT D 3 .   ? -11.890 7.366   -17.133 1.00 16.55 ? 403 FMT A O1  1 
HETATM 1079 O O2  . FMT D 3 .   ? -12.942 5.486   -16.757 1.00 22.58 ? 403 FMT A O2  1 
HETATM 1080 C C   . FMT E 3 .   ? 6.764   10.930  -7.801  1.00 39.68 ? 404 FMT A C   1 
HETATM 1081 O O1  . FMT E 3 .   ? 6.937   9.817   -8.305  1.00 34.50 ? 404 FMT A O1  1 
HETATM 1082 O O2  . FMT E 3 .   ? 5.705   11.316  -7.289  1.00 38.89 ? 404 FMT A O2  1 
HETATM 1083 C C   . FMT F 3 .   ? 6.931   -16.693 10.635  1.00 35.91 ? 405 FMT A C   1 
HETATM 1084 O O1  . FMT F 3 .   ? 6.992   -17.703 9.930   1.00 41.20 ? 405 FMT A O1  1 
HETATM 1085 O O2  . FMT F 3 .   ? 7.812   -15.832 10.686  1.00 38.58 ? 405 FMT A O2  1 
HETATM 1086 O O   . HOH G 4 .   ? 5.591   -11.846 10.956  1.00 9.93  ? 501 HOH A O   1 
HETATM 1087 O O   . HOH G 4 .   ? -10.534 9.044   12.001  1.00 10.62 ? 502 HOH A O   1 
HETATM 1088 O O   . HOH G 4 .   ? 3.073   13.898  -18.998 1.00 27.05 ? 503 HOH A O   1 
HETATM 1089 O O   . HOH G 4 .   ? -2.414  1.103   -19.967 1.00 30.36 ? 504 HOH A O   1 
HETATM 1090 O O   . HOH G 4 .   ? -3.687  -5.241  -17.702 1.00 14.14 ? 505 HOH A O   1 
HETATM 1091 O O   . HOH G 4 .   ? -11.624 8.755   -19.515 1.00 21.21 ? 506 HOH A O   1 
HETATM 1092 O O   . HOH G 4 .   ? -7.281  -3.775  -6.675  1.00 21.29 ? 507 HOH A O   1 
HETATM 1093 O O   . HOH G 4 .   ? 7.498   -18.332 14.152  1.00 19.91 ? 508 HOH A O   1 
HETATM 1094 O O   . HOH G 4 .   ? 5.289   13.525  -8.432  1.00 30.98 ? 509 HOH A O   1 
HETATM 1095 O O   . HOH G 4 .   ? -8.078  4.266   -3.071  1.00 25.67 ? 510 HOH A O   1 
HETATM 1096 O O   . HOH G 4 .   ? -9.793  1.521   4.802   1.00 28.58 ? 511 HOH A O   1 
HETATM 1097 O O   . HOH G 4 .   ? 11.193  -8.599  9.220   1.00 26.25 ? 512 HOH A O   1 
HETATM 1098 O O   . HOH G 4 .   ? -11.008 12.733  4.166   1.00 27.70 ? 513 HOH A O   1 
HETATM 1099 O O   . HOH G 4 .   ? 1.685   -11.924 -11.665 1.00 23.04 ? 514 HOH A O   1 
HETATM 1100 O O   . HOH G 4 .   ? 12.052  13.005  -10.902 1.00 27.60 ? 515 HOH A O   1 
HETATM 1101 O O   . HOH G 4 .   ? -0.643  -0.033  -10.147 1.00 14.12 ? 516 HOH A O   1 
HETATM 1102 O O   . HOH G 4 .   ? 10.439  -7.830  -17.826 1.00 17.24 ? 517 HOH A O   1 
HETATM 1103 O O   . HOH G 4 .   ? 7.900   -14.892 14.236  1.00 29.64 ? 518 HOH A O   1 
HETATM 1104 O O   . HOH G 4 .   ? 4.722   -12.029 -14.304 1.00 22.85 ? 519 HOH A O   1 
HETATM 1105 O O   . HOH G 4 .   ? 6.753   6.349   11.164  1.00 31.88 ? 520 HOH A O   1 
HETATM 1106 O O   . HOH G 4 .   ? 10.749  -12.249 6.184   1.00 29.92 ? 521 HOH A O   1 
HETATM 1107 O O   . HOH G 4 .   ? 10.121  -16.978 -4.570  1.00 35.28 ? 522 HOH A O   1 
HETATM 1108 O O   . HOH G 4 .   ? -12.239 2.792   11.458  1.00 18.59 ? 523 HOH A O   1 
HETATM 1109 O O   . HOH G 4 .   ? 3.414   -4.536  18.038  1.00 30.14 ? 524 HOH A O   1 
HETATM 1110 O O   . HOH G 4 .   ? -3.686  -0.818  -18.324 1.00 20.91 ? 525 HOH A O   1 
HETATM 1111 O O   . HOH G 4 .   ? -6.362  8.688   -5.710  1.00 19.39 ? 526 HOH A O   1 
HETATM 1112 O O   . HOH G 4 .   ? 5.370   -8.483  -20.419 1.00 26.46 ? 527 HOH A O   1 
HETATM 1113 O O   . HOH G 4 .   ? 3.025   11.019  -6.046  1.00 23.90 ? 528 HOH A O   1 
HETATM 1114 O O   . HOH G 4 .   ? 0.444   5.365   14.762  1.00 27.93 ? 529 HOH A O   1 
HETATM 1115 O O   . HOH G 4 .   ? 0.386   5.389   -21.184 1.00 27.11 ? 530 HOH A O   1 
HETATM 1116 O O   . HOH G 4 .   ? -1.618  -11.410 -1.315  1.00 30.76 ? 531 HOH A O   1 
HETATM 1117 O O   . HOH G 4 .   ? -7.916  -1.058  -0.306  1.00 19.66 ? 532 HOH A O   1 
HETATM 1118 O O   . HOH G 4 .   ? -2.327  2.133   -7.209  1.00 14.23 ? 533 HOH A O   1 
HETATM 1119 O O   . HOH G 4 .   ? -9.015  -3.557  -4.184  1.00 28.13 ? 534 HOH A O   1 
HETATM 1120 O O   . HOH G 4 .   ? 4.367   6.599   -7.631  1.00 27.04 ? 535 HOH A O   1 
HETATM 1121 O O   . HOH G 4 .   ? 12.447  -6.291  9.838   1.00 22.62 ? 536 HOH A O   1 
HETATM 1122 O O   . HOH G 4 .   ? 10.464  -11.727 -2.608  1.00 20.22 ? 537 HOH A O   1 
HETATM 1123 O O   . HOH G 4 .   ? 5.584   -13.905 9.726   1.00 15.76 ? 538 HOH A O   1 
HETATM 1124 O O   . HOH G 4 .   ? 13.142  5.773   -2.835  1.00 28.76 ? 539 HOH A O   1 
HETATM 1125 O O   . HOH G 4 .   ? 10.173  -11.054 -9.196  1.00 20.51 ? 540 HOH A O   1 
HETATM 1126 O O   . HOH G 4 .   ? 1.005   -14.791 5.034   1.00 17.41 ? 541 HOH A O   1 
HETATM 1127 O O   . HOH G 4 .   ? -8.664  2.050   1.526   1.00 23.49 ? 542 HOH A O   1 
HETATM 1128 O O   . HOH G 4 .   ? 10.183  6.804   -4.397  1.00 28.73 ? 543 HOH A O   1 
HETATM 1129 O O   . HOH G 4 .   ? -2.438  9.611   0.032   1.00 19.09 ? 544 HOH A O   1 
HETATM 1130 O O   . HOH G 4 .   ? 0.732   1.839   -6.312  1.00 14.44 ? 545 HOH A O   1 
HETATM 1131 O O   . HOH G 4 .   ? 13.903  1.819   -0.932  1.00 28.29 ? 546 HOH A O   1 
HETATM 1132 O O   . HOH G 4 .   ? 4.555   8.655   -9.111  1.00 21.81 ? 547 HOH A O   1 
HETATM 1133 O O   . HOH G 4 .   ? -8.521  10.158  10.935  1.00 18.35 ? 548 HOH A O   1 
HETATM 1134 O O   . HOH G 4 .   ? 0.626   1.466   13.261  1.00 22.91 ? 549 HOH A O   1 
HETATM 1135 O O   . HOH G 4 .   ? -2.428  5.865   -4.398  1.00 14.65 ? 550 HOH A O   1 
HETATM 1136 O O   . HOH G 4 .   ? 13.889  3.670   4.923   1.00 30.97 ? 551 HOH A O   1 
HETATM 1137 O O   . HOH G 4 .   ? -10.884 -0.683  -14.845 1.00 29.65 ? 552 HOH A O   1 
HETATM 1138 O O   . HOH G 4 .   ? -10.436 -6.286  15.075  1.00 26.55 ? 553 HOH A O   1 
HETATM 1139 O O   . HOH G 4 .   ? -7.408  -7.655  11.942  1.00 18.48 ? 554 HOH A O   1 
HETATM 1140 O O   . HOH G 4 .   ? 0.229   -0.566  -7.655  1.00 14.51 ? 555 HOH A O   1 
HETATM 1141 O O   . HOH G 4 .   ? -5.482  -9.835  11.949  1.00 31.54 ? 556 HOH A O   1 
HETATM 1142 O O   . HOH G 4 .   ? 2.641   3.606   -6.506  1.00 13.27 ? 557 HOH A O   1 
HETATM 1143 O O   . HOH G 4 .   ? 4.441   -2.042  -17.307 1.00 20.24 ? 558 HOH A O   1 
HETATM 1144 O O   . HOH G 4 .   ? -8.609  -0.763  3.670   1.00 20.10 ? 559 HOH A O   1 
HETATM 1145 O O   . HOH G 4 .   ? 13.597  0.959   -3.555  1.00 17.31 ? 560 HOH A O   1 
HETATM 1146 O O   . HOH G 4 .   ? -9.711  8.417   0.002   1.00 27.65 ? 561 HOH A O   1 
HETATM 1147 O O   . HOH G 4 .   ? 9.325   -13.570 -7.516  1.00 26.26 ? 562 HOH A O   1 
HETATM 1148 O O   . HOH G 4 .   ? -4.532  8.782   -15.393 1.00 23.01 ? 563 HOH A O   1 
HETATM 1149 O O   . HOH G 4 .   ? -3.403  -5.153  20.605  1.00 27.86 ? 564 HOH A O   1 
HETATM 1150 O O   . HOH G 4 .   ? 5.392   6.356   -19.591 1.00 29.98 ? 565 HOH A O   1 
HETATM 1151 O O   . HOH G 4 .   ? 4.627   -4.748  -21.839 1.00 32.15 ? 566 HOH A O   1 
HETATM 1152 O O   . HOH G 4 .   ? -10.624 3.708   3.515   1.00 29.33 ? 567 HOH A O   1 
HETATM 1153 O O   . HOH G 4 .   ? -0.944  5.024   -6.671  1.00 16.32 ? 568 HOH A O   1 
HETATM 1154 O O   . HOH G 4 .   ? 7.498   2.534   13.905  1.00 28.94 ? 569 HOH A O   1 
HETATM 1155 O O   . HOH G 4 .   ? -0.789  11.602  -8.059  1.00 26.49 ? 570 HOH A O   1 
HETATM 1156 O O   . HOH G 4 .   ? -7.965  -5.545  -0.965  1.00 27.87 ? 571 HOH A O   1 
HETATM 1157 O O   . HOH G 4 .   ? 5.815   -3.846  16.878  1.00 27.82 ? 572 HOH A O   1 
HETATM 1158 O O   . HOH G 4 .   ? 8.548   -4.043  -18.543 1.00 21.44 ? 573 HOH A O   1 
HETATM 1159 O O   . HOH G 4 .   ? -10.068 -0.273  -10.818 1.00 23.46 ? 574 HOH A O   1 
HETATM 1160 O O   . HOH G 4 .   ? 12.956  -10.331 -2.745  1.00 25.90 ? 575 HOH A O   1 
HETATM 1161 O O   . HOH G 4 .   ? -3.154  11.043  -6.478  1.00 21.79 ? 576 HOH A O   1 
HETATM 1162 O O   . HOH G 4 .   ? -1.882  2.485   13.687  1.00 20.35 ? 577 HOH A O   1 
HETATM 1163 O O   . HOH G 4 .   ? -4.467  2.450   12.506  1.00 17.24 ? 578 HOH A O   1 
HETATM 1164 O O   . HOH G 4 .   ? -8.440  -0.341  -8.701  1.00 17.43 ? 579 HOH A O   1 
HETATM 1165 O O   . HOH G 4 .   ? 2.142   2.793   15.383  1.00 31.34 ? 580 HOH A O   1 
HETATM 1166 O O   . HOH G 4 .   ? -0.597  -14.477 13.550  1.00 27.43 ? 581 HOH A O   1 
HETATM 1167 O O   . HOH G 4 .   ? -3.300  -6.723  17.713  1.00 27.12 ? 582 HOH A O   1 
HETATM 1168 O O   . HOH G 4 .   ? -6.358  13.048  4.224   1.00 20.49 ? 583 HOH A O   1 
HETATM 1169 O O   . HOH G 4 .   ? 4.330   8.377   3.862   1.00 26.83 ? 584 HOH A O   1 
HETATM 1170 O O   . HOH G 4 .   ? -9.913  6.779   11.435  1.00 17.35 ? 585 HOH A O   1 
HETATM 1171 O O   . HOH G 4 .   ? 7.233   -2.342  -16.251 1.00 15.86 ? 586 HOH A O   1 
HETATM 1172 O O   . HOH G 4 .   ? 8.673   10.755  -10.520 1.00 30.55 ? 587 HOH A O   1 
HETATM 1173 O O   . HOH G 4 .   ? -11.220 -5.124  8.472   1.00 30.30 ? 588 HOH A O   1 
HETATM 1174 O O   . HOH G 4 .   ? -3.567  8.113   -5.977  1.00 14.97 ? 589 HOH A O   1 
HETATM 1175 O O   . HOH G 4 .   ? 12.415  7.152   1.901   1.00 32.93 ? 590 HOH A O   1 
HETATM 1176 O O   . HOH G 4 .   ? 16.484  -5.525  -1.747  1.00 18.39 ? 591 HOH A O   1 
HETATM 1177 O O   . HOH G 4 .   ? 13.284  -13.360 2.873   1.00 33.92 ? 592 HOH A O   1 
HETATM 1178 O O   . HOH G 4 .   ? 9.043   1.248   -13.155 1.00 26.68 ? 593 HOH A O   1 
HETATM 1179 O O   . HOH G 4 .   ? 7.610   -12.532 12.551  1.00 29.36 ? 594 HOH A O   1 
HETATM 1180 O O   . HOH G 4 .   ? 6.562   -6.845  17.998  1.00 29.28 ? 595 HOH A O   1 
HETATM 1181 O O   . HOH G 4 .   ? 6.283   -16.814 6.769   1.00 31.18 ? 596 HOH A O   1 
HETATM 1182 O O   . HOH G 4 .   ? 6.722   8.225   -21.113 1.00 27.60 ? 597 HOH A O   1 
HETATM 1183 O O   . HOH G 4 .   ? -7.265  2.235   20.362  1.00 23.90 ? 598 HOH A O   1 
HETATM 1184 O O   . HOH G 4 .   ? -12.172 -7.423  10.083  1.00 30.46 ? 599 HOH A O   1 
HETATM 1185 O O   . HOH G 4 .   ? 8.171   -12.026 9.902   1.00 24.44 ? 600 HOH A O   1 
HETATM 1186 O O   . HOH G 4 .   ? -13.864 -5.230  16.726  1.00 24.52 ? 601 HOH A O   1 
HETATM 1187 O O   . HOH G 4 .   ? -9.865  -8.959  11.664  1.00 30.80 ? 602 HOH A O   1 
HETATM 1188 O O   . HOH G 4 .   ? 9.550   -13.988 7.861   1.00 29.90 ? 603 HOH A O   1 
HETATM 1189 O O   . HOH G 4 .   ? 9.864   -10.451 10.442  1.00 27.16 ? 604 HOH A O   1 
HETATM 1190 O O   . HOH G 4 .   ? 16.208  -8.336  -0.773  1.00 29.13 ? 605 HOH A O   1 
HETATM 1191 O O   . HOH G 4 .   ? -16.174 5.171   -14.714 1.00 32.54 ? 606 HOH A O   1 
HETATM 1192 O O   . HOH G 4 .   ? 14.016  -9.373  0.866   1.00 30.71 ? 607 HOH A O   1 
HETATM 1193 O O   . HOH G 4 .   ? 9.297   -0.666  -15.659 1.00 28.55 ? 608 HOH A O   1 
HETATM 1194 O O   . HOH G 4 .   ? 1.084   2.870   -21.591 1.00 33.98 ? 609 HOH A O   1 
HETATM 1195 O O   . HOH G 4 .   ? 7.374   15.173  -9.305  1.00 35.33 ? 610 HOH A O   1 
HETATM 1196 O O   . HOH G 4 .   ? 11.176  -12.846 -5.035  1.00 26.78 ? 611 HOH A O   1 
# 
loop_
_pdbx_poly_seq_scheme.asym_id 
_pdbx_poly_seq_scheme.entity_id 
_pdbx_poly_seq_scheme.seq_id 
_pdbx_poly_seq_scheme.mon_id 
_pdbx_poly_seq_scheme.ndb_seq_num 
_pdbx_poly_seq_scheme.pdb_seq_num 
_pdbx_poly_seq_scheme.auth_seq_num 
_pdbx_poly_seq_scheme.pdb_mon_id 
_pdbx_poly_seq_scheme.auth_mon_id 
_pdbx_poly_seq_scheme.pdb_strand_id 
_pdbx_poly_seq_scheme.pdb_ins_code 
_pdbx_poly_seq_scheme.hetero 
A 1 1   GLY 1   42  ?   ?   ?   A . n 
A 1 2   SER 2   43  ?   ?   ?   A . n 
A 1 3   ASN 3   44  44  ASN ASN A . n 
A 1 4   PRO 4   45  45  PRO PRO A . n 
A 1 5   PRO 5   46  46  PRO PRO A . n 
A 1 6   PRO 6   47  47  PRO PRO A . n 
A 1 7   PRO 7   48  48  PRO PRO A . n 
A 1 8   GLU 8   49  49  GLU GLU A . n 
A 1 9   THR 9   50  50  THR THR A . n 
A 1 10  SER 10  51  51  SER SER A . n 
A 1 11  ASN 11  52  52  ASN ASN A . n 
A 1 12  PRO 12  53  53  PRO PRO A . n 
A 1 13  ASN 13  54  54  ASN ASN A . n 
A 1 14  LYS 14  55  55  LYS LYS A . n 
A 1 15  PRO 15  56  56  PRO PRO A . n 
A 1 16  LYS 16  57  57  LYS LYS A . n 
A 1 17  ARG 17  58  58  ARG ARG A . n 
A 1 18  GLN 18  59  59  GLN GLN A . n 
A 1 19  THR 19  60  60  THR THR A . n 
A 1 20  ASN 20  61  61  ASN ASN A . n 
A 1 21  GLN 21  62  62  GLN GLN A . n 
A 1 22  LEU 22  63  63  LEU LEU A . n 
A 1 23  GLN 23  64  64  GLN GLN A . n 
A 1 24  TYR 24  65  65  TYR TYR A . n 
A 1 25  LEU 25  66  66  LEU LEU A . n 
A 1 26  LEU 26  67  67  LEU LEU A . n 
A 1 27  ARG 27  68  68  ARG ARG A . n 
A 1 28  VAL 28  69  69  VAL VAL A . n 
A 1 29  VAL 29  70  70  VAL VAL A . n 
A 1 30  LEU 30  71  71  LEU LEU A . n 
A 1 31  LYS 31  72  72  LYS LYS A . n 
A 1 32  THR 32  73  73  THR THR A . n 
A 1 33  LEU 33  74  74  LEU LEU A . n 
A 1 34  TRP 34  75  75  TRP TRP A . n 
A 1 35  LYS 35  76  76  LYS LYS A . n 
A 1 36  HIS 36  77  77  HIS HIS A . n 
A 1 37  GLN 37  78  78  GLN GLN A . n 
A 1 38  PHE 38  79  79  PHE PHE A . n 
A 1 39  ALA 39  80  80  ALA ALA A . n 
A 1 40  TRP 40  81  81  TRP TRP A . n 
A 1 41  PRO 41  82  82  PRO PRO A . n 
A 1 42  PHE 42  83  83  PHE PHE A . n 
A 1 43  GLN 43  84  84  GLN GLN A . n 
A 1 44  GLN 44  85  85  GLN GLN A . n 
A 1 45  PRO 45  86  86  PRO PRO A . n 
A 1 46  VAL 46  87  87  VAL VAL A . n 
A 1 47  ASP 47  88  88  ASP ASP A . n 
A 1 48  ALA 48  89  89  ALA ALA A . n 
A 1 49  VAL 49  90  90  VAL VAL A . n 
A 1 50  LYS 50  91  91  LYS LYS A . n 
A 1 51  LEU 51  92  92  LEU LEU A . n 
A 1 52  ASN 52  93  93  ASN ASN A . n 
A 1 53  LEU 53  94  94  LEU LEU A . n 
A 1 54  PRO 54  95  95  PRO PRO A . n 
A 1 55  ASP 55  96  96  ASP ASP A . n 
A 1 56  TYR 56  97  97  TYR TYR A . n 
A 1 57  TYR 57  98  98  TYR TYR A . n 
A 1 58  LYS 58  99  99  LYS LYS A . n 
A 1 59  ILE 59  100 100 ILE ILE A . n 
A 1 60  ILE 60  101 101 ILE ILE A . n 
A 1 61  LYS 61  102 102 LYS LYS A . n 
A 1 62  THR 62  103 103 THR THR A . n 
A 1 63  PRO 63  104 104 PRO PRO A . n 
A 1 64  MET 64  105 105 MET MET A . n 
A 1 65  ASP 65  106 106 ASP ASP A . n 
A 1 66  MET 66  107 107 MET MET A . n 
A 1 67  GLY 67  108 108 GLY GLY A . n 
A 1 68  THR 68  109 109 THR THR A . n 
A 1 69  ILE 69  110 110 ILE ILE A . n 
A 1 70  LYS 70  111 111 LYS LYS A . n 
A 1 71  LYS 71  112 112 LYS LYS A . n 
A 1 72  ARG 72  113 113 ARG ARG A . n 
A 1 73  LEU 73  114 114 LEU LEU A . n 
A 1 74  GLU 74  115 115 GLU GLU A . n 
A 1 75  ASN 75  116 116 ASN ASN A . n 
A 1 76  ASN 76  117 117 ASN ASN A . n 
A 1 77  TYR 77  118 118 TYR TYR A . n 
A 1 78  TYR 78  119 119 TYR TYR A . n 
A 1 79  TRP 79  120 120 TRP TRP A . n 
A 1 80  ASN 80  121 121 ASN ASN A . n 
A 1 81  ALA 81  122 122 ALA ALA A . n 
A 1 82  GLN 82  123 123 GLN GLN A . n 
A 1 83  GLU 83  124 124 GLU GLU A . n 
A 1 84  CYS 84  125 125 CYS CYS A . n 
A 1 85  ILE 85  126 126 ILE ILE A . n 
A 1 86  GLN 86  127 127 GLN GLN A . n 
A 1 87  ASP 87  128 128 ASP ASP A . n 
A 1 88  PHE 88  129 129 PHE PHE A . n 
A 1 89  ASN 89  130 130 ASN ASN A . n 
A 1 90  THR 90  131 131 THR THR A . n 
A 1 91  MET 91  132 132 MET MET A . n 
A 1 92  PHE 92  133 133 PHE PHE A . n 
A 1 93  THR 93  134 134 THR THR A . n 
A 1 94  ASN 94  135 135 ASN ASN A . n 
A 1 95  CYS 95  136 136 CYS CYS A . n 
A 1 96  TYR 96  137 137 TYR TYR A . n 
A 1 97  ILE 97  138 138 ILE ILE A . n 
A 1 98  TYR 98  139 139 TYR TYR A . n 
A 1 99  ASN 99  140 140 ASN ASN A . n 
A 1 100 LYS 100 141 141 LYS LYS A . n 
A 1 101 PRO 101 142 142 PRO PRO A . n 
A 1 102 GLY 102 143 143 GLY GLY A . n 
A 1 103 ASP 103 144 144 ASP ASP A . n 
A 1 104 ASP 104 145 145 ASP ASP A . n 
A 1 105 ILE 105 146 146 ILE ILE A . n 
A 1 106 VAL 106 147 147 VAL VAL A . n 
A 1 107 LEU 107 148 148 LEU LEU A . n 
A 1 108 MET 108 149 149 MET MET A . n 
A 1 109 ALA 109 150 150 ALA ALA A . n 
A 1 110 GLU 110 151 151 GLU GLU A . n 
A 1 111 ALA 111 152 152 ALA ALA A . n 
A 1 112 LEU 112 153 153 LEU LEU A . n 
A 1 113 GLU 113 154 154 GLU GLU A . n 
A 1 114 LYS 114 155 155 LYS LYS A . n 
A 1 115 LEU 115 156 156 LEU LEU A . n 
A 1 116 PHE 116 157 157 PHE PHE A . n 
A 1 117 LEU 117 158 158 LEU LEU A . n 
A 1 118 GLN 118 159 159 GLN GLN A . n 
A 1 119 LYS 119 160 160 LYS LYS A . n 
A 1 120 ILE 120 161 161 ILE ILE A . n 
A 1 121 ASN 121 162 162 ASN ASN A . n 
A 1 122 GLU 122 163 163 GLU GLU A . n 
A 1 123 LEU 123 164 164 LEU LEU A . n 
A 1 124 PRO 124 165 165 PRO PRO A . n 
A 1 125 THR 125 166 166 THR THR A . n 
A 1 126 GLU 126 167 ?   ?   ?   A . n 
A 1 127 GLU 127 168 ?   ?   ?   A . n 
# 
loop_
_pdbx_nonpoly_scheme.asym_id 
_pdbx_nonpoly_scheme.entity_id 
_pdbx_nonpoly_scheme.mon_id 
_pdbx_nonpoly_scheme.ndb_seq_num 
_pdbx_nonpoly_scheme.pdb_seq_num 
_pdbx_nonpoly_scheme.auth_seq_num 
_pdbx_nonpoly_scheme.pdb_mon_id 
_pdbx_nonpoly_scheme.auth_mon_id 
_pdbx_nonpoly_scheme.pdb_strand_id 
_pdbx_nonpoly_scheme.pdb_ins_code 
B 2 D9C 1   401 401  D9C DRG A . 
C 3 FMT 1   402 801  FMT FMT A . 
D 3 FMT 1   403 1001 FMT FMT A . 
E 3 FMT 1   404 201  FMT FMT A . 
F 3 FMT 1   405 301  FMT FMT A . 
G 4 HOH 1   501 71   HOH HOH A . 
G 4 HOH 2   502 4    HOH HOH A . 
G 4 HOH 3   503 75   HOH HOH A . 
G 4 HOH 4   504 104  HOH HOH A . 
G 4 HOH 5   505 26   HOH HOH A . 
G 4 HOH 6   506 19   HOH HOH A . 
G 4 HOH 7   507 33   HOH HOH A . 
G 4 HOH 8   508 70   HOH HOH A . 
G 4 HOH 9   509 82   HOH HOH A . 
G 4 HOH 10  510 51   HOH HOH A . 
G 4 HOH 11  511 8    HOH HOH A . 
G 4 HOH 12  512 88   HOH HOH A . 
G 4 HOH 13  513 46   HOH HOH A . 
G 4 HOH 14  514 39   HOH HOH A . 
G 4 HOH 15  515 84   HOH HOH A . 
G 4 HOH 16  516 7    HOH HOH A . 
G 4 HOH 17  517 18   HOH HOH A . 
G 4 HOH 18  518 101  HOH HOH A . 
G 4 HOH 19  519 43   HOH HOH A . 
G 4 HOH 20  520 6    HOH HOH A . 
G 4 HOH 21  521 102  HOH HOH A . 
G 4 HOH 22  522 11   HOH HOH A . 
G 4 HOH 23  523 30   HOH HOH A . 
G 4 HOH 24  524 79   HOH HOH A . 
G 4 HOH 25  525 44   HOH HOH A . 
G 4 HOH 26  526 23   HOH HOH A . 
G 4 HOH 27  527 52   HOH HOH A . 
G 4 HOH 28  528 38   HOH HOH A . 
G 4 HOH 29  529 95   HOH HOH A . 
G 4 HOH 30  530 93   HOH HOH A . 
G 4 HOH 31  531 98   HOH HOH A . 
G 4 HOH 32  532 31   HOH HOH A . 
G 4 HOH 33  533 14   HOH HOH A . 
G 4 HOH 34  534 45   HOH HOH A . 
G 4 HOH 35  535 103  HOH HOH A . 
G 4 HOH 36  536 48   HOH HOH A . 
G 4 HOH 37  537 36   HOH HOH A . 
G 4 HOH 38  538 5    HOH HOH A . 
G 4 HOH 39  539 53   HOH HOH A . 
G 4 HOH 40  540 28   HOH HOH A . 
G 4 HOH 41  541 3    HOH HOH A . 
G 4 HOH 42  542 56   HOH HOH A . 
G 4 HOH 43  543 83   HOH HOH A . 
G 4 HOH 44  544 29   HOH HOH A . 
G 4 HOH 45  545 17   HOH HOH A . 
G 4 HOH 46  546 55   HOH HOH A . 
G 4 HOH 47  547 35   HOH HOH A . 
G 4 HOH 48  548 27   HOH HOH A . 
G 4 HOH 49  549 50   HOH HOH A . 
G 4 HOH 50  550 2    HOH HOH A . 
G 4 HOH 51  551 80   HOH HOH A . 
G 4 HOH 52  552 85   HOH HOH A . 
G 4 HOH 53  553 32   HOH HOH A . 
G 4 HOH 54  554 9    HOH HOH A . 
G 4 HOH 55  555 15   HOH HOH A . 
G 4 HOH 56  556 90   HOH HOH A . 
G 4 HOH 57  557 6    HOH HOH A . 
G 4 HOH 58  558 41   HOH HOH A . 
G 4 HOH 59  559 22   HOH HOH A . 
G 4 HOH 60  560 11   HOH HOH A . 
G 4 HOH 61  561 42   HOH HOH A . 
G 4 HOH 62  562 57   HOH HOH A . 
G 4 HOH 63  563 66   HOH HOH A . 
G 4 HOH 64  564 76   HOH HOH A . 
G 4 HOH 65  565 94   HOH HOH A . 
G 4 HOH 66  566 108  HOH HOH A . 
G 4 HOH 67  567 77   HOH HOH A . 
G 4 HOH 68  568 8    HOH HOH A . 
G 4 HOH 69  569 78   HOH HOH A . 
G 4 HOH 70  570 68   HOH HOH A . 
G 4 HOH 71  571 9    HOH HOH A . 
G 4 HOH 72  572 61   HOH HOH A . 
G 4 HOH 73  573 12   HOH HOH A . 
G 4 HOH 74  574 92   HOH HOH A . 
G 4 HOH 75  575 40   HOH HOH A . 
G 4 HOH 76  576 37   HOH HOH A . 
G 4 HOH 77  577 21   HOH HOH A . 
G 4 HOH 78  578 25   HOH HOH A . 
G 4 HOH 79  579 87   HOH HOH A . 
G 4 HOH 80  580 91   HOH HOH A . 
G 4 HOH 81  581 59   HOH HOH A . 
G 4 HOH 82  582 34   HOH HOH A . 
G 4 HOH 83  583 10   HOH HOH A . 
G 4 HOH 84  584 81   HOH HOH A . 
G 4 HOH 85  585 74   HOH HOH A . 
G 4 HOH 86  586 16   HOH HOH A . 
G 4 HOH 87  587 105  HOH HOH A . 
G 4 HOH 88  588 63   HOH HOH A . 
G 4 HOH 89  589 20   HOH HOH A . 
G 4 HOH 90  590 58   HOH HOH A . 
G 4 HOH 91  591 13   HOH HOH A . 
G 4 HOH 92  592 99   HOH HOH A . 
G 4 HOH 93  593 73   HOH HOH A . 
G 4 HOH 94  594 64   HOH HOH A . 
G 4 HOH 95  595 100  HOH HOH A . 
G 4 HOH 96  596 67   HOH HOH A . 
G 4 HOH 97  597 47   HOH HOH A . 
G 4 HOH 98  598 2    HOH HOH A . 
G 4 HOH 99  599 4    HOH HOH A . 
G 4 HOH 100 600 89   HOH HOH A . 
G 4 HOH 101 601 7    HOH HOH A . 
G 4 HOH 102 602 5    HOH HOH A . 
G 4 HOH 103 603 72   HOH HOH A . 
G 4 HOH 104 604 62   HOH HOH A . 
G 4 HOH 105 605 96   HOH HOH A . 
G 4 HOH 106 606 3    HOH HOH A . 
G 4 HOH 107 607 97   HOH HOH A . 
G 4 HOH 108 608 54   HOH HOH A . 
G 4 HOH 109 609 106  HOH HOH A . 
G 4 HOH 110 610 107  HOH HOH A . 
G 4 HOH 111 611 10   HOH HOH A . 
# 
_pdbx_struct_assembly.id                   1 
_pdbx_struct_assembly.details              author_and_software_defined_assembly 
_pdbx_struct_assembly.method_details       PISA 
_pdbx_struct_assembly.oligomeric_details   monomeric 
_pdbx_struct_assembly.oligomeric_count     1 
# 
_pdbx_struct_assembly_gen.assembly_id       1 
_pdbx_struct_assembly_gen.oper_expression   1 
_pdbx_struct_assembly_gen.asym_id_list      A,B,C,D,E,F,G 
# 
loop_
_pdbx_struct_assembly_prop.biol_id 
_pdbx_struct_assembly_prop.type 
_pdbx_struct_assembly_prop.value 
_pdbx_struct_assembly_prop.details 
1 'ABSA (A^2)' 160  ? 
1 MORE         -0   ? 
1 'SSA (A^2)'  7310 ? 
# 
_pdbx_struct_oper_list.id                   1 
_pdbx_struct_oper_list.type                 'identity operation' 
_pdbx_struct_oper_list.name                 1_555 
_pdbx_struct_oper_list.symmetry_operation   x,y,z 
_pdbx_struct_oper_list.matrix[1][1]         1.0000000000 
_pdbx_struct_oper_list.matrix[1][2]         0.0000000000 
_pdbx_struct_oper_list.matrix[1][3]         0.0000000000 
_pdbx_struct_oper_list.vector[1]            0.0000000000 
_pdbx_struct_oper_list.matrix[2][1]         0.0000000000 
_pdbx_struct_oper_list.matrix[2][2]         1.0000000000 
_pdbx_struct_oper_list.matrix[2][3]         0.0000000000 
_pdbx_struct_oper_list.vector[2]            0.0000000000 
_pdbx_struct_oper_list.matrix[3][1]         0.0000000000 
_pdbx_struct_oper_list.matrix[3][2]         0.0000000000 
_pdbx_struct_oper_list.matrix[3][3]         1.0000000000 
_pdbx_struct_oper_list.vector[3]            0.0000000000 
# 
loop_
_pdbx_audit_revision_history.ordinal 
_pdbx_audit_revision_history.data_content_type 
_pdbx_audit_revision_history.major_revision 
_pdbx_audit_revision_history.minor_revision 
_pdbx_audit_revision_history.revision_date 
1 'Structure model' 1 0 2020-07-08 
2 'Structure model' 1 1 2021-03-31 
3 'Structure model' 1 2 2021-04-21 
4 'Structure model' 1 3 2023-11-22 
# 
_pdbx_audit_revision_details.ordinal             1 
_pdbx_audit_revision_details.revision_ordinal    1 
_pdbx_audit_revision_details.data_content_type   'Structure model' 
_pdbx_audit_revision_details.provider            repository 
_pdbx_audit_revision_details.type                'Initial release' 
_pdbx_audit_revision_details.description         ? 
_pdbx_audit_revision_details.details             ? 
# 
loop_
_pdbx_audit_revision_group.ordinal 
_pdbx_audit_revision_group.revision_ordinal 
_pdbx_audit_revision_group.data_content_type 
_pdbx_audit_revision_group.group 
1 2 'Structure model' 'Database references'    
2 3 'Structure model' 'Database references'    
3 4 'Structure model' 'Data collection'        
4 4 'Structure model' 'Database references'    
5 4 'Structure model' 'Refinement description' 
# 
loop_
_pdbx_audit_revision_category.ordinal 
_pdbx_audit_revision_category.revision_ordinal 
_pdbx_audit_revision_category.data_content_type 
_pdbx_audit_revision_category.category 
1 2 'Structure model' citation                      
2 2 'Structure model' citation_author               
3 3 'Structure model' citation                      
4 3 'Structure model' citation_author               
5 4 'Structure model' chem_comp_atom                
6 4 'Structure model' chem_comp_bond                
7 4 'Structure model' database_2                    
8 4 'Structure model' pdbx_initial_refinement_model 
# 
loop_
_pdbx_audit_revision_item.ordinal 
_pdbx_audit_revision_item.revision_ordinal 
_pdbx_audit_revision_item.data_content_type 
_pdbx_audit_revision_item.item 
1  2 'Structure model' '_citation.country'                   
2  2 'Structure model' '_citation.journal_abbrev'            
3  2 'Structure model' '_citation.journal_id_CSD'            
4  2 'Structure model' '_citation.journal_id_ISSN'           
5  2 'Structure model' '_citation.pdbx_database_id_DOI'      
6  2 'Structure model' '_citation.title'                     
7  2 'Structure model' '_citation.year'                      
8  3 'Structure model' '_citation.journal_volume'            
9  3 'Structure model' '_citation.pdbx_database_id_PubMed'   
10 3 'Structure model' '_citation_author.identifier_ORCID'   
11 3 'Structure model' '_citation_author.name'               
12 4 'Structure model' '_database_2.pdbx_DOI'                
13 4 'Structure model' '_database_2.pdbx_database_accession' 
# 
loop_
_software.citation_id 
_software.classification 
_software.compiler_name 
_software.compiler_version 
_software.contact_author 
_software.contact_author_email 
_software.date 
_software.description 
_software.dependencies 
_software.hardware 
_software.language 
_software.location 
_software.mods 
_software.name 
_software.os 
_software.os_version 
_software.type 
_software.version 
_software.pdbx_ordinal 
? refinement        ? ? ? ? ? ? ? ? ? ? ? PHENIX      ? ? ? 1.14_3260 1 
? 'data extraction' ? ? ? ? ? ? ? ? ? ? ? PDB_EXTRACT ? ? ? 3.25      2 
? 'data reduction'  ? ? ? ? ? ? ? ? ? ? ? HKL-2000    ? ? ? .         3 
? 'data scaling'    ? ? ? ? ? ? ? ? ? ? ? HKL-2000    ? ? ? .         4 
? phasing           ? ? ? ? ? ? ? ? ? ? ? PHASER      ? ? ? .         5 
# 
_pdbx_entry_details.entry_id                 6KEC 
_pdbx_entry_details.has_ligand_of_interest   Y 
_pdbx_entry_details.compound_details         ? 
_pdbx_entry_details.source_details           ? 
_pdbx_entry_details.nonpolymer_details       ? 
_pdbx_entry_details.sequence_details         ? 
# 
loop_
_pdbx_validate_torsion.id 
_pdbx_validate_torsion.PDB_model_num 
_pdbx_validate_torsion.auth_comp_id 
_pdbx_validate_torsion.auth_asym_id 
_pdbx_validate_torsion.auth_seq_id 
_pdbx_validate_torsion.PDB_ins_code 
_pdbx_validate_torsion.label_alt_id 
_pdbx_validate_torsion.phi 
_pdbx_validate_torsion.psi 
1 1 ASN A 52  ? ? -161.50 106.20  
2 1 ASN A 140 ? ? -110.69 -149.34 
# 
loop_
_pdbx_unobs_or_zero_occ_residues.id 
_pdbx_unobs_or_zero_occ_residues.PDB_model_num 
_pdbx_unobs_or_zero_occ_residues.polymer_flag 
_pdbx_unobs_or_zero_occ_residues.occupancy_flag 
_pdbx_unobs_or_zero_occ_residues.auth_asym_id 
_pdbx_unobs_or_zero_occ_residues.auth_comp_id 
_pdbx_unobs_or_zero_occ_residues.auth_seq_id 
_pdbx_unobs_or_zero_occ_residues.PDB_ins_code 
_pdbx_unobs_or_zero_occ_residues.label_asym_id 
_pdbx_unobs_or_zero_occ_residues.label_comp_id 
_pdbx_unobs_or_zero_occ_residues.label_seq_id 
1 1 Y 1 A GLY 42  ? A GLY 1   
2 1 Y 1 A SER 43  ? A SER 2   
3 1 Y 1 A GLU 167 ? A GLU 126 
4 1 Y 1 A GLU 168 ? A GLU 127 
# 
loop_
_chem_comp_atom.comp_id 
_chem_comp_atom.atom_id 
_chem_comp_atom.type_symbol 
_chem_comp_atom.pdbx_aromatic_flag 
_chem_comp_atom.pdbx_stereo_config 
_chem_comp_atom.pdbx_ordinal 
ALA N    N N N 1   
ALA CA   C N S 2   
ALA C    C N N 3   
ALA O    O N N 4   
ALA CB   C N N 5   
ALA OXT  O N N 6   
ALA H    H N N 7   
ALA H2   H N N 8   
ALA HA   H N N 9   
ALA HB1  H N N 10  
ALA HB2  H N N 11  
ALA HB3  H N N 12  
ALA HXT  H N N 13  
ARG N    N N N 14  
ARG CA   C N S 15  
ARG C    C N N 16  
ARG O    O N N 17  
ARG CB   C N N 18  
ARG CG   C N N 19  
ARG CD   C N N 20  
ARG NE   N N N 21  
ARG CZ   C N N 22  
ARG NH1  N N N 23  
ARG NH2  N N N 24  
ARG OXT  O N N 25  
ARG H    H N N 26  
ARG H2   H N N 27  
ARG HA   H N N 28  
ARG HB2  H N N 29  
ARG HB3  H N N 30  
ARG HG2  H N N 31  
ARG HG3  H N N 32  
ARG HD2  H N N 33  
ARG HD3  H N N 34  
ARG HE   H N N 35  
ARG HH11 H N N 36  
ARG HH12 H N N 37  
ARG HH21 H N N 38  
ARG HH22 H N N 39  
ARG HXT  H N N 40  
ASN N    N N N 41  
ASN CA   C N S 42  
ASN C    C N N 43  
ASN O    O N N 44  
ASN CB   C N N 45  
ASN CG   C N N 46  
ASN OD1  O N N 47  
ASN ND2  N N N 48  
ASN OXT  O N N 49  
ASN H    H N N 50  
ASN H2   H N N 51  
ASN HA   H N N 52  
ASN HB2  H N N 53  
ASN HB3  H N N 54  
ASN HD21 H N N 55  
ASN HD22 H N N 56  
ASN HXT  H N N 57  
ASP N    N N N 58  
ASP CA   C N S 59  
ASP C    C N N 60  
ASP O    O N N 61  
ASP CB   C N N 62  
ASP CG   C N N 63  
ASP OD1  O N N 64  
ASP OD2  O N N 65  
ASP OXT  O N N 66  
ASP H    H N N 67  
ASP H2   H N N 68  
ASP HA   H N N 69  
ASP HB2  H N N 70  
ASP HB3  H N N 71  
ASP HD2  H N N 72  
ASP HXT  H N N 73  
CYS N    N N N 74  
CYS CA   C N R 75  
CYS C    C N N 76  
CYS O    O N N 77  
CYS CB   C N N 78  
CYS SG   S N N 79  
CYS OXT  O N N 80  
CYS H    H N N 81  
CYS H2   H N N 82  
CYS HA   H N N 83  
CYS HB2  H N N 84  
CYS HB3  H N N 85  
CYS HG   H N N 86  
CYS HXT  H N N 87  
D9C C4   C Y N 88  
D9C C14  C Y N 89  
D9C C5   C Y N 90  
D9C C6   C Y N 91  
D9C C11  C Y N 92  
D9C C7   C N N 93  
D9C C8   C N N 94  
D9C C9   C N N 95  
D9C C10  C Y N 96  
D9C C12  C Y N 97  
D9C C13  C Y N 98  
D9C N1   N N N 99  
D9C C3   C Y N 100 
D9C C1   C Y N 101 
D9C C15  C Y N 102 
D9C C16  C N N 103 
D9C C17  C N N 104 
D9C C18  C N N 105 
D9C C19  C N N 106 
D9C C2   C Y N 107 
D9C C20  C N N 108 
D9C O1   O N N 109 
D9C O2   O N N 110 
D9C O3   O N N 111 
D9C O4   O N N 112 
D9C O5   O N N 113 
D9C H1   H N N 114 
D9C H2   H N N 115 
D9C H3   H N N 116 
D9C H5   H N N 117 
D9C H7   H N N 118 
D9C H8   H N N 119 
D9C H9   H N N 120 
D9C H10  H N N 121 
D9C H11  H N N 122 
D9C H12  H N N 123 
D9C H13  H N N 124 
D9C H14  H N N 125 
D9C H15  H N N 126 
D9C H16  H N N 127 
D9C H17  H N N 128 
D9C H18  H N N 129 
D9C H19  H N N 130 
D9C H20  H N N 131 
D9C H21  H N N 132 
FMT C    C N N 133 
FMT O1   O N N 134 
FMT O2   O N N 135 
FMT H    H N N 136 
FMT HO2  H N N 137 
GLN N    N N N 138 
GLN CA   C N S 139 
GLN C    C N N 140 
GLN O    O N N 141 
GLN CB   C N N 142 
GLN CG   C N N 143 
GLN CD   C N N 144 
GLN OE1  O N N 145 
GLN NE2  N N N 146 
GLN OXT  O N N 147 
GLN H    H N N 148 
GLN H2   H N N 149 
GLN HA   H N N 150 
GLN HB2  H N N 151 
GLN HB3  H N N 152 
GLN HG2  H N N 153 
GLN HG3  H N N 154 
GLN HE21 H N N 155 
GLN HE22 H N N 156 
GLN HXT  H N N 157 
GLU N    N N N 158 
GLU CA   C N S 159 
GLU C    C N N 160 
GLU O    O N N 161 
GLU CB   C N N 162 
GLU CG   C N N 163 
GLU CD   C N N 164 
GLU OE1  O N N 165 
GLU OE2  O N N 166 
GLU OXT  O N N 167 
GLU H    H N N 168 
GLU H2   H N N 169 
GLU HA   H N N 170 
GLU HB2  H N N 171 
GLU HB3  H N N 172 
GLU HG2  H N N 173 
GLU HG3  H N N 174 
GLU HE2  H N N 175 
GLU HXT  H N N 176 
GLY N    N N N 177 
GLY CA   C N N 178 
GLY C    C N N 179 
GLY O    O N N 180 
GLY OXT  O N N 181 
GLY H    H N N 182 
GLY H2   H N N 183 
GLY HA2  H N N 184 
GLY HA3  H N N 185 
GLY HXT  H N N 186 
HIS N    N N N 187 
HIS CA   C N S 188 
HIS C    C N N 189 
HIS O    O N N 190 
HIS CB   C N N 191 
HIS CG   C Y N 192 
HIS ND1  N Y N 193 
HIS CD2  C Y N 194 
HIS CE1  C Y N 195 
HIS NE2  N Y N 196 
HIS OXT  O N N 197 
HIS H    H N N 198 
HIS H2   H N N 199 
HIS HA   H N N 200 
HIS HB2  H N N 201 
HIS HB3  H N N 202 
HIS HD1  H N N 203 
HIS HD2  H N N 204 
HIS HE1  H N N 205 
HIS HE2  H N N 206 
HIS HXT  H N N 207 
HOH O    O N N 208 
HOH H1   H N N 209 
HOH H2   H N N 210 
ILE N    N N N 211 
ILE CA   C N S 212 
ILE C    C N N 213 
ILE O    O N N 214 
ILE CB   C N S 215 
ILE CG1  C N N 216 
ILE CG2  C N N 217 
ILE CD1  C N N 218 
ILE OXT  O N N 219 
ILE H    H N N 220 
ILE H2   H N N 221 
ILE HA   H N N 222 
ILE HB   H N N 223 
ILE HG12 H N N 224 
ILE HG13 H N N 225 
ILE HG21 H N N 226 
ILE HG22 H N N 227 
ILE HG23 H N N 228 
ILE HD11 H N N 229 
ILE HD12 H N N 230 
ILE HD13 H N N 231 
ILE HXT  H N N 232 
LEU N    N N N 233 
LEU CA   C N S 234 
LEU C    C N N 235 
LEU O    O N N 236 
LEU CB   C N N 237 
LEU CG   C N N 238 
LEU CD1  C N N 239 
LEU CD2  C N N 240 
LEU OXT  O N N 241 
LEU H    H N N 242 
LEU H2   H N N 243 
LEU HA   H N N 244 
LEU HB2  H N N 245 
LEU HB3  H N N 246 
LEU HG   H N N 247 
LEU HD11 H N N 248 
LEU HD12 H N N 249 
LEU HD13 H N N 250 
LEU HD21 H N N 251 
LEU HD22 H N N 252 
LEU HD23 H N N 253 
LEU HXT  H N N 254 
LYS N    N N N 255 
LYS CA   C N S 256 
LYS C    C N N 257 
LYS O    O N N 258 
LYS CB   C N N 259 
LYS CG   C N N 260 
LYS CD   C N N 261 
LYS CE   C N N 262 
LYS NZ   N N N 263 
LYS OXT  O N N 264 
LYS H    H N N 265 
LYS H2   H N N 266 
LYS HA   H N N 267 
LYS HB2  H N N 268 
LYS HB3  H N N 269 
LYS HG2  H N N 270 
LYS HG3  H N N 271 
LYS HD2  H N N 272 
LYS HD3  H N N 273 
LYS HE2  H N N 274 
LYS HE3  H N N 275 
LYS HZ1  H N N 276 
LYS HZ2  H N N 277 
LYS HZ3  H N N 278 
LYS HXT  H N N 279 
MET N    N N N 280 
MET CA   C N S 281 
MET C    C N N 282 
MET O    O N N 283 
MET CB   C N N 284 
MET CG   C N N 285 
MET SD   S N N 286 
MET CE   C N N 287 
MET OXT  O N N 288 
MET H    H N N 289 
MET H2   H N N 290 
MET HA   H N N 291 
MET HB2  H N N 292 
MET HB3  H N N 293 
MET HG2  H N N 294 
MET HG3  H N N 295 
MET HE1  H N N 296 
MET HE2  H N N 297 
MET HE3  H N N 298 
MET HXT  H N N 299 
PHE N    N N N 300 
PHE CA   C N S 301 
PHE C    C N N 302 
PHE O    O N N 303 
PHE CB   C N N 304 
PHE CG   C Y N 305 
PHE CD1  C Y N 306 
PHE CD2  C Y N 307 
PHE CE1  C Y N 308 
PHE CE2  C Y N 309 
PHE CZ   C Y N 310 
PHE OXT  O N N 311 
PHE H    H N N 312 
PHE H2   H N N 313 
PHE HA   H N N 314 
PHE HB2  H N N 315 
PHE HB3  H N N 316 
PHE HD1  H N N 317 
PHE HD2  H N N 318 
PHE HE1  H N N 319 
PHE HE2  H N N 320 
PHE HZ   H N N 321 
PHE HXT  H N N 322 
PRO N    N N N 323 
PRO CA   C N S 324 
PRO C    C N N 325 
PRO O    O N N 326 
PRO CB   C N N 327 
PRO CG   C N N 328 
PRO CD   C N N 329 
PRO OXT  O N N 330 
PRO H    H N N 331 
PRO HA   H N N 332 
PRO HB2  H N N 333 
PRO HB3  H N N 334 
PRO HG2  H N N 335 
PRO HG3  H N N 336 
PRO HD2  H N N 337 
PRO HD3  H N N 338 
PRO HXT  H N N 339 
SER N    N N N 340 
SER CA   C N S 341 
SER C    C N N 342 
SER O    O N N 343 
SER CB   C N N 344 
SER OG   O N N 345 
SER OXT  O N N 346 
SER H    H N N 347 
SER H2   H N N 348 
SER HA   H N N 349 
SER HB2  H N N 350 
SER HB3  H N N 351 
SER HG   H N N 352 
SER HXT  H N N 353 
THR N    N N N 354 
THR CA   C N S 355 
THR C    C N N 356 
THR O    O N N 357 
THR CB   C N R 358 
THR OG1  O N N 359 
THR CG2  C N N 360 
THR OXT  O N N 361 
THR H    H N N 362 
THR H2   H N N 363 
THR HA   H N N 364 
THR HB   H N N 365 
THR HG1  H N N 366 
THR HG21 H N N 367 
THR HG22 H N N 368 
THR HG23 H N N 369 
THR HXT  H N N 370 
TRP N    N N N 371 
TRP CA   C N S 372 
TRP C    C N N 373 
TRP O    O N N 374 
TRP CB   C N N 375 
TRP CG   C Y N 376 
TRP CD1  C Y N 377 
TRP CD2  C Y N 378 
TRP NE1  N Y N 379 
TRP CE2  C Y N 380 
TRP CE3  C Y N 381 
TRP CZ2  C Y N 382 
TRP CZ3  C Y N 383 
TRP CH2  C Y N 384 
TRP OXT  O N N 385 
TRP H    H N N 386 
TRP H2   H N N 387 
TRP HA   H N N 388 
TRP HB2  H N N 389 
TRP HB3  H N N 390 
TRP HD1  H N N 391 
TRP HE1  H N N 392 
TRP HE3  H N N 393 
TRP HZ2  H N N 394 
TRP HZ3  H N N 395 
TRP HH2  H N N 396 
TRP HXT  H N N 397 
TYR N    N N N 398 
TYR CA   C N S 399 
TYR C    C N N 400 
TYR O    O N N 401 
TYR CB   C N N 402 
TYR CG   C Y N 403 
TYR CD1  C Y N 404 
TYR CD2  C Y N 405 
TYR CE1  C Y N 406 
TYR CE2  C Y N 407 
TYR CZ   C Y N 408 
TYR OH   O N N 409 
TYR OXT  O N N 410 
TYR H    H N N 411 
TYR H2   H N N 412 
TYR HA   H N N 413 
TYR HB2  H N N 414 
TYR HB3  H N N 415 
TYR HD1  H N N 416 
TYR HD2  H N N 417 
TYR HE1  H N N 418 
TYR HE2  H N N 419 
TYR HH   H N N 420 
TYR HXT  H N N 421 
VAL N    N N N 422 
VAL CA   C N S 423 
VAL C    C N N 424 
VAL O    O N N 425 
VAL CB   C N N 426 
VAL CG1  C N N 427 
VAL CG2  C N N 428 
VAL OXT  O N N 429 
VAL H    H N N 430 
VAL H2   H N N 431 
VAL HA   H N N 432 
VAL HB   H N N 433 
VAL HG11 H N N 434 
VAL HG12 H N N 435 
VAL HG13 H N N 436 
VAL HG21 H N N 437 
VAL HG22 H N N 438 
VAL HG23 H N N 439 
VAL HXT  H N N 440 
# 
loop_
_chem_comp_bond.comp_id 
_chem_comp_bond.atom_id_1 
_chem_comp_bond.atom_id_2 
_chem_comp_bond.value_order 
_chem_comp_bond.pdbx_aromatic_flag 
_chem_comp_bond.pdbx_stereo_config 
_chem_comp_bond.pdbx_ordinal 
ALA N   CA   sing N N 1   
ALA N   H    sing N N 2   
ALA N   H2   sing N N 3   
ALA CA  C    sing N N 4   
ALA CA  CB   sing N N 5   
ALA CA  HA   sing N N 6   
ALA C   O    doub N N 7   
ALA C   OXT  sing N N 8   
ALA CB  HB1  sing N N 9   
ALA CB  HB2  sing N N 10  
ALA CB  HB3  sing N N 11  
ALA OXT HXT  sing N N 12  
ARG N   CA   sing N N 13  
ARG N   H    sing N N 14  
ARG N   H2   sing N N 15  
ARG CA  C    sing N N 16  
ARG CA  CB   sing N N 17  
ARG CA  HA   sing N N 18  
ARG C   O    doub N N 19  
ARG C   OXT  sing N N 20  
ARG CB  CG   sing N N 21  
ARG CB  HB2  sing N N 22  
ARG CB  HB3  sing N N 23  
ARG CG  CD   sing N N 24  
ARG CG  HG2  sing N N 25  
ARG CG  HG3  sing N N 26  
ARG CD  NE   sing N N 27  
ARG CD  HD2  sing N N 28  
ARG CD  HD3  sing N N 29  
ARG NE  CZ   sing N N 30  
ARG NE  HE   sing N N 31  
ARG CZ  NH1  sing N N 32  
ARG CZ  NH2  doub N N 33  
ARG NH1 HH11 sing N N 34  
ARG NH1 HH12 sing N N 35  
ARG NH2 HH21 sing N N 36  
ARG NH2 HH22 sing N N 37  
ARG OXT HXT  sing N N 38  
ASN N   CA   sing N N 39  
ASN N   H    sing N N 40  
ASN N   H2   sing N N 41  
ASN CA  C    sing N N 42  
ASN CA  CB   sing N N 43  
ASN CA  HA   sing N N 44  
ASN C   O    doub N N 45  
ASN C   OXT  sing N N 46  
ASN CB  CG   sing N N 47  
ASN CB  HB2  sing N N 48  
ASN CB  HB3  sing N N 49  
ASN CG  OD1  doub N N 50  
ASN CG  ND2  sing N N 51  
ASN ND2 HD21 sing N N 52  
ASN ND2 HD22 sing N N 53  
ASN OXT HXT  sing N N 54  
ASP N   CA   sing N N 55  
ASP N   H    sing N N 56  
ASP N   H2   sing N N 57  
ASP CA  C    sing N N 58  
ASP CA  CB   sing N N 59  
ASP CA  HA   sing N N 60  
ASP C   O    doub N N 61  
ASP C   OXT  sing N N 62  
ASP CB  CG   sing N N 63  
ASP CB  HB2  sing N N 64  
ASP CB  HB3  sing N N 65  
ASP CG  OD1  doub N N 66  
ASP CG  OD2  sing N N 67  
ASP OD2 HD2  sing N N 68  
ASP OXT HXT  sing N N 69  
CYS N   CA   sing N N 70  
CYS N   H    sing N N 71  
CYS N   H2   sing N N 72  
CYS CA  C    sing N N 73  
CYS CA  CB   sing N N 74  
CYS CA  HA   sing N N 75  
CYS C   O    doub N N 76  
CYS C   OXT  sing N N 77  
CYS CB  SG   sing N N 78  
CYS CB  HB2  sing N N 79  
CYS CB  HB3  sing N N 80  
CYS SG  HG   sing N N 81  
CYS OXT HXT  sing N N 82  
D9C C17 O3   sing N N 83  
D9C C19 C18  sing N N 84  
D9C O3  C6   sing N N 85  
D9C C5  C6   doub Y N 86  
D9C C5  C4   sing Y N 87  
D9C C6  C1   sing Y N 88  
D9C C18 O4   sing N N 89  
D9C O4  C12  sing N N 90  
D9C C4  C3   doub Y N 91  
D9C C1  O1   sing N N 92  
D9C C1  C2   doub Y N 93  
D9C O1  C11  sing N N 94  
D9C C3  C2   sing Y N 95  
D9C C3  C7   sing N N 96  
D9C C2  C8   sing N N 97  
D9C C12 C11  doub Y N 98  
D9C C12 C13  sing Y N 99  
D9C C11 C10  sing Y N 100 
D9C C7  O2   doub N N 101 
D9C C7  N1   sing N N 102 
D9C O5  C13  sing N N 103 
D9C O5  C20  sing N N 104 
D9C C13 C14  doub Y N 105 
D9C C8  N1   sing N N 106 
D9C C8  C9   doub N N 107 
D9C N1  C16  sing N N 108 
D9C C10 C9   sing N N 109 
D9C C10 C15  doub Y N 110 
D9C C14 C15  sing Y N 111 
D9C C4  H1   sing N N 112 
D9C C14 H2   sing N N 113 
D9C C5  H3   sing N N 114 
D9C C9  H5   sing N N 115 
D9C C15 H7   sing N N 116 
D9C C16 H8   sing N N 117 
D9C C16 H9   sing N N 118 
D9C C16 H10  sing N N 119 
D9C C17 H11  sing N N 120 
D9C C17 H12  sing N N 121 
D9C C17 H13  sing N N 122 
D9C C18 H14  sing N N 123 
D9C C18 H15  sing N N 124 
D9C C19 H16  sing N N 125 
D9C C19 H17  sing N N 126 
D9C C19 H18  sing N N 127 
D9C C20 H19  sing N N 128 
D9C C20 H20  sing N N 129 
D9C C20 H21  sing N N 130 
FMT C   O1   doub N N 131 
FMT C   O2   sing N N 132 
FMT C   H    sing N N 133 
FMT O2  HO2  sing N N 134 
GLN N   CA   sing N N 135 
GLN N   H    sing N N 136 
GLN N   H2   sing N N 137 
GLN CA  C    sing N N 138 
GLN CA  CB   sing N N 139 
GLN CA  HA   sing N N 140 
GLN C   O    doub N N 141 
GLN C   OXT  sing N N 142 
GLN CB  CG   sing N N 143 
GLN CB  HB2  sing N N 144 
GLN CB  HB3  sing N N 145 
GLN CG  CD   sing N N 146 
GLN CG  HG2  sing N N 147 
GLN CG  HG3  sing N N 148 
GLN CD  OE1  doub N N 149 
GLN CD  NE2  sing N N 150 
GLN NE2 HE21 sing N N 151 
GLN NE2 HE22 sing N N 152 
GLN OXT HXT  sing N N 153 
GLU N   CA   sing N N 154 
GLU N   H    sing N N 155 
GLU N   H2   sing N N 156 
GLU CA  C    sing N N 157 
GLU CA  CB   sing N N 158 
GLU CA  HA   sing N N 159 
GLU C   O    doub N N 160 
GLU C   OXT  sing N N 161 
GLU CB  CG   sing N N 162 
GLU CB  HB2  sing N N 163 
GLU CB  HB3  sing N N 164 
GLU CG  CD   sing N N 165 
GLU CG  HG2  sing N N 166 
GLU CG  HG3  sing N N 167 
GLU CD  OE1  doub N N 168 
GLU CD  OE2  sing N N 169 
GLU OE2 HE2  sing N N 170 
GLU OXT HXT  sing N N 171 
GLY N   CA   sing N N 172 
GLY N   H    sing N N 173 
GLY N   H2   sing N N 174 
GLY CA  C    sing N N 175 
GLY CA  HA2  sing N N 176 
GLY CA  HA3  sing N N 177 
GLY C   O    doub N N 178 
GLY C   OXT  sing N N 179 
GLY OXT HXT  sing N N 180 
HIS N   CA   sing N N 181 
HIS N   H    sing N N 182 
HIS N   H2   sing N N 183 
HIS CA  C    sing N N 184 
HIS CA  CB   sing N N 185 
HIS CA  HA   sing N N 186 
HIS C   O    doub N N 187 
HIS C   OXT  sing N N 188 
HIS CB  CG   sing N N 189 
HIS CB  HB2  sing N N 190 
HIS CB  HB3  sing N N 191 
HIS CG  ND1  sing Y N 192 
HIS CG  CD2  doub Y N 193 
HIS ND1 CE1  doub Y N 194 
HIS ND1 HD1  sing N N 195 
HIS CD2 NE2  sing Y N 196 
HIS CD2 HD2  sing N N 197 
HIS CE1 NE2  sing Y N 198 
HIS CE1 HE1  sing N N 199 
HIS NE2 HE2  sing N N 200 
HIS OXT HXT  sing N N 201 
HOH O   H1   sing N N 202 
HOH O   H2   sing N N 203 
ILE N   CA   sing N N 204 
ILE N   H    sing N N 205 
ILE N   H2   sing N N 206 
ILE CA  C    sing N N 207 
ILE CA  CB   sing N N 208 
ILE CA  HA   sing N N 209 
ILE C   O    doub N N 210 
ILE C   OXT  sing N N 211 
ILE CB  CG1  sing N N 212 
ILE CB  CG2  sing N N 213 
ILE CB  HB   sing N N 214 
ILE CG1 CD1  sing N N 215 
ILE CG1 HG12 sing N N 216 
ILE CG1 HG13 sing N N 217 
ILE CG2 HG21 sing N N 218 
ILE CG2 HG22 sing N N 219 
ILE CG2 HG23 sing N N 220 
ILE CD1 HD11 sing N N 221 
ILE CD1 HD12 sing N N 222 
ILE CD1 HD13 sing N N 223 
ILE OXT HXT  sing N N 224 
LEU N   CA   sing N N 225 
LEU N   H    sing N N 226 
LEU N   H2   sing N N 227 
LEU CA  C    sing N N 228 
LEU CA  CB   sing N N 229 
LEU CA  HA   sing N N 230 
LEU C   O    doub N N 231 
LEU C   OXT  sing N N 232 
LEU CB  CG   sing N N 233 
LEU CB  HB2  sing N N 234 
LEU CB  HB3  sing N N 235 
LEU CG  CD1  sing N N 236 
LEU CG  CD2  sing N N 237 
LEU CG  HG   sing N N 238 
LEU CD1 HD11 sing N N 239 
LEU CD1 HD12 sing N N 240 
LEU CD1 HD13 sing N N 241 
LEU CD2 HD21 sing N N 242 
LEU CD2 HD22 sing N N 243 
LEU CD2 HD23 sing N N 244 
LEU OXT HXT  sing N N 245 
LYS N   CA   sing N N 246 
LYS N   H    sing N N 247 
LYS N   H2   sing N N 248 
LYS CA  C    sing N N 249 
LYS CA  CB   sing N N 250 
LYS CA  HA   sing N N 251 
LYS C   O    doub N N 252 
LYS C   OXT  sing N N 253 
LYS CB  CG   sing N N 254 
LYS CB  HB2  sing N N 255 
LYS CB  HB3  sing N N 256 
LYS CG  CD   sing N N 257 
LYS CG  HG2  sing N N 258 
LYS CG  HG3  sing N N 259 
LYS CD  CE   sing N N 260 
LYS CD  HD2  sing N N 261 
LYS CD  HD3  sing N N 262 
LYS CE  NZ   sing N N 263 
LYS CE  HE2  sing N N 264 
LYS CE  HE3  sing N N 265 
LYS NZ  HZ1  sing N N 266 
LYS NZ  HZ2  sing N N 267 
LYS NZ  HZ3  sing N N 268 
LYS OXT HXT  sing N N 269 
MET N   CA   sing N N 270 
MET N   H    sing N N 271 
MET N   H2   sing N N 272 
MET CA  C    sing N N 273 
MET CA  CB   sing N N 274 
MET CA  HA   sing N N 275 
MET C   O    doub N N 276 
MET C   OXT  sing N N 277 
MET CB  CG   sing N N 278 
MET CB  HB2  sing N N 279 
MET CB  HB3  sing N N 280 
MET CG  SD   sing N N 281 
MET CG  HG2  sing N N 282 
MET CG  HG3  sing N N 283 
MET SD  CE   sing N N 284 
MET CE  HE1  sing N N 285 
MET CE  HE2  sing N N 286 
MET CE  HE3  sing N N 287 
MET OXT HXT  sing N N 288 
PHE N   CA   sing N N 289 
PHE N   H    sing N N 290 
PHE N   H2   sing N N 291 
PHE CA  C    sing N N 292 
PHE CA  CB   sing N N 293 
PHE CA  HA   sing N N 294 
PHE C   O    doub N N 295 
PHE C   OXT  sing N N 296 
PHE CB  CG   sing N N 297 
PHE CB  HB2  sing N N 298 
PHE CB  HB3  sing N N 299 
PHE CG  CD1  doub Y N 300 
PHE CG  CD2  sing Y N 301 
PHE CD1 CE1  sing Y N 302 
PHE CD1 HD1  sing N N 303 
PHE CD2 CE2  doub Y N 304 
PHE CD2 HD2  sing N N 305 
PHE CE1 CZ   doub Y N 306 
PHE CE1 HE1  sing N N 307 
PHE CE2 CZ   sing Y N 308 
PHE CE2 HE2  sing N N 309 
PHE CZ  HZ   sing N N 310 
PHE OXT HXT  sing N N 311 
PRO N   CA   sing N N 312 
PRO N   CD   sing N N 313 
PRO N   H    sing N N 314 
PRO CA  C    sing N N 315 
PRO CA  CB   sing N N 316 
PRO CA  HA   sing N N 317 
PRO C   O    doub N N 318 
PRO C   OXT  sing N N 319 
PRO CB  CG   sing N N 320 
PRO CB  HB2  sing N N 321 
PRO CB  HB3  sing N N 322 
PRO CG  CD   sing N N 323 
PRO CG  HG2  sing N N 324 
PRO CG  HG3  sing N N 325 
PRO CD  HD2  sing N N 326 
PRO CD  HD3  sing N N 327 
PRO OXT HXT  sing N N 328 
SER N   CA   sing N N 329 
SER N   H    sing N N 330 
SER N   H2   sing N N 331 
SER CA  C    sing N N 332 
SER CA  CB   sing N N 333 
SER CA  HA   sing N N 334 
SER C   O    doub N N 335 
SER C   OXT  sing N N 336 
SER CB  OG   sing N N 337 
SER CB  HB2  sing N N 338 
SER CB  HB3  sing N N 339 
SER OG  HG   sing N N 340 
SER OXT HXT  sing N N 341 
THR N   CA   sing N N 342 
THR N   H    sing N N 343 
THR N   H2   sing N N 344 
THR CA  C    sing N N 345 
THR CA  CB   sing N N 346 
THR CA  HA   sing N N 347 
THR C   O    doub N N 348 
THR C   OXT  sing N N 349 
THR CB  OG1  sing N N 350 
THR CB  CG2  sing N N 351 
THR CB  HB   sing N N 352 
THR OG1 HG1  sing N N 353 
THR CG2 HG21 sing N N 354 
THR CG2 HG22 sing N N 355 
THR CG2 HG23 sing N N 356 
THR OXT HXT  sing N N 357 
TRP N   CA   sing N N 358 
TRP N   H    sing N N 359 
TRP N   H2   sing N N 360 
TRP CA  C    sing N N 361 
TRP CA  CB   sing N N 362 
TRP CA  HA   sing N N 363 
TRP C   O    doub N N 364 
TRP C   OXT  sing N N 365 
TRP CB  CG   sing N N 366 
TRP CB  HB2  sing N N 367 
TRP CB  HB3  sing N N 368 
TRP CG  CD1  doub Y N 369 
TRP CG  CD2  sing Y N 370 
TRP CD1 NE1  sing Y N 371 
TRP CD1 HD1  sing N N 372 
TRP CD2 CE2  doub Y N 373 
TRP CD2 CE3  sing Y N 374 
TRP NE1 CE2  sing Y N 375 
TRP NE1 HE1  sing N N 376 
TRP CE2 CZ2  sing Y N 377 
TRP CE3 CZ3  doub Y N 378 
TRP CE3 HE3  sing N N 379 
TRP CZ2 CH2  doub Y N 380 
TRP CZ2 HZ2  sing N N 381 
TRP CZ3 CH2  sing Y N 382 
TRP CZ3 HZ3  sing N N 383 
TRP CH2 HH2  sing N N 384 
TRP OXT HXT  sing N N 385 
TYR N   CA   sing N N 386 
TYR N   H    sing N N 387 
TYR N   H2   sing N N 388 
TYR CA  C    sing N N 389 
TYR CA  CB   sing N N 390 
TYR CA  HA   sing N N 391 
TYR C   O    doub N N 392 
TYR C   OXT  sing N N 393 
TYR CB  CG   sing N N 394 
TYR CB  HB2  sing N N 395 
TYR CB  HB3  sing N N 396 
TYR CG  CD1  doub Y N 397 
TYR CG  CD2  sing Y N 398 
TYR CD1 CE1  sing Y N 399 
TYR CD1 HD1  sing N N 400 
TYR CD2 CE2  doub Y N 401 
TYR CD2 HD2  sing N N 402 
TYR CE1 CZ   doub Y N 403 
TYR CE1 HE1  sing N N 404 
TYR CE2 CZ   sing Y N 405 
TYR CE2 HE2  sing N N 406 
TYR CZ  OH   sing N N 407 
TYR OH  HH   sing N N 408 
TYR OXT HXT  sing N N 409 
VAL N   CA   sing N N 410 
VAL N   H    sing N N 411 
VAL N   H2   sing N N 412 
VAL CA  C    sing N N 413 
VAL CA  CB   sing N N 414 
VAL CA  HA   sing N N 415 
VAL C   O    doub N N 416 
VAL C   OXT  sing N N 417 
VAL CB  CG1  sing N N 418 
VAL CB  CG2  sing N N 419 
VAL CB  HB   sing N N 420 
VAL CG1 HG11 sing N N 421 
VAL CG1 HG12 sing N N 422 
VAL CG1 HG13 sing N N 423 
VAL CG2 HG21 sing N N 424 
VAL CG2 HG22 sing N N 425 
VAL CG2 HG23 sing N N 426 
VAL OXT HXT  sing N N 427 
# 
_pdbx_audit_support.funding_organization   'National Research Foundation (Korea)' 
_pdbx_audit_support.country                'Korea, Republic Of' 
_pdbx_audit_support.grant_number           NRF-2019R1A2C1002545 
_pdbx_audit_support.ordinal                1 
# 
loop_
_pdbx_entity_instance_feature.ordinal 
_pdbx_entity_instance_feature.comp_id 
_pdbx_entity_instance_feature.asym_id 
_pdbx_entity_instance_feature.seq_num 
_pdbx_entity_instance_feature.auth_comp_id 
_pdbx_entity_instance_feature.auth_asym_id 
_pdbx_entity_instance_feature.auth_seq_num 
_pdbx_entity_instance_feature.feature_type 
_pdbx_entity_instance_feature.details 
1 D9C ? ? D9C ? ? 'SUBJECT OF INVESTIGATION' ? 
2 FMT ? ? FMT ? ? 'SUBJECT OF INVESTIGATION' ? 
# 
loop_
_pdbx_entity_nonpoly.entity_id 
_pdbx_entity_nonpoly.name 
_pdbx_entity_nonpoly.comp_id 
2 '4-ethoxy-5,16-dimethoxy-11-methyl-2-oxa-11-azatetracyclo[8.6.1.03,8.013,17]heptadeca-1(17),3,5,7,9,13,15-heptaen-12-one' D9C 
3 'FORMIC ACID'                                                                                                             FMT 
4 water                                                                                                                     HOH 
# 
_pdbx_initial_refinement_model.id               1 
_pdbx_initial_refinement_model.entity_id_list   ? 
_pdbx_initial_refinement_model.type             'experimental model' 
_pdbx_initial_refinement_model.source_name      PDB 
_pdbx_initial_refinement_model.accession_code   2OSS 
_pdbx_initial_refinement_model.details          ? 
# 
_pdbx_struct_assembly_auth_evidence.id                     1 
_pdbx_struct_assembly_auth_evidence.assembly_id            1 
_pdbx_struct_assembly_auth_evidence.experimental_support   none 
_pdbx_struct_assembly_auth_evidence.details                ? 
# 
